data_8SY1
# 
_entry.id   8SY1 
# 
_audit_conform.dict_name       mmcif_pdbx.dic 
_audit_conform.dict_version    5.383 
_audit_conform.dict_location   http://mmcif.pdb.org/dictionaries/ascii/mmcif_pdbx.dic 
# 
loop_
_database_2.database_id 
_database_2.database_code 
_database_2.pdbx_database_accession 
_database_2.pdbx_DOI 
PDB   8SY1         pdb_00008sy1 10.2210/pdb8sy1/pdb 
WWPDB D_1000274764 ?            ?                   
# 
_pdbx_database_status.status_code                     REL 
_pdbx_database_status.status_code_sf                  REL 
_pdbx_database_status.status_code_mr                  ? 
_pdbx_database_status.entry_id                        8SY1 
_pdbx_database_status.recvd_initial_deposition_date   2023-05-24 
_pdbx_database_status.SG_entry                        N 
_pdbx_database_status.deposit_site                    RCSB 
_pdbx_database_status.process_site                    RCSB 
_pdbx_database_status.status_code_cs                  ? 
_pdbx_database_status.status_code_nmr_data            ? 
_pdbx_database_status.methods_development_category    ? 
_pdbx_database_status.pdb_format_compatible           Y 
# 
loop_
_audit_author.name 
_audit_author.pdbx_ordinal 
_audit_author.identifier_ORCID 
'Zhang, W.'  1 0000-0003-4811-4384 
'Dantsu, Y.' 2 0000-0001-6774-8724 
# 
_citation.abstract                  ? 
_citation.abstract_id_CAS           ? 
_citation.book_id_ISBN              ? 
_citation.book_publisher            ? 
_citation.book_publisher_city       ? 
_citation.book_title                ? 
_citation.coordinate_linkage        ? 
_citation.country                   UK 
_citation.database_id_Medline       ? 
_citation.details                   ? 
_citation.id                        primary 
_citation.journal_abbrev            'Rsc Chem Biol' 
_citation.journal_id_ASTM           ? 
_citation.journal_id_CSD            ? 
_citation.journal_id_ISSN           2633-0679 
_citation.journal_full              ? 
_citation.journal_issue             ? 
_citation.journal_volume            4 
_citation.language                  ? 
_citation.page_first                942 
_citation.page_last                 951 
_citation.title                     
'Insight into the structures of unusual base pairs in RNA complexes containing a primer/template/adenosine ligand.' 
_citation.year                      2023 
_citation.database_id_CSD           ? 
_citation.pdbx_database_id_DOI      10.1039/d3cb00137g 
_citation.pdbx_database_id_PubMed   37920395 
_citation.pdbx_database_id_patent   ? 
_citation.unpublished_flag          ? 
# 
loop_
_citation_author.citation_id 
_citation_author.name 
_citation_author.ordinal 
_citation_author.identifier_ORCID 
primary 'Dantsu, Y.' 1 0000-0001-6774-8724 
primary 'Zhang, Y.'  2 ?                   
primary 'Zhang, W.'  3 0000-0003-4811-4384 
# 
_cell.angle_alpha                  90.00 
_cell.angle_alpha_esd              ? 
_cell.angle_beta                   90.00 
_cell.angle_beta_esd               ? 
_cell.angle_gamma                  120.00 
_cell.angle_gamma_esd              ? 
_cell.entry_id                     8SY1 
_cell.details                      ? 
_cell.formula_units_Z              ? 
_cell.length_a                     43.656 
_cell.length_a_esd                 ? 
_cell.length_b                     43.656 
_cell.length_b_esd                 ? 
_cell.length_c                     81.126 
_cell.length_c_esd                 ? 
_cell.volume                       ? 
_cell.volume_esd                   ? 
_cell.Z_PDB                        12 
_cell.reciprocal_angle_alpha       ? 
_cell.reciprocal_angle_beta        ? 
_cell.reciprocal_angle_gamma       ? 
_cell.reciprocal_angle_alpha_esd   ? 
_cell.reciprocal_angle_beta_esd    ? 
_cell.reciprocal_angle_gamma_esd   ? 
_cell.reciprocal_length_a          ? 
_cell.reciprocal_length_b          ? 
_cell.reciprocal_length_c          ? 
_cell.reciprocal_length_a_esd      ? 
_cell.reciprocal_length_b_esd      ? 
_cell.reciprocal_length_c_esd      ? 
_cell.pdbx_unique_axis             ? 
_cell.pdbx_esd_method              ? 
# 
_symmetry.entry_id                         8SY1 
_symmetry.cell_setting                     ? 
_symmetry.Int_Tables_number                143 
_symmetry.space_group_name_Hall            ? 
_symmetry.space_group_name_H-M             'P 3' 
_symmetry.pdbx_full_space_group_name_H-M   ? 
# 
loop_
_entity.id 
_entity.type 
_entity.src_method 
_entity.pdbx_description 
_entity.formula_weight 
_entity.pdbx_number_of_molecules 
_entity.pdbx_ec 
_entity.pdbx_mutation 
_entity.pdbx_fragment 
_entity.details 
1 polymer     nat 
;RNA (5'-R(*(TLN)P*(LCC)P*(LCC)P*(LCG)P*AP*CP*UP*UP*AP*AP*GP*UP*CP*G*(GMA))-3')
;
4513.789 4  ? ? ? ? 
2 non-polymer syn 
;[(2~{R},3~{S},4~{R},5~{R})-5-(6-aminopurin-9-yl)-3,4-bis(oxidanyl)oxolan-2-yl]methoxy-[2-azanyl-3-[[(2~{R},3~{S},4~{R},5~{R})-5-(2-azanyl-6-oxidanylidene-1~{H}-purin-9-yl)-3,4-bis(oxidanyl)oxolan-2-yl]methoxy-oxidanyl-phosphoryl]imidazol-1-yl]phosphinic acid
;
758.511  4  ? ? ? ? 
3 water       nat water 18.015   56 ? ? ? ? 
# 
_entity_poly.entity_id                      1 
_entity_poly.type                           polyribonucleotide 
_entity_poly.nstd_linkage                   no 
_entity_poly.nstd_monomer                   yes 
_entity_poly.pdbx_seq_one_letter_code       '(TLN)(LCC)(LCC)(LCG)ACUUAAGUCG' 
_entity_poly.pdbx_seq_one_letter_code_can   UNNGACUUAAGUCG 
_entity_poly.pdbx_strand_id                 A,B,C,D 
_entity_poly.pdbx_target_identifier         ? 
# 
loop_
_entity_poly_seq.entity_id 
_entity_poly_seq.num 
_entity_poly_seq.mon_id 
_entity_poly_seq.hetero 
1 1  TLN n 
1 2  LCC n 
1 3  LCC n 
1 4  LCG n 
1 5  A   n 
1 6  C   n 
1 7  U   n 
1 8  U   n 
1 9  A   n 
1 10 A   n 
1 11 G   n 
1 12 U   n 
1 13 C   n 
1 14 G   n 
# 
_entity_src_nat.entity_id                  1 
_entity_src_nat.pdbx_src_id                1 
_entity_src_nat.pdbx_alt_source_flag       sample 
_entity_src_nat.pdbx_beg_seq_num           1 
_entity_src_nat.pdbx_end_seq_num           14 
_entity_src_nat.common_name                ? 
_entity_src_nat.pdbx_organism_scientific   'synthetic construct' 
_entity_src_nat.pdbx_ncbi_taxonomy_id      32630 
_entity_src_nat.genus                      ? 
_entity_src_nat.species                    ? 
_entity_src_nat.strain                     ? 
_entity_src_nat.tissue                     ? 
_entity_src_nat.tissue_fraction            ? 
_entity_src_nat.pdbx_secretion             ? 
_entity_src_nat.pdbx_fragment              ? 
_entity_src_nat.pdbx_variant               ? 
_entity_src_nat.pdbx_cell_line             ? 
_entity_src_nat.pdbx_atcc                  ? 
_entity_src_nat.pdbx_cellular_location     ? 
_entity_src_nat.pdbx_organ                 ? 
_entity_src_nat.pdbx_organelle             ? 
_entity_src_nat.pdbx_cell                  ? 
_entity_src_nat.pdbx_plasmid_name          ? 
_entity_src_nat.pdbx_plasmid_details       ? 
_entity_src_nat.details                    ? 
# 
_struct_ref.id                         1 
_struct_ref.db_name                    PDB 
_struct_ref.db_code                    8SY1 
_struct_ref.pdbx_db_accession          8SY1 
_struct_ref.pdbx_db_isoform            ? 
_struct_ref.entity_id                  1 
_struct_ref.pdbx_seq_one_letter_code   ? 
_struct_ref.pdbx_align_begin           1 
# 
loop_
_struct_ref_seq.align_id 
_struct_ref_seq.ref_id 
_struct_ref_seq.pdbx_PDB_id_code 
_struct_ref_seq.pdbx_strand_id 
_struct_ref_seq.seq_align_beg 
_struct_ref_seq.pdbx_seq_align_beg_ins_code 
_struct_ref_seq.seq_align_end 
_struct_ref_seq.pdbx_seq_align_end_ins_code 
_struct_ref_seq.pdbx_db_accession 
_struct_ref_seq.db_align_beg 
_struct_ref_seq.pdbx_db_align_beg_ins_code 
_struct_ref_seq.db_align_end 
_struct_ref_seq.pdbx_db_align_end_ins_code 
_struct_ref_seq.pdbx_auth_seq_align_beg 
_struct_ref_seq.pdbx_auth_seq_align_end 
1 1 8SY1 A 1 ? 14 ? 8SY1 1 ? 14 ? 1 14 
2 1 8SY1 B 1 ? 14 ? 8SY1 1 ? 14 ? 1 14 
3 1 8SY1 C 1 ? 14 ? 8SY1 1 ? 14 ? 1 14 
4 1 8SY1 D 1 ? 14 ? 8SY1 1 ? 14 ? 1 14 
# 
loop_
_chem_comp.id 
_chem_comp.type 
_chem_comp.mon_nstd_flag 
_chem_comp.name 
_chem_comp.pdbx_synonyms 
_chem_comp.formula 
_chem_comp.formula_weight 
A   'RNA linking' y "ADENOSINE-5'-MONOPHOSPHATE" ? 'C10 H14 N5 O7 P'    347.221 
C   'RNA linking' y "CYTIDINE-5'-MONOPHOSPHATE" ? 'C9 H14 N3 O8 P'     323.197 
G   'RNA linking' y "GUANOSINE-5'-MONOPHOSPHATE" ? 'C10 H14 N5 O8 P'    363.221 
HOH non-polymer   . WATER ? 'H2 O'               18.015  
LCC 'RNA linking' . 
'[(1R,3R,4R,7S)-7-HYDROXY-3-(5-METHYLCYTOSIN-1-YL)-2,5-DIOXABICYCLO[2.2.1]HEPT-1-YL]METHYL DIHYDROGEN PHOSPHATE' ? 
'C11 H16 N3 O8 P'    349.234 
LCG 'RNA linking' n '[(1R,3R,4R,7S)-7-HYDROXY-3-(GUANIN-9-YL)-2,5-DIOXABICYCLO[2.2.1]HEPT-1-YL]METHYL DIHYDROGEN PHOSPHATE' ? 
'C11 H14 N5 O8 P'    375.231 
TLN 'RNA linking' n '[(1R,3R,4R,7S)-7-HYDROXY-3-(THYMIN-1-YL)-2,5-DIOXABICYCLO[2.2.1]HEPT-1-YL]METHYL DIHYDROGEN PHOSPHATE' ? 
'C11 H15 N2 O9 P'    350.219 
U   'RNA linking' y "URIDINE-5'-MONOPHOSPHATE" ? 'C9 H13 N2 O9 P'     324.181 
WZW non-polymer   . 
;[(2~{R},3~{S},4~{R},5~{R})-5-(6-aminopurin-9-yl)-3,4-bis(oxidanyl)oxolan-2-yl]methoxy-[2-azanyl-3-[[(2~{R},3~{S},4~{R},5~{R})-5-(2-azanyl-6-oxidanylidene-1~{H}-purin-9-yl)-3,4-bis(oxidanyl)oxolan-2-yl]methoxy-oxidanyl-phosphoryl]imidazol-1-yl]phosphinic acid
;
? 'C23 H30 N13 O13 P2' 758.511 
# 
_exptl.absorpt_coefficient_mu     ? 
_exptl.absorpt_correction_T_max   ? 
_exptl.absorpt_correction_T_min   ? 
_exptl.absorpt_correction_type    ? 
_exptl.absorpt_process_details    ? 
_exptl.entry_id                   8SY1 
_exptl.crystals_number            1 
_exptl.details                    ? 
_exptl.method                     'X-RAY DIFFRACTION' 
_exptl.method_details             ? 
# 
_exptl_crystal.colour                       ? 
_exptl_crystal.density_diffrn               ? 
_exptl_crystal.density_Matthews             2.31 
_exptl_crystal.density_method               ? 
_exptl_crystal.density_percent_sol          46.7 
_exptl_crystal.description                  ? 
_exptl_crystal.F_000                        ? 
_exptl_crystal.id                           1 
_exptl_crystal.preparation                  ? 
_exptl_crystal.size_max                     ? 
_exptl_crystal.size_mid                     ? 
_exptl_crystal.size_min                     ? 
_exptl_crystal.size_rad                     ? 
_exptl_crystal.colour_lustre                ? 
_exptl_crystal.colour_modifier              ? 
_exptl_crystal.colour_primary               ? 
_exptl_crystal.density_meas                 ? 
_exptl_crystal.density_meas_esd             ? 
_exptl_crystal.density_meas_gt              ? 
_exptl_crystal.density_meas_lt              ? 
_exptl_crystal.density_meas_temp            ? 
_exptl_crystal.density_meas_temp_esd        ? 
_exptl_crystal.density_meas_temp_gt         ? 
_exptl_crystal.density_meas_temp_lt         ? 
_exptl_crystal.pdbx_crystal_image_url       ? 
_exptl_crystal.pdbx_crystal_image_format    ? 
_exptl_crystal.pdbx_mosaicity               ? 
_exptl_crystal.pdbx_mosaicity_esd           ? 
_exptl_crystal.pdbx_mosaic_method           ? 
_exptl_crystal.pdbx_mosaic_block_size       ? 
_exptl_crystal.pdbx_mosaic_block_size_esd   ? 
# 
_exptl_crystal_grow.apparatus       ? 
_exptl_crystal_grow.atmosphere      ? 
_exptl_crystal_grow.crystal_id      1 
_exptl_crystal_grow.details         ? 
_exptl_crystal_grow.method          'VAPOR DIFFUSION, SITTING DROP' 
_exptl_crystal_grow.method_ref      ? 
_exptl_crystal_grow.pH              5.6 
_exptl_crystal_grow.pressure        ? 
_exptl_crystal_grow.pressure_esd    ? 
_exptl_crystal_grow.seeding         ? 
_exptl_crystal_grow.seeding_ref     ? 
_exptl_crystal_grow.temp_details    ? 
_exptl_crystal_grow.temp_esd        ? 
_exptl_crystal_grow.time            ? 
_exptl_crystal_grow.pdbx_details    
'0.5 M ammonium sulfate, 0.1 M sodium citrate tribasic dihydrate, pH 5.6, 1.0 M lithium sulfate monohydrate' 
_exptl_crystal_grow.pdbx_pH_range   ? 
_exptl_crystal_grow.temp            291 
# 
_diffrn.ambient_environment              ? 
_diffrn.ambient_temp                     99 
_diffrn.ambient_temp_details             ? 
_diffrn.ambient_temp_esd                 ? 
_diffrn.crystal_id                       1 
_diffrn.crystal_support                  ? 
_diffrn.crystal_treatment                ? 
_diffrn.details                          ? 
_diffrn.id                               1 
_diffrn.ambient_pressure                 ? 
_diffrn.ambient_pressure_esd             ? 
_diffrn.ambient_pressure_gt              ? 
_diffrn.ambient_pressure_lt              ? 
_diffrn.ambient_temp_gt                  ? 
_diffrn.ambient_temp_lt                  ? 
_diffrn.pdbx_serial_crystal_experiment   N 
# 
_diffrn_detector.details                      ? 
_diffrn_detector.detector                     CCD 
_diffrn_detector.diffrn_id                    1 
_diffrn_detector.type                         'MAR CCD 130 mm' 
_diffrn_detector.area_resol_mean              ? 
_diffrn_detector.dtime                        ? 
_diffrn_detector.pdbx_frames_total            ? 
_diffrn_detector.pdbx_collection_time_total   ? 
_diffrn_detector.pdbx_collection_date         2022-10-15 
_diffrn_detector.pdbx_frequency               ? 
_diffrn_detector.id                           ? 
_diffrn_detector.number_of_axes               ? 
# 
_diffrn_radiation.collimation                      ? 
_diffrn_radiation.diffrn_id                        1 
_diffrn_radiation.filter_edge                      ? 
_diffrn_radiation.inhomogeneity                    ? 
_diffrn_radiation.monochromator                    ? 
_diffrn_radiation.polarisn_norm                    ? 
_diffrn_radiation.polarisn_ratio                   ? 
_diffrn_radiation.probe                            ? 
_diffrn_radiation.type                             ? 
_diffrn_radiation.xray_symbol                      ? 
_diffrn_radiation.wavelength_id                    1 
_diffrn_radiation.pdbx_monochromatic_or_laue_m_l   M 
_diffrn_radiation.pdbx_wavelength_list             ? 
_diffrn_radiation.pdbx_wavelength                  ? 
_diffrn_radiation.pdbx_diffrn_protocol             'SINGLE WAVELENGTH' 
_diffrn_radiation.pdbx_analyzer                    ? 
_diffrn_radiation.pdbx_scattering_type             x-ray 
# 
_diffrn_radiation_wavelength.id           1 
_diffrn_radiation_wavelength.wavelength   0.9785 
_diffrn_radiation_wavelength.wt           1.0 
# 
_diffrn_source.current                     ? 
_diffrn_source.details                     ? 
_diffrn_source.diffrn_id                   1 
_diffrn_source.power                       ? 
_diffrn_source.size                        ? 
_diffrn_source.source                      SYNCHROTRON 
_diffrn_source.target                      ? 
_diffrn_source.type                        'APS BEAMLINE 21-ID-F' 
_diffrn_source.voltage                     ? 
_diffrn_source.take-off_angle              ? 
_diffrn_source.pdbx_wavelength_list        0.9785 
_diffrn_source.pdbx_wavelength             ? 
_diffrn_source.pdbx_synchrotron_beamline   21-ID-F 
_diffrn_source.pdbx_synchrotron_site       APS 
# 
_reflns.B_iso_Wilson_estimate                          ? 
_reflns.entry_id                                       8SY1 
_reflns.data_reduction_details                         ? 
_reflns.data_reduction_method                          ? 
_reflns.d_resolution_high                              1.76 
_reflns.d_resolution_low                               50 
_reflns.details                                        ? 
_reflns.limit_h_max                                    ? 
_reflns.limit_h_min                                    ? 
_reflns.limit_k_max                                    ? 
_reflns.limit_k_min                                    ? 
_reflns.limit_l_max                                    ? 
_reflns.limit_l_min                                    ? 
_reflns.number_all                                     ? 
_reflns.number_obs                                     15744 
_reflns.observed_criterion                             ? 
_reflns.observed_criterion_F_max                       ? 
_reflns.observed_criterion_F_min                       ? 
_reflns.observed_criterion_I_max                       ? 
_reflns.observed_criterion_I_min                       ? 
_reflns.observed_criterion_sigma_F                     ? 
_reflns.observed_criterion_sigma_I                     ? 
_reflns.percent_possible_obs                           91.9 
_reflns.R_free_details                                 ? 
_reflns.Rmerge_F_all                                   ? 
_reflns.Rmerge_F_obs                                   ? 
_reflns.Friedel_coverage                               ? 
_reflns.number_gt                                      ? 
_reflns.threshold_expression                           ? 
_reflns.pdbx_redundancy                                5.5 
_reflns.pdbx_netI_over_av_sigmaI                       ? 
_reflns.pdbx_netI_over_sigmaI                          19.6 
_reflns.pdbx_res_netI_over_av_sigmaI_2                 ? 
_reflns.pdbx_res_netI_over_sigmaI_2                    ? 
_reflns.pdbx_chi_squared                               1.256 
_reflns.pdbx_scaling_rejects                           ? 
_reflns.pdbx_d_res_high_opt                            ? 
_reflns.pdbx_d_res_low_opt                             ? 
_reflns.pdbx_d_res_opt_method                          ? 
_reflns.phase_calculation_details                      ? 
_reflns.pdbx_Rrim_I_all                                0.104 
_reflns.pdbx_Rpim_I_all                                ? 
_reflns.pdbx_d_opt                                     ? 
_reflns.pdbx_number_measured_all                       ? 
_reflns.pdbx_diffrn_id                                 1 
_reflns.pdbx_ordinal                                   1 
_reflns.pdbx_CC_half                                   0.986 
_reflns.pdbx_CC_star                                   0.996 
_reflns.pdbx_R_split                                   ? 
_reflns.pdbx_Rmerge_I_obs                              0.099 
_reflns.pdbx_Rmerge_I_all                              ? 
_reflns.pdbx_Rsym_value                                ? 
_reflns.pdbx_CC_split_method                           ? 
_reflns.pdbx_aniso_diffraction_limit_axis_1_ortho[1]   ? 
_reflns.pdbx_aniso_diffraction_limit_axis_1_ortho[2]   ? 
_reflns.pdbx_aniso_diffraction_limit_axis_1_ortho[3]   ? 
_reflns.pdbx_aniso_diffraction_limit_axis_2_ortho[1]   ? 
_reflns.pdbx_aniso_diffraction_limit_axis_2_ortho[2]   ? 
_reflns.pdbx_aniso_diffraction_limit_axis_2_ortho[3]   ? 
_reflns.pdbx_aniso_diffraction_limit_axis_3_ortho[1]   ? 
_reflns.pdbx_aniso_diffraction_limit_axis_3_ortho[2]   ? 
_reflns.pdbx_aniso_diffraction_limit_axis_3_ortho[3]   ? 
_reflns.pdbx_aniso_diffraction_limit_1                 ? 
_reflns.pdbx_aniso_diffraction_limit_2                 ? 
_reflns.pdbx_aniso_diffraction_limit_3                 ? 
_reflns.pdbx_aniso_B_tensor_eigenvector_1_ortho[1]     ? 
_reflns.pdbx_aniso_B_tensor_eigenvector_1_ortho[2]     ? 
_reflns.pdbx_aniso_B_tensor_eigenvector_1_ortho[3]     ? 
_reflns.pdbx_aniso_B_tensor_eigenvector_2_ortho[1]     ? 
_reflns.pdbx_aniso_B_tensor_eigenvector_2_ortho[2]     ? 
_reflns.pdbx_aniso_B_tensor_eigenvector_2_ortho[3]     ? 
_reflns.pdbx_aniso_B_tensor_eigenvector_3_ortho[1]     ? 
_reflns.pdbx_aniso_B_tensor_eigenvector_3_ortho[2]     ? 
_reflns.pdbx_aniso_B_tensor_eigenvector_3_ortho[3]     ? 
_reflns.pdbx_aniso_B_tensor_eigenvalue_1               ? 
_reflns.pdbx_aniso_B_tensor_eigenvalue_2               ? 
_reflns.pdbx_aniso_B_tensor_eigenvalue_3               ? 
_reflns.pdbx_orthogonalization_convention              ? 
_reflns.pdbx_percent_possible_ellipsoidal              ? 
_reflns.pdbx_percent_possible_spherical                ? 
_reflns.pdbx_percent_possible_ellipsoidal_anomalous    ? 
_reflns.pdbx_percent_possible_spherical_anomalous      ? 
_reflns.pdbx_redundancy_anomalous                      ? 
_reflns.pdbx_CC_half_anomalous                         ? 
_reflns.pdbx_absDiff_over_sigma_anomalous              ? 
_reflns.pdbx_percent_possible_anomalous                ? 
_reflns.pdbx_observed_signal_threshold                 ? 
_reflns.pdbx_signal_type                               ? 
_reflns.pdbx_signal_details                            ? 
_reflns.pdbx_signal_software_id                        ? 
# 
_reflns_shell.d_res_high                                    1.76 
_reflns_shell.d_res_low                                     1.82 
_reflns_shell.meanI_over_sigI_all                           ? 
_reflns_shell.meanI_over_sigI_obs                           2.3 
_reflns_shell.number_measured_all                           ? 
_reflns_shell.number_measured_obs                           ? 
_reflns_shell.number_possible                               ? 
_reflns_shell.number_unique_all                             ? 
_reflns_shell.number_unique_obs                             1726 
_reflns_shell.percent_possible_obs                          ? 
_reflns_shell.Rmerge_F_all                                  ? 
_reflns_shell.Rmerge_F_obs                                  ? 
_reflns_shell.meanI_over_sigI_gt                            ? 
_reflns_shell.meanI_over_uI_all                             ? 
_reflns_shell.meanI_over_uI_gt                              ? 
_reflns_shell.number_measured_gt                            ? 
_reflns_shell.number_unique_gt                              ? 
_reflns_shell.percent_possible_gt                           ? 
_reflns_shell.Rmerge_F_gt                                   ? 
_reflns_shell.Rmerge_I_gt                                   ? 
_reflns_shell.pdbx_redundancy                               5.5 
_reflns_shell.pdbx_chi_squared                              0.644 
_reflns_shell.pdbx_netI_over_sigmaI_all                     ? 
_reflns_shell.pdbx_netI_over_sigmaI_obs                     ? 
_reflns_shell.pdbx_Rrim_I_all                               0.638 
_reflns_shell.pdbx_Rpim_I_all                               ? 
_reflns_shell.pdbx_rejects                                  ? 
_reflns_shell.pdbx_ordinal                                  1 
_reflns_shell.pdbx_diffrn_id                                1 
_reflns_shell.pdbx_CC_half                                  0.825 
_reflns_shell.pdbx_CC_star                                  0.951 
_reflns_shell.pdbx_R_split                                  ? 
_reflns_shell.percent_possible_all                          100 
_reflns_shell.Rmerge_I_all                                  ? 
_reflns_shell.Rmerge_I_obs                                  0.577 
_reflns_shell.pdbx_Rsym_value                               ? 
_reflns_shell.pdbx_percent_possible_ellipsoidal             ? 
_reflns_shell.pdbx_percent_possible_spherical               ? 
_reflns_shell.pdbx_percent_possible_ellipsoidal_anomalous   ? 
_reflns_shell.pdbx_percent_possible_spherical_anomalous     ? 
_reflns_shell.pdbx_redundancy_anomalous                     ? 
_reflns_shell.pdbx_CC_half_anomalous                        ? 
_reflns_shell.pdbx_absDiff_over_sigma_anomalous             ? 
_reflns_shell.pdbx_percent_possible_anomalous               ? 
# 
_refine.aniso_B[1][1]                            0.00 
_refine.aniso_B[1][2]                            0.00 
_refine.aniso_B[1][3]                            0.00 
_refine.aniso_B[2][2]                            0.00 
_refine.aniso_B[2][3]                            0.00 
_refine.aniso_B[3][3]                            -0.01 
_refine.B_iso_max                                ? 
_refine.B_iso_mean                               25.779 
_refine.B_iso_min                                ? 
_refine.correlation_coeff_Fo_to_Fc               0.951 
_refine.correlation_coeff_Fo_to_Fc_free          0.931 
_refine.details                                  'HYDROGENS HAVE BEEN ADDED IN THE RIDING POSITIONS' 
_refine.diff_density_max                         ? 
_refine.diff_density_max_esd                     ? 
_refine.diff_density_min                         ? 
_refine.diff_density_min_esd                     ? 
_refine.diff_density_rms                         ? 
_refine.diff_density_rms_esd                     ? 
_refine.entry_id                                 8SY1 
_refine.pdbx_refine_id                           'X-RAY DIFFRACTION' 
_refine.ls_abs_structure_details                 ? 
_refine.ls_abs_structure_Flack                   ? 
_refine.ls_abs_structure_Flack_esd               ? 
_refine.ls_abs_structure_Rogers                  ? 
_refine.ls_abs_structure_Rogers_esd              ? 
_refine.ls_d_res_high                            1.76 
_refine.ls_d_res_low                             34.29 
_refine.ls_extinction_coef                       ? 
_refine.ls_extinction_coef_esd                   ? 
_refine.ls_extinction_expression                 ? 
_refine.ls_extinction_method                     ? 
_refine.ls_goodness_of_fit_all                   ? 
_refine.ls_goodness_of_fit_all_esd               ? 
_refine.ls_goodness_of_fit_obs                   ? 
_refine.ls_goodness_of_fit_obs_esd               ? 
_refine.ls_hydrogen_treatment                    ? 
_refine.ls_matrix_type                           ? 
_refine.ls_number_constraints                    ? 
_refine.ls_number_parameters                     ? 
_refine.ls_number_reflns_all                     ? 
_refine.ls_number_reflns_obs                     14945 
_refine.ls_number_reflns_R_free                  795 
_refine.ls_number_reflns_R_work                  ? 
_refine.ls_number_restraints                     ? 
_refine.ls_percent_reflns_obs                    91.80 
_refine.ls_percent_reflns_R_free                 5.1 
_refine.ls_R_factor_all                          ? 
_refine.ls_R_factor_obs                          0.22543 
_refine.ls_R_factor_R_free                       0.25633 
_refine.ls_R_factor_R_free_error                 ? 
_refine.ls_R_factor_R_free_error_details         ? 
_refine.ls_R_factor_R_work                       0.22375 
_refine.ls_R_Fsqd_factor_obs                     ? 
_refine.ls_R_I_factor_obs                        ? 
_refine.ls_redundancy_reflns_all                 ? 
_refine.ls_redundancy_reflns_obs                 ? 
_refine.ls_restrained_S_all                      ? 
_refine.ls_restrained_S_obs                      ? 
_refine.ls_shift_over_esd_max                    ? 
_refine.ls_shift_over_esd_mean                   ? 
_refine.ls_structure_factor_coef                 ? 
_refine.ls_weighting_details                     ? 
_refine.ls_weighting_scheme                      ? 
_refine.ls_wR_factor_all                         ? 
_refine.ls_wR_factor_obs                         ? 
_refine.ls_wR_factor_R_free                      ? 
_refine.ls_wR_factor_R_work                      ? 
_refine.occupancy_max                            ? 
_refine.occupancy_min                            ? 
_refine.solvent_model_details                    MASK 
_refine.solvent_model_param_bsol                 ? 
_refine.solvent_model_param_ksol                 ? 
_refine.pdbx_R_complete                          ? 
_refine.ls_R_factor_gt                           ? 
_refine.ls_goodness_of_fit_gt                    ? 
_refine.ls_goodness_of_fit_ref                   ? 
_refine.ls_shift_over_su_max                     ? 
_refine.ls_shift_over_su_max_lt                  ? 
_refine.ls_shift_over_su_mean                    ? 
_refine.ls_shift_over_su_mean_lt                 ? 
_refine.pdbx_ls_sigma_I                          ? 
_refine.pdbx_ls_sigma_F                          ? 
_refine.pdbx_ls_sigma_Fsqd                       ? 
_refine.pdbx_data_cutoff_high_absF               ? 
_refine.pdbx_data_cutoff_high_rms_absF           ? 
_refine.pdbx_data_cutoff_low_absF                ? 
_refine.pdbx_isotropic_thermal_model             ? 
_refine.pdbx_ls_cross_valid_method               THROUGHOUT 
_refine.pdbx_method_to_determine_struct          'MOLECULAR REPLACEMENT' 
_refine.pdbx_starting_model                      'PDB entry 8SWG' 
_refine.pdbx_stereochemistry_target_values       'MAXIMUM LIKELIHOOD' 
_refine.pdbx_R_Free_selection_details            RANDOM 
_refine.pdbx_stereochem_target_val_spec_case     ? 
_refine.pdbx_overall_ESU_R                       0.160 
_refine.pdbx_overall_ESU_R_Free                  0.145 
_refine.pdbx_solvent_vdw_probe_radii             1.20 
_refine.pdbx_solvent_ion_probe_radii             0.80 
_refine.pdbx_solvent_shrinkage_radii             0.80 
_refine.pdbx_real_space_R                        ? 
_refine.pdbx_density_correlation                 ? 
_refine.pdbx_pd_number_of_powder_patterns        ? 
_refine.pdbx_pd_number_of_points                 ? 
_refine.pdbx_pd_meas_number_of_points            ? 
_refine.pdbx_pd_proc_ls_prof_R_factor            ? 
_refine.pdbx_pd_proc_ls_prof_wR_factor           ? 
_refine.pdbx_pd_Marquardt_correlation_coeff      ? 
_refine.pdbx_pd_Fsqrd_R_factor                   ? 
_refine.pdbx_pd_ls_matrix_band_width             ? 
_refine.pdbx_overall_phase_error                 ? 
_refine.pdbx_overall_SU_R_free_Cruickshank_DPI   ? 
_refine.pdbx_overall_SU_R_free_Blow_DPI          ? 
_refine.pdbx_overall_SU_R_Blow_DPI               ? 
_refine.pdbx_TLS_residual_ADP_flag               ? 
_refine.pdbx_diffrn_id                           1 
_refine.overall_SU_B                             3.092 
_refine.overall_SU_ML                            0.103 
_refine.overall_SU_R_Cruickshank_DPI             ? 
_refine.overall_SU_R_free                        ? 
_refine.overall_FOM_free_R_set                   ? 
_refine.overall_FOM_work_R_set                   ? 
_refine.pdbx_average_fsc_overall                 ? 
_refine.pdbx_average_fsc_work                    ? 
_refine.pdbx_average_fsc_free                    ? 
# 
_refine_hist.pdbx_refine_id                   'X-RAY DIFFRACTION' 
_refine_hist.cycle_id                         1 
_refine_hist.details                          ? 
_refine_hist.d_res_high                       1.76 
_refine_hist.d_res_low                        34.29 
_refine_hist.number_atoms_solvent             56 
_refine_hist.number_atoms_total               1400 
_refine_hist.number_reflns_all                ? 
_refine_hist.number_reflns_obs                ? 
_refine_hist.number_reflns_R_free             ? 
_refine_hist.number_reflns_R_work             ? 
_refine_hist.R_factor_all                     ? 
_refine_hist.R_factor_obs                     ? 
_refine_hist.R_factor_R_free                  ? 
_refine_hist.R_factor_R_work                  ? 
_refine_hist.pdbx_number_residues_total       ? 
_refine_hist.pdbx_B_iso_mean_ligand           ? 
_refine_hist.pdbx_B_iso_mean_solvent          ? 
_refine_hist.pdbx_number_atoms_protein        0 
_refine_hist.pdbx_number_atoms_nucleic_acid   1196 
_refine_hist.pdbx_number_atoms_ligand         148 
_refine_hist.pdbx_number_atoms_lipid          ? 
_refine_hist.pdbx_number_atoms_carb           ? 
_refine_hist.pdbx_pseudo_atom_details         ? 
# 
loop_
_refine_ls_restr.pdbx_refine_id 
_refine_ls_restr.criterion 
_refine_ls_restr.dev_ideal 
_refine_ls_restr.dev_ideal_target 
_refine_ls_restr.number 
_refine_ls_restr.rejects 
_refine_ls_restr.type 
_refine_ls_restr.weight 
_refine_ls_restr.pdbx_restraint_function 
'X-RAY DIFFRACTION' ? 0.022 0.017  1508 ? r_bond_refined_d             ? ? 
'X-RAY DIFFRACTION' ? 0.023 0.024  692  ? r_bond_other_d               ? ? 
'X-RAY DIFFRACTION' ? 2.837 1.986  2356 ? r_angle_refined_deg          ? ? 
'X-RAY DIFFRACTION' ? 3.826 3.097  1622 ? r_angle_other_deg            ? ? 
'X-RAY DIFFRACTION' ? ?     ?      ?    ? r_dihedral_angle_1_deg       ? ? 
'X-RAY DIFFRACTION' ? ?     ?      ?    ? r_dihedral_angle_2_deg       ? ? 
'X-RAY DIFFRACTION' ? ?     ?      ?    ? r_dihedral_angle_3_deg       ? ? 
'X-RAY DIFFRACTION' ? ?     ?      ?    ? r_dihedral_angle_4_deg       ? ? 
'X-RAY DIFFRACTION' ? 0.141 0.200  266  ? r_chiral_restr               ? ? 
'X-RAY DIFFRACTION' ? 0.017 0.021  754  ? r_gen_planes_refined         ? ? 
'X-RAY DIFFRACTION' ? 0.002 0.022  268  ? r_gen_planes_other           ? ? 
'X-RAY DIFFRACTION' ? ?     ?      ?    ? r_nbd_refined                ? ? 
'X-RAY DIFFRACTION' ? ?     ?      ?    ? r_nbd_other                  ? ? 
'X-RAY DIFFRACTION' ? ?     ?      ?    ? r_nbtor_refined              ? ? 
'X-RAY DIFFRACTION' ? ?     ?      ?    ? r_nbtor_other                ? ? 
'X-RAY DIFFRACTION' ? ?     ?      ?    ? r_xyhbond_nbd_refined        ? ? 
'X-RAY DIFFRACTION' ? ?     ?      ?    ? r_xyhbond_nbd_other          ? ? 
'X-RAY DIFFRACTION' ? ?     ?      ?    ? r_metal_ion_refined          ? ? 
'X-RAY DIFFRACTION' ? ?     ?      ?    ? r_metal_ion_other            ? ? 
'X-RAY DIFFRACTION' ? ?     ?      ?    ? r_symmetry_vdw_refined       ? ? 
'X-RAY DIFFRACTION' ? ?     ?      ?    ? r_symmetry_vdw_other         ? ? 
'X-RAY DIFFRACTION' ? ?     ?      ?    ? r_symmetry_hbond_refined     ? ? 
'X-RAY DIFFRACTION' ? ?     ?      ?    ? r_symmetry_hbond_other       ? ? 
'X-RAY DIFFRACTION' ? ?     ?      ?    ? r_symmetry_metal_ion_refined ? ? 
'X-RAY DIFFRACTION' ? ?     ?      ?    ? r_symmetry_metal_ion_other   ? ? 
'X-RAY DIFFRACTION' ? ?     ?      ?    ? r_mcbond_it                  ? ? 
'X-RAY DIFFRACTION' ? ?     ?      ?    ? r_mcbond_other               ? ? 
'X-RAY DIFFRACTION' ? ?     ?      ?    ? r_mcangle_it                 ? ? 
'X-RAY DIFFRACTION' ? ?     ?      ?    ? r_mcangle_other              ? ? 
'X-RAY DIFFRACTION' ? 2.585 2.737  1508 ? r_scbond_it                  ? ? 
'X-RAY DIFFRACTION' ? 2.563 2.736  1505 ? r_scbond_other               ? ? 
'X-RAY DIFFRACTION' ? ?     ?      ?    ? r_scangle_it                 ? ? 
'X-RAY DIFFRACTION' ? 3.322 4.102  2354 ? r_scangle_other              ? ? 
'X-RAY DIFFRACTION' ? 4.500 26.833 2091 ? r_long_range_B_refined       ? ? 
'X-RAY DIFFRACTION' ? 4.500 26.832 2091 ? r_long_range_B_other         ? ? 
'X-RAY DIFFRACTION' ? ?     ?      ?    ? r_rigid_bond_restr           ? ? 
'X-RAY DIFFRACTION' ? ?     ?      ?    ? r_sphericity_free            ? ? 
'X-RAY DIFFRACTION' ? ?     ?      ?    ? r_sphericity_bonded          ? ? 
# 
_refine_ls_shell.pdbx_refine_id                   'X-RAY DIFFRACTION' 
_refine_ls_shell.d_res_high                       1.761 
_refine_ls_shell.d_res_low                        1.807 
_refine_ls_shell.number_reflns_all                ? 
_refine_ls_shell.number_reflns_obs                ? 
_refine_ls_shell.number_reflns_R_free             99 
_refine_ls_shell.number_reflns_R_work             1187 
_refine_ls_shell.percent_reflns_obs               98.62 
_refine_ls_shell.percent_reflns_R_free            ? 
_refine_ls_shell.R_factor_all                     ? 
_refine_ls_shell.R_factor_obs                     ? 
_refine_ls_shell.R_factor_R_free_error            ? 
_refine_ls_shell.R_factor_R_work                  0.119 
_refine_ls_shell.redundancy_reflns_all            ? 
_refine_ls_shell.redundancy_reflns_obs            ? 
_refine_ls_shell.wR_factor_all                    ? 
_refine_ls_shell.wR_factor_obs                    ? 
_refine_ls_shell.wR_factor_R_free                 ? 
_refine_ls_shell.wR_factor_R_work                 ? 
_refine_ls_shell.pdbx_R_complete                  ? 
_refine_ls_shell.pdbx_total_number_of_bins_used   20 
_refine_ls_shell.pdbx_phase_error                 ? 
_refine_ls_shell.pdbx_fsc_work                    ? 
_refine_ls_shell.pdbx_fsc_free                    ? 
_refine_ls_shell.R_factor_R_free                  0.212 
# 
_struct.entry_id                     8SY1 
_struct.title                        'RNA duplex bound with imidazolium bridged GA dinucleotide' 
_struct.pdbx_model_details           ? 
_struct.pdbx_formula_weight          ? 
_struct.pdbx_formula_weight_method   ? 
_struct.pdbx_model_type_details      ? 
_struct.pdbx_CASP_flag               N 
# 
_struct_keywords.entry_id        8SY1 
_struct_keywords.text            'RNA, imidazolium bridged GA dinucleotide' 
_struct_keywords.pdbx_keywords   RNA 
# 
loop_
_struct_asym.id 
_struct_asym.pdbx_blank_PDB_chainid_flag 
_struct_asym.pdbx_modified 
_struct_asym.entity_id 
_struct_asym.details 
A N N 1 ? 
B N N 1 ? 
C N N 1 ? 
D N N 1 ? 
E N N 2 ? 
F N N 2 ? 
G N N 2 ? 
H N N 2 ? 
I N N 3 ? 
J N N 3 ? 
K N N 3 ? 
L N N 3 ? 
# 
loop_
_struct_conn.id 
_struct_conn.conn_type_id 
_struct_conn.pdbx_leaving_atom_flag 
_struct_conn.pdbx_PDB_id 
_struct_conn.ptnr1_label_asym_id 
_struct_conn.ptnr1_label_comp_id 
_struct_conn.ptnr1_label_seq_id 
_struct_conn.ptnr1_label_atom_id 
_struct_conn.pdbx_ptnr1_label_alt_id 
_struct_conn.pdbx_ptnr1_PDB_ins_code 
_struct_conn.pdbx_ptnr1_standard_comp_id 
_struct_conn.ptnr1_symmetry 
_struct_conn.ptnr2_label_asym_id 
_struct_conn.ptnr2_label_comp_id 
_struct_conn.ptnr2_label_seq_id 
_struct_conn.ptnr2_label_atom_id 
_struct_conn.pdbx_ptnr2_label_alt_id 
_struct_conn.pdbx_ptnr2_PDB_ins_code 
_struct_conn.ptnr1_auth_asym_id 
_struct_conn.ptnr1_auth_comp_id 
_struct_conn.ptnr1_auth_seq_id 
_struct_conn.ptnr2_auth_asym_id 
_struct_conn.ptnr2_auth_comp_id 
_struct_conn.ptnr2_auth_seq_id 
_struct_conn.ptnr2_symmetry 
_struct_conn.pdbx_ptnr3_label_atom_id 
_struct_conn.pdbx_ptnr3_label_seq_id 
_struct_conn.pdbx_ptnr3_label_comp_id 
_struct_conn.pdbx_ptnr3_label_asym_id 
_struct_conn.pdbx_ptnr3_label_alt_id 
_struct_conn.pdbx_ptnr3_PDB_ins_code 
_struct_conn.details 
_struct_conn.pdbx_dist_value 
_struct_conn.pdbx_value_order 
_struct_conn.pdbx_role 
covale1  covale both ? A TLN 1  "O3'" ? ? ? 1_555 A LCC 2  P  ? ? A TLN 1  A LCC 2  1_555 ? ? ? ? ? ? ?            1.669 ? ? 
covale2  covale both ? A LCC 2  "O3'" ? ? ? 1_555 A LCC 3  P  ? ? A LCC 2  A LCC 3  1_555 ? ? ? ? ? ? ?            1.617 ? ? 
covale3  covale both ? A LCC 3  "O3'" ? ? ? 1_555 A LCG 4  P  ? ? A LCC 3  A LCG 4  1_555 ? ? ? ? ? ? ?            1.632 ? ? 
covale4  covale both ? A LCG 4  "O3'" ? ? ? 1_555 A A   5  P  ? ? A LCG 4  A A   5  1_555 ? ? ? ? ? ? ?            1.571 ? ? 
covale5  covale both ? B TLN 1  "O3'" ? ? ? 1_555 B LCC 2  P  ? ? B TLN 1  B LCC 2  1_555 ? ? ? ? ? ? ?            1.607 ? ? 
covale6  covale both ? B LCC 2  "O3'" ? ? ? 1_555 B LCC 3  P  ? ? B LCC 2  B LCC 3  1_555 ? ? ? ? ? ? ?            1.617 ? ? 
covale7  covale both ? B LCC 3  "O3'" ? ? ? 1_555 B LCG 4  P  ? ? B LCC 3  B LCG 4  1_555 ? ? ? ? ? ? ?            1.564 ? ? 
covale8  covale both ? B LCG 4  "O3'" ? ? ? 1_555 B A   5  P  ? ? B LCG 4  B A   5  1_555 ? ? ? ? ? ? ?            1.619 ? ? 
covale9  covale both ? C TLN 1  "O3'" ? ? ? 1_555 C LCC 2  P  ? ? C TLN 1  C LCC 2  1_555 ? ? ? ? ? ? ?            1.594 ? ? 
covale10 covale both ? C LCC 2  "O3'" ? ? ? 1_555 C LCC 3  P  ? ? C LCC 2  C LCC 3  1_555 ? ? ? ? ? ? ?            1.637 ? ? 
covale11 covale both ? C LCC 3  "O3'" ? ? ? 1_555 C LCG 4  P  ? ? C LCC 3  C LCG 4  1_555 ? ? ? ? ? ? ?            1.614 ? ? 
covale12 covale both ? C LCG 4  "O3'" ? ? ? 1_555 C A   5  P  ? ? C LCG 4  C A   5  1_555 ? ? ? ? ? ? ?            1.591 ? ? 
covale13 covale both ? D TLN 1  "O3'" ? ? ? 1_555 D LCC 2  P  ? ? D TLN 1  D LCC 2  1_555 ? ? ? ? ? ? ?            1.577 ? ? 
covale14 covale both ? D LCC 2  "O3'" ? ? ? 1_555 D LCC 3  P  ? ? D LCC 2  D LCC 3  1_555 ? ? ? ? ? ? ?            1.588 ? ? 
covale15 covale both ? D LCC 3  "O3'" ? ? ? 1_555 D LCG 4  P  ? ? D LCC 3  D LCG 4  1_555 ? ? ? ? ? ? ?            1.606 ? ? 
covale16 covale both ? D LCG 4  "O3'" ? ? ? 1_555 D A   5  P  ? ? D LCG 4  D A   5  1_555 ? ? ? ? ? ? ?            1.595 ? ? 
hydrog1  hydrog ?    ? A LCG 4  N1    ? ? ? 1_555 B C   13 N3 ? ? A LCG 4  B C   13 1_555 ? ? ? ? ? ? WATSON-CRICK ?     ? ? 
hydrog2  hydrog ?    ? A LCG 4  N2    ? ? ? 1_555 B C   13 O2 ? ? A LCG 4  B C   13 1_555 ? ? ? ? ? ? WATSON-CRICK ?     ? ? 
hydrog3  hydrog ?    ? A LCG 4  O6    ? ? ? 1_555 B C   13 N4 ? ? A LCG 4  B C   13 1_555 ? ? ? ? ? ? WATSON-CRICK ?     ? ? 
hydrog4  hydrog ?    ? A A   5  N1    ? ? ? 1_555 B U   12 N3 ? ? A A   5  B U   12 1_555 ? ? ? ? ? ? WATSON-CRICK ?     ? ? 
hydrog5  hydrog ?    ? A A   5  N6    ? ? ? 1_555 B U   12 O4 ? ? A A   5  B U   12 1_555 ? ? ? ? ? ? WATSON-CRICK ?     ? ? 
hydrog6  hydrog ?    ? A C   6  N3    ? ? ? 1_555 B G   11 N1 ? ? A C   6  B G   11 1_555 ? ? ? ? ? ? WATSON-CRICK ?     ? ? 
hydrog7  hydrog ?    ? A C   6  N4    ? ? ? 1_555 B G   11 O6 ? ? A C   6  B G   11 1_555 ? ? ? ? ? ? WATSON-CRICK ?     ? ? 
hydrog8  hydrog ?    ? A C   6  O2    ? ? ? 1_555 B G   11 N2 ? ? A C   6  B G   11 1_555 ? ? ? ? ? ? WATSON-CRICK ?     ? ? 
hydrog9  hydrog ?    ? A U   7  N3    ? ? ? 1_555 B A   10 N1 ? ? A U   7  B A   10 1_555 ? ? ? ? ? ? WATSON-CRICK ?     ? ? 
hydrog10 hydrog ?    ? A U   7  O4    ? ? ? 1_555 B A   10 N6 ? ? A U   7  B A   10 1_555 ? ? ? ? ? ? WATSON-CRICK ?     ? ? 
hydrog11 hydrog ?    ? A U   8  N3    ? ? ? 1_555 B A   9  N1 ? ? A U   8  B A   9  1_555 ? ? ? ? ? ? WATSON-CRICK ?     ? ? 
hydrog12 hydrog ?    ? A U   8  O4    ? ? ? 1_555 B A   9  N6 ? ? A U   8  B A   9  1_555 ? ? ? ? ? ? WATSON-CRICK ?     ? ? 
hydrog13 hydrog ?    ? A A   9  N1    ? ? ? 1_555 B U   8  N3 ? ? A A   9  B U   8  1_555 ? ? ? ? ? ? WATSON-CRICK ?     ? ? 
hydrog14 hydrog ?    ? A A   9  N6    ? ? ? 1_555 B U   8  O4 ? ? A A   9  B U   8  1_555 ? ? ? ? ? ? WATSON-CRICK ?     ? ? 
hydrog15 hydrog ?    ? A A   10 N1    ? ? ? 1_555 B U   7  N3 ? ? A A   10 B U   7  1_555 ? ? ? ? ? ? WATSON-CRICK ?     ? ? 
hydrog16 hydrog ?    ? A A   10 N6    ? ? ? 1_555 B U   7  O4 ? ? A A   10 B U   7  1_555 ? ? ? ? ? ? WATSON-CRICK ?     ? ? 
hydrog17 hydrog ?    ? A G   11 N1    ? ? ? 1_555 B C   6  N3 ? ? A G   11 B C   6  1_555 ? ? ? ? ? ? WATSON-CRICK ?     ? ? 
hydrog18 hydrog ?    ? A G   11 N2    ? ? ? 1_555 B C   6  O2 ? ? A G   11 B C   6  1_555 ? ? ? ? ? ? WATSON-CRICK ?     ? ? 
hydrog19 hydrog ?    ? A G   11 O6    ? ? ? 1_555 B C   6  N4 ? ? A G   11 B C   6  1_555 ? ? ? ? ? ? WATSON-CRICK ?     ? ? 
hydrog20 hydrog ?    ? A U   12 N3    ? ? ? 1_555 B A   5  N1 ? ? A U   12 B A   5  1_555 ? ? ? ? ? ? WATSON-CRICK ?     ? ? 
hydrog21 hydrog ?    ? A U   12 O4    ? ? ? 1_555 B A   5  N6 ? ? A U   12 B A   5  1_555 ? ? ? ? ? ? WATSON-CRICK ?     ? ? 
hydrog22 hydrog ?    ? A C   13 N3    ? ? ? 1_555 B LCG 4  N1 ? ? A C   13 B LCG 4  1_555 ? ? ? ? ? ? WATSON-CRICK ?     ? ? 
hydrog23 hydrog ?    ? A C   13 N4    ? ? ? 1_555 B LCG 4  O6 ? ? A C   13 B LCG 4  1_555 ? ? ? ? ? ? WATSON-CRICK ?     ? ? 
hydrog24 hydrog ?    ? A C   13 O2    ? ? ? 1_555 B LCG 4  N2 ? ? A C   13 B LCG 4  1_555 ? ? ? ? ? ? WATSON-CRICK ?     ? ? 
hydrog25 hydrog ?    ? C LCG 4  N1    ? ? ? 1_555 D C   13 N3 ? ? C LCG 4  D C   13 1_555 ? ? ? ? ? ? WATSON-CRICK ?     ? ? 
hydrog26 hydrog ?    ? C LCG 4  N2    ? ? ? 1_555 D C   13 O2 ? ? C LCG 4  D C   13 1_555 ? ? ? ? ? ? WATSON-CRICK ?     ? ? 
hydrog27 hydrog ?    ? C LCG 4  O6    ? ? ? 1_555 D C   13 N4 ? ? C LCG 4  D C   13 1_555 ? ? ? ? ? ? WATSON-CRICK ?     ? ? 
hydrog28 hydrog ?    ? C A   5  N1    ? ? ? 1_555 D U   12 N3 ? ? C A   5  D U   12 1_555 ? ? ? ? ? ? WATSON-CRICK ?     ? ? 
hydrog29 hydrog ?    ? C A   5  N6    ? ? ? 1_555 D U   12 O4 ? ? C A   5  D U   12 1_555 ? ? ? ? ? ? WATSON-CRICK ?     ? ? 
hydrog30 hydrog ?    ? C C   6  N3    ? ? ? 1_555 D G   11 N1 ? ? C C   6  D G   11 1_555 ? ? ? ? ? ? WATSON-CRICK ?     ? ? 
hydrog31 hydrog ?    ? C C   6  N4    ? ? ? 1_555 D G   11 O6 ? ? C C   6  D G   11 1_555 ? ? ? ? ? ? WATSON-CRICK ?     ? ? 
hydrog32 hydrog ?    ? C C   6  O2    ? ? ? 1_555 D G   11 N2 ? ? C C   6  D G   11 1_555 ? ? ? ? ? ? WATSON-CRICK ?     ? ? 
hydrog33 hydrog ?    ? C U   7  N3    ? ? ? 1_555 D A   10 N1 ? ? C U   7  D A   10 1_555 ? ? ? ? ? ? WATSON-CRICK ?     ? ? 
hydrog34 hydrog ?    ? C U   7  O4    ? ? ? 1_555 D A   10 N6 ? ? C U   7  D A   10 1_555 ? ? ? ? ? ? WATSON-CRICK ?     ? ? 
hydrog35 hydrog ?    ? C U   8  N3    ? ? ? 1_555 D A   9  N1 ? ? C U   8  D A   9  1_555 ? ? ? ? ? ? WATSON-CRICK ?     ? ? 
hydrog36 hydrog ?    ? C U   8  O4    ? ? ? 1_555 D A   9  N6 ? ? C U   8  D A   9  1_555 ? ? ? ? ? ? WATSON-CRICK ?     ? ? 
hydrog37 hydrog ?    ? C A   9  N1    ? ? ? 1_555 D U   8  N3 ? ? C A   9  D U   8  1_555 ? ? ? ? ? ? WATSON-CRICK ?     ? ? 
hydrog38 hydrog ?    ? C A   9  N6    ? ? ? 1_555 D U   8  O4 ? ? C A   9  D U   8  1_555 ? ? ? ? ? ? WATSON-CRICK ?     ? ? 
hydrog39 hydrog ?    ? C A   10 N1    ? ? ? 1_555 D U   7  N3 ? ? C A   10 D U   7  1_555 ? ? ? ? ? ? WATSON-CRICK ?     ? ? 
hydrog40 hydrog ?    ? C A   10 N6    ? ? ? 1_555 D U   7  O4 ? ? C A   10 D U   7  1_555 ? ? ? ? ? ? WATSON-CRICK ?     ? ? 
hydrog41 hydrog ?    ? C G   11 N1    ? ? ? 1_555 D C   6  N3 ? ? C G   11 D C   6  1_555 ? ? ? ? ? ? WATSON-CRICK ?     ? ? 
hydrog42 hydrog ?    ? C G   11 N2    ? ? ? 1_555 D C   6  O2 ? ? C G   11 D C   6  1_555 ? ? ? ? ? ? WATSON-CRICK ?     ? ? 
hydrog43 hydrog ?    ? C G   11 O6    ? ? ? 1_555 D C   6  N4 ? ? C G   11 D C   6  1_555 ? ? ? ? ? ? WATSON-CRICK ?     ? ? 
hydrog44 hydrog ?    ? C U   12 N3    ? ? ? 1_555 D A   5  N1 ? ? C U   12 D A   5  1_555 ? ? ? ? ? ? WATSON-CRICK ?     ? ? 
hydrog45 hydrog ?    ? C U   12 O4    ? ? ? 1_555 D A   5  N6 ? ? C U   12 D A   5  1_555 ? ? ? ? ? ? WATSON-CRICK ?     ? ? 
hydrog46 hydrog ?    ? C C   13 N3    ? ? ? 1_555 D LCG 4  N1 ? ? C C   13 D LCG 4  1_555 ? ? ? ? ? ? WATSON-CRICK ?     ? ? 
hydrog47 hydrog ?    ? C C   13 N4    ? ? ? 1_555 D LCG 4  O6 ? ? C C   13 D LCG 4  1_555 ? ? ? ? ? ? WATSON-CRICK ?     ? ? 
hydrog48 hydrog ?    ? C C   13 O2    ? ? ? 1_555 D LCG 4  N2 ? ? C C   13 D LCG 4  1_555 ? ? ? ? ? ? WATSON-CRICK ?     ? ? 
# 
loop_
_struct_conn_type.id 
_struct_conn_type.criteria 
_struct_conn_type.reference 
covale ? ? 
hydrog ? ? 
# 
_atom_sites.entry_id                    8SY1 
_atom_sites.Cartn_transf_matrix[1][1]   ? 
_atom_sites.Cartn_transf_matrix[1][2]   ? 
_atom_sites.Cartn_transf_matrix[1][3]   ? 
_atom_sites.Cartn_transf_matrix[2][1]   ? 
_atom_sites.Cartn_transf_matrix[2][2]   ? 
_atom_sites.Cartn_transf_matrix[2][3]   ? 
_atom_sites.Cartn_transf_matrix[3][1]   ? 
_atom_sites.Cartn_transf_matrix[3][2]   ? 
_atom_sites.Cartn_transf_matrix[3][3]   ? 
_atom_sites.Cartn_transf_vector[1]      ? 
_atom_sites.Cartn_transf_vector[2]      ? 
_atom_sites.Cartn_transf_vector[3]      ? 
_atom_sites.fract_transf_matrix[1][1]   -0.01591296 
_atom_sites.fract_transf_matrix[1][2]   -0.00669389 
_atom_sites.fract_transf_matrix[1][3]   -0.02003884 
_atom_sites.fract_transf_matrix[2][1]   -0.02112794 
_atom_sites.fract_transf_matrix[2][2]   -0.01528435 
_atom_sites.fract_transf_matrix[2][3]   0.00442733 
_atom_sites.fract_transf_matrix[3][1]   -0.00683461 
_atom_sites.fract_transf_matrix[3][2]   0.01004757 
_atom_sites.fract_transf_matrix[3][3]   0.00207105 
_atom_sites.fract_transf_vector[1]      1.372867 
_atom_sites.fract_transf_vector[2]      0.334209 
_atom_sites.fract_transf_vector[3]      0.522369 
_atom_sites.solution_primary            ? 
_atom_sites.solution_secondary          ? 
_atom_sites.solution_hydrogens          ? 
_atom_sites.special_details             ? 
# 
loop_
_atom_type.symbol 
C 
N 
O 
P 
# 
loop_
_atom_site.group_PDB 
_atom_site.id 
_atom_site.type_symbol 
_atom_site.label_atom_id 
_atom_site.label_alt_id 
_atom_site.label_comp_id 
_atom_site.label_asym_id 
_atom_site.label_entity_id 
_atom_site.label_seq_id 
_atom_site.pdbx_PDB_ins_code 
_atom_site.Cartn_x 
_atom_site.Cartn_y 
_atom_site.Cartn_z 
_atom_site.occupancy 
_atom_site.B_iso_or_equiv 
_atom_site.pdbx_formal_charge 
_atom_site.auth_seq_id 
_atom_site.auth_comp_id 
_atom_site.auth_asym_id 
_atom_site.auth_atom_id 
_atom_site.pdbx_PDB_model_num 
HETATM 1    O "O5'" . TLN A 1 1  ? 17.940  -35.886 -1.084  1.00 27.33 ?  1   TLN A "O5'" 1 
HETATM 2    C "C5'" . TLN A 1 1  ? 17.703  -36.287 0.243   1.00 27.17 ?  1   TLN A "C5'" 1 
HETATM 3    C "C4'" . TLN A 1 1  ? 18.817  -35.635 0.948   1.00 27.92 ?  1   TLN A "C4'" 1 
HETATM 4    O "O4'" . TLN A 1 1  ? 19.978  -36.053 0.273   1.00 31.45 ?  1   TLN A "O4'" 1 
HETATM 5    C "C1'" . TLN A 1 1  ? 21.056  -35.128 0.683   1.00 28.32 ?  1   TLN A "C1'" 1 
HETATM 6    N N1    . TLN A 1 1  ? 21.751  -34.515 -0.464  1.00 27.00 ?  1   TLN A N1    1 
HETATM 7    C C6    . TLN A 1 1  ? 21.200  -34.687 -1.760  1.00 25.67 ?  1   TLN A C6    1 
HETATM 8    C C5    . TLN A 1 1  ? 21.836  -34.193 -2.898  1.00 25.66 ?  1   TLN A C5    1 
HETATM 9    C C5M   . TLN A 1 1  ? 21.332  -34.376 -4.193  1.00 25.22 ?  1   TLN A C5M   1 
HETATM 10   C C4    . TLN A 1 1  ? 22.986  -33.474 -2.741  1.00 23.36 ?  1   TLN A C4    1 
HETATM 11   O O4    . TLN A 1 1  ? 23.563  -32.998 -3.735  1.00 25.41 ?  1   TLN A O4    1 
HETATM 12   N N3    . TLN A 1 1  ? 23.534  -33.292 -1.408  1.00 25.75 ?  1   TLN A N3    1 
HETATM 13   C C2    . TLN A 1 1  ? 22.916  -33.835 -0.305  1.00 23.93 ?  1   TLN A C2    1 
HETATM 14   O O2    . TLN A 1 1  ? 23.417  -33.636 0.800   1.00 24.82 ?  1   TLN A O2    1 
HETATM 15   C "C3'" . TLN A 1 1  ? 18.901  -34.084 0.931   1.00 30.03 ?  1   TLN A "C3'" 1 
HETATM 16   C "C2'" . TLN A 1 1  ? 20.269  -34.198 1.543   1.00 30.61 ?  1   TLN A "C2'" 1 
HETATM 17   O "O2'" . TLN A 1 1  ? 19.925  -34.946 2.775   1.00 29.86 ?  1   TLN A "O2'" 1 
HETATM 18   O "O3'" . TLN A 1 1  ? 18.008  -33.433 1.918   1.00 33.34 ?  1   TLN A "O3'" 1 
HETATM 19   C "C6'" . TLN A 1 1  ? 18.907  -36.025 2.366   1.00 29.19 ?  1   TLN A "C6'" 1 
HETATM 20   O "O5'" . LCC A 1 2  ? 19.179  -31.278 2.565   1.00 27.32 ?  2   LCC A "O5'" 1 
HETATM 21   C "C5'" . LCC A 1 2  ? 19.874  -31.688 3.739   1.00 25.68 ?  2   LCC A "C5'" 1 
HETATM 22   C "C4'" . LCC A 1 2  ? 21.124  -30.869 3.532   1.00 25.57 ?  2   LCC A "C4'" 1 
HETATM 23   O "O4'" . LCC A 1 2  ? 21.770  -31.445 2.375   1.00 29.32 ?  2   LCC A "O4'" 1 
HETATM 24   C "C1'" . LCC A 1 2  ? 22.902  -30.613 2.144   1.00 27.69 ?  2   LCC A "C1'" 1 
HETATM 25   N N1    . LCC A 1 2  ? 22.943  -30.359 0.707   1.00 29.39 ?  2   LCC A N1    1 
HETATM 26   C C6    . LCC A 1 2  ? 21.839  -30.614 -0.135  1.00 29.10 ?  2   LCC A C6    1 
HETATM 27   C C5    . LCC A 1 2  ? 21.988  -30.327 -1.511  1.00 32.22 ?  2   LCC A C5    1 
HETATM 28   C C5M   . LCC A 1 2  ? 20.918  -30.546 -2.425  1.00 31.43 ?  2   LCC A C5M   1 
HETATM 29   C C4    . LCC A 1 2  ? 23.214  -29.829 -1.950  1.00 34.62 ?  2   LCC A C4    1 
HETATM 30   N N4    . LCC A 1 2  ? 23.336  -29.564 -3.246  1.00 34.89 ?  2   LCC A N4    1 
HETATM 31   N N3    . LCC A 1 2  ? 24.237  -29.609 -1.110  1.00 33.42 ?  2   LCC A N3    1 
HETATM 32   C C2    . LCC A 1 2  ? 24.084  -29.880 0.197   1.00 32.00 ?  2   LCC A C2    1 
HETATM 33   O O2    . LCC A 1 2  ? 25.015  -29.670 0.959   1.00 31.28 ?  2   LCC A O2    1 
HETATM 34   C "C3'" . LCC A 1 2  ? 21.080  -29.466 3.032   1.00 23.51 ?  2   LCC A "C3'" 1 
HETATM 35   C "C2'" . LCC A 1 2  ? 22.611  -29.374 2.951   1.00 26.37 ?  2   LCC A "C2'" 1 
HETATM 36   O "O2'" . LCC A 1 2  ? 22.925  -29.626 4.353   1.00 25.48 ?  2   LCC A "O2'" 1 
HETATM 37   O "O3'" . LCC A 1 2  ? 20.541  -28.408 3.932   1.00 24.12 ?  2   LCC A "O3'" 1 
HETATM 38   C "C6'" . LCC A 1 2  ? 22.011  -30.724 4.806   1.00 24.75 ?  2   LCC A "C6'" 1 
HETATM 39   P P     . LCC A 1 2  ? 17.836  -31.774 1.984   1.00 31.69 ?  2   LCC A P     1 
HETATM 40   O O1P   . LCC A 1 2  ? 17.887  -31.283 0.600   1.00 25.67 ?  2   LCC A O1P   1 
HETATM 41   O OXT   . LCC A 1 2  ? 16.770  -31.321 2.898   1.00 27.39 ?  2   LCC A OXT   1 
HETATM 42   O "O5'" . LCC A 1 3  ? 21.347  -26.095 3.139   1.00 20.90 ?  3   LCC A "O5'" 1 
HETATM 43   C "C5'" . LCC A 1 3  ? 22.205  -25.704 4.255   1.00 20.94 ?  3   LCC A "C5'" 1 
HETATM 44   C "C4'" . LCC A 1 3  ? 23.568  -25.255 3.615   1.00 21.77 ?  3   LCC A "C4'" 1 
HETATM 45   O "O4'" . LCC A 1 3  ? 24.130  -26.260 2.751   1.00 20.47 ?  3   LCC A "O4'" 1 
HETATM 46   C "C1'" . LCC A 1 3  ? 24.996  -25.477 1.931   1.00 23.04 ?  3   LCC A "C1'" 1 
HETATM 47   N N1    . LCC A 1 3  ? 24.663  -25.513 0.497   1.00 21.62 ?  3   LCC A N1    1 
HETATM 48   C C6    . LCC A 1 3  ? 23.476  -26.141 0.188   1.00 20.52 ?  3   LCC A C6    1 
HETATM 49   C C5    . LCC A 1 3  ? 23.042  -26.234 -1.084  1.00 20.80 ?  3   LCC A C5    1 
HETATM 50   C C5M   . LCC A 1 3  ? 21.848  -26.943 -1.282  1.00 20.17 ?  3   LCC A C5M   1 
HETATM 51   C C4    . LCC A 1 3  ? 23.852  -25.677 -2.083  1.00 21.34 ?  3   LCC A C4    1 
HETATM 52   N N4    . LCC A 1 3  ? 23.444  -25.783 -3.350  1.00 26.23 ?  3   LCC A N4    1 
HETATM 53   N N3    . LCC A 1 3  ? 25.011  -25.022 -1.754  1.00 20.86 ?  3   LCC A N3    1 
HETATM 54   C C2    . LCC A 1 3  ? 25.424  -24.940 -0.460  1.00 20.89 ?  3   LCC A C2    1 
HETATM 55   O O2    . LCC A 1 3  ? 26.476  -24.326 -0.183  1.00 23.07 ?  3   LCC A O2    1 
HETATM 56   C "C3'" . LCC A 1 3  ? 23.497  -24.040 2.790   1.00 20.62 ?  3   LCC A "C3'" 1 
HETATM 57   C "C2'" . LCC A 1 3  ? 24.906  -24.079 2.495   1.00 20.90 ?  3   LCC A "C2'" 1 
HETATM 58   O "O2'" . LCC A 1 3  ? 25.554  -24.145 3.664   1.00 21.62 ?  3   LCC A "O2'" 1 
HETATM 59   O "O3'" . LCC A 1 3  ? 23.177  -22.898 3.543   1.00 23.65 ?  3   LCC A "O3'" 1 
HETATM 60   C "C6'" . LCC A 1 3  ? 24.617  -24.814 4.567   1.00 20.57 ?  3   LCC A "C6'" 1 
HETATM 61   P P     . LCC A 1 3  ? 20.006  -27.046 3.245   1.00 20.98 ?  3   LCC A P     1 
HETATM 62   O O1P   . LCC A 1 3  ? 19.552  -27.475 1.894   1.00 20.33 ?  3   LCC A O1P   1 
HETATM 63   O OXT   . LCC A 1 3  ? 19.025  -26.497 4.201   1.00 23.22 ?  3   LCC A OXT   1 
HETATM 64   P P     . LCG A 1 4  ? 22.393  -21.629 2.881   1.00 26.21 ?  4   LCG A P     1 
HETATM 65   O OP1   . LCG A 1 4  ? 22.049  -20.715 4.021   1.00 25.41 ?  4   LCG A OP1   1 
HETATM 66   O "O5'" . LCG A 1 4  ? 23.452  -20.972 2.090   1.00 23.85 ?  4   LCG A "O5'" 1 
HETATM 67   C "C5'" . LCG A 1 4  ? 24.538  -20.256 2.723   1.00 24.01 ?  4   LCG A "C5'" 1 
HETATM 68   C "C3'" . LCG A 1 4  ? 24.748  -18.896 0.638   1.00 23.40 ?  4   LCG A "C3'" 1 
HETATM 69   C "C6'" . LCG A 1 4  ? 26.661  -19.077 2.001   1.00 23.83 ?  4   LCG A "C6'" 1 
HETATM 70   N N9    . LCG A 1 4  ? 25.339  -20.893 -1.455  1.00 24.98 ?  4   LCG A N9    1 
HETATM 71   C C8    . LCG A 1 4  ? 24.215  -21.598 -1.220  1.00 26.04 ?  4   LCG A C8    1 
HETATM 72   C C4    . LCG A 1 4  ? 25.606  -20.962 -2.767  1.00 25.41 ?  4   LCG A C4    1 
HETATM 73   N N7    . LCG A 1 4  ? 23.789  -22.104 -2.379  1.00 25.16 ?  4   LCG A N7    1 
HETATM 74   C C5    . LCG A 1 4  ? 24.636  -21.694 -3.320  1.00 24.91 ?  4   LCG A C5    1 
HETATM 75   C C6    . LCG A 1 4  ? 24.643  -21.922 -4.641  1.00 26.68 ?  4   LCG A C6    1 
HETATM 76   C "C2'" . LCG A 1 4  ? 25.997  -18.784 -0.217  1.00 25.32 ?  4   LCG A "C2'" 1 
HETATM 77   O O6    . LCG A 1 4  ? 23.755  -22.576 -5.192  1.00 28.85 ?  4   LCG A O6    1 
HETATM 78   C "C4'" . LCG A 1 4  ? 25.425  -19.806 1.597   1.00 24.02 ?  4   LCG A "C4'" 1 
HETATM 79   C "C1'" . LCG A 1 4  ? 26.214  -20.244 -0.479  1.00 26.45 ?  4   LCG A "C1'" 1 
HETATM 80   C C2    . LCG A 1 4  ? 26.637  -20.658 -4.818  1.00 27.94 ?  4   LCG A C2    1 
HETATM 81   N N1    . LCG A 1 4  ? 25.657  -21.407 -5.411  1.00 27.32 ?  4   LCG A N1    1 
HETATM 82   O "O4'" . LCG A 1 4  ? 25.808  -20.897 0.765   1.00 24.15 ?  4   LCG A "O4'" 1 
HETATM 83   O OP2   . LCG A 1 4  ? 21.253  -22.164 2.117   1.00 30.56 ?  4   LCG A OP2   1 
HETATM 84   N N2    . LCG A 1 4  ? 27.599  -20.174 -5.589  1.00 28.95 ?  4   LCG A N2    1 
HETATM 85   N N3    . LCG A 1 4  ? 26.618  -20.456 -3.498  1.00 25.83 ?  4   LCG A N3    1 
HETATM 86   O "O2'" . LCG A 1 4  ? 26.983  -18.364 0.654   1.00 25.78 ?  4   LCG A "O2'" 1 
HETATM 87   O "O3'" . LCG A 1 4  ? 24.351  -17.696 1.238   1.00 24.58 ?  4   LCG A "O3'" 1 
ATOM   88   P P     . A   A 1 5  ? 23.225  -16.826 0.573   1.00 26.13 ?  5   A   A P     1 
ATOM   89   O OP1   . A   A 1 5  ? 22.866  -15.768 1.571   1.00 19.19 ?  5   A   A OP1   1 
ATOM   90   O OP2   . A   A 1 5  ? 22.176  -17.747 0.029   1.00 21.77 ?  5   A   A OP2   1 
ATOM   91   O "O5'" . A   A 1 5  ? 23.964  -16.097 -0.625  1.00 24.28 ?  5   A   A "O5'" 1 
ATOM   92   C "C5'" . A   A 1 5  ? 25.197  -15.402 -0.434  1.00 23.54 ?  5   A   A "C5'" 1 
ATOM   93   C "C4'" . A   A 1 5  ? 25.762  -15.098 -1.787  1.00 23.13 ?  5   A   A "C4'" 1 
ATOM   94   O "O4'" . A   A 1 5  ? 26.126  -16.353 -2.437  1.00 24.35 ?  5   A   A "O4'" 1 
ATOM   95   C "C3'" . A   A 1 5  ? 24.774  -14.470 -2.756  1.00 23.10 ?  5   A   A "C3'" 1 
ATOM   96   O "O3'" . A   A 1 5  ? 24.547  -13.074 -2.564  1.00 25.64 ?  5   A   A "O3'" 1 
ATOM   97   C "C2'" . A   A 1 5  ? 25.423  -14.807 -4.079  1.00 24.50 ?  5   A   A "C2'" 1 
ATOM   98   O "O2'" . A   A 1 5  ? 26.418  -13.871 -4.317  1.00 23.20 ?  5   A   A "O2'" 1 
ATOM   99   C "C1'" . A   A 1 5  ? 25.853  -16.259 -3.832  1.00 23.48 ?  5   A   A "C1'" 1 
ATOM   100  N N9    . A   A 1 5  ? 24.783  -17.213 -4.151  1.00 23.29 ?  5   A   A N9    1 
ATOM   101  C C8    . A   A 1 5  ? 23.782  -17.678 -3.338  1.00 21.49 ?  5   A   A C8    1 
ATOM   102  N N7    . A   A 1 5  ? 22.955  -18.507 -3.936  1.00 20.30 ?  5   A   A N7    1 
ATOM   103  C C5    . A   A 1 5  ? 23.439  -18.577 -5.234  1.00 21.99 ?  5   A   A C5    1 
ATOM   104  C C6    . A   A 1 5  ? 23.004  -19.285 -6.369  1.00 24.07 ?  5   A   A C6    1 
ATOM   105  N N6    . A   A 1 5  ? 21.933  -20.075 -6.380  1.00 20.40 ?  5   A   A N6    1 
ATOM   106  N N1    . A   A 1 5  ? 23.678  -19.096 -7.523  1.00 21.41 ?  5   A   A N1    1 
ATOM   107  C C2    . A   A 1 5  ? 24.763  -18.315 -7.510  1.00 22.42 ?  5   A   A C2    1 
ATOM   108  N N3    . A   A 1 5  ? 25.282  -17.614 -6.509  1.00 21.46 ?  5   A   A N3    1 
ATOM   109  C C4    . A   A 1 5  ? 24.548  -17.768 -5.388  1.00 22.96 ?  5   A   A C4    1 
ATOM   110  P P     . C   A 1 6  ? 23.164  -12.410 -3.068  1.00 28.79 ?  6   C   A P     1 
ATOM   111  O OP1   . C   A 1 6  ? 23.187  -11.009 -2.667  1.00 22.22 ?  6   C   A OP1   1 
ATOM   112  O OP2   . C   A 1 6  ? 22.019  -13.305 -2.715  1.00 25.15 ?  6   C   A OP2   1 
ATOM   113  O "O5'" . C   A 1 6  ? 23.254  -12.440 -4.654  1.00 27.23 ?  6   C   A "O5'" 1 
ATOM   114  C "C5'" . C   A 1 6  ? 24.322  -11.739 -5.316  1.00 26.04 ?  6   C   A "C5'" 1 
ATOM   115  C "C4'" . C   A 1 6  ? 24.394  -12.160 -6.750  1.00 22.57 ?  6   C   A "C4'" 1 
ATOM   116  O "O4'" . C   A 1 6  ? 24.631  -13.580 -6.822  1.00 21.16 ?  6   C   A "O4'" 1 
ATOM   117  C "C3'" . C   A 1 6  ? 23.160  -11.924 -7.606  1.00 24.16 ?  6   C   A "C3'" 1 
ATOM   118  O "O3'" . C   A 1 6  ? 23.216  -10.621 -8.157  1.00 24.00 ?  6   C   A "O3'" 1 
ATOM   119  C "C2'" . C   A 1 6  ? 23.369  -12.945 -8.707  1.00 21.47 ?  6   C   A "C2'" 1 
ATOM   120  O "O2'" . C   A 1 6  ? 24.430  -12.564 -9.526  1.00 19.01 ?  6   C   A "O2'" 1 
ATOM   121  C "C1'" . C   A 1 6  ? 23.918  -14.122 -7.915  1.00 20.83 ?  6   C   A "C1'" 1 
ATOM   122  N N1    . C   A 1 6  ? 22.854  -14.969 -7.386  1.00 22.04 ?  6   C   A N1    1 
ATOM   123  C C2    . C   A 1 6  ? 22.295  -15.934 -8.222  1.00 24.63 ?  6   C   A C2    1 
ATOM   124  O O2    . C   A 1 6  ? 22.686  -16.006 -9.400  1.00 27.70 ?  6   C   A O2    1 
ATOM   125  N N3    . C   A 1 6  ? 21.347  -16.771 -7.729  1.00 23.16 ?  6   C   A N3    1 
ATOM   126  C C4    . C   A 1 6  ? 20.904  -16.611 -6.478  1.00 22.28 ?  6   C   A C4    1 
ATOM   127  N N4    . C   A 1 6  ? 19.942  -17.427 -6.046  1.00 23.70 ?  6   C   A N4    1 
ATOM   128  C C5    . C   A 1 6  ? 21.479  -15.655 -5.595  1.00 21.15 ?  6   C   A C5    1 
ATOM   129  C C6    . C   A 1 6  ? 22.434  -14.852 -6.087  1.00 23.02 ?  6   C   A C6    1 
ATOM   130  P P     . U   A 1 7  ? 21.890  -9.931  -8.699  1.00 23.01 ?  7   U   A P     1 
ATOM   131  O OP1   . U   A 1 7  ? 22.288  -8.583  -9.172  1.00 24.29 ?  7   U   A OP1   1 
ATOM   132  O OP2   . U   A 1 7  ? 20.844  -10.184 -7.691  1.00 21.70 ?  7   U   A OP2   1 
ATOM   133  O "O5'" . U   A 1 7  ? 21.506  -10.846 -9.945  1.00 25.13 ?  7   U   A "O5'" 1 
ATOM   134  C "C5'" . U   A 1 7  ? 22.116  -10.720 -11.226 1.00 22.39 ?  7   U   A "C5'" 1 
ATOM   135  C "C4'" . U   A 1 7  ? 21.330  -11.566 -12.200 1.00 23.01 ?  7   U   A "C4'" 1 
ATOM   136  O "O4'" . U   A 1 7  ? 21.411  -12.968 -11.826 1.00 24.01 ?  7   U   A "O4'" 1 
ATOM   137  C "C3'" . U   A 1 7  ? 19.836  -11.289 -12.329 1.00 24.80 ?  7   U   A "C3'" 1 
ATOM   138  O "O3'" . U   A 1 7  ? 19.577  -10.153 -13.172 1.00 21.73 ?  7   U   A "O3'" 1 
ATOM   139  C "C2'" . U   A 1 7  ? 19.362  -12.590 -12.973 1.00 22.16 ?  7   U   A "C2'" 1 
ATOM   140  O "O2'" . U   A 1 7  ? 19.661  -12.757 -14.346 1.00 24.84 ?  7   U   A "O2'" 1 
ATOM   141  C "C1'" . U   A 1 7  ? 20.209  -13.624 -12.211 1.00 22.61 ?  7   U   A "C1'" 1 
ATOM   142  N N1    . U   A 1 7  ? 19.524  -14.190 -11.030 1.00 23.15 ?  7   U   A N1    1 
ATOM   143  C C2    . U   A 1 7  ? 18.536  -15.118 -11.293 1.00 24.44 ?  7   U   A C2    1 
ATOM   144  O O2    . U   A 1 7  ? 18.226  -15.447 -12.424 1.00 27.45 ?  7   U   A O2    1 
ATOM   145  N N3    . U   A 1 7  ? 17.900  -15.619 -10.178 1.00 23.79 ?  7   U   A N3    1 
ATOM   146  C C4    . U   A 1 7  ? 18.189  -15.361 -8.864  1.00 19.32 ?  7   U   A C4    1 
ATOM   147  O O4    . U   A 1 7  ? 17.535  -15.918 -7.979  1.00 21.18 ?  7   U   A O4    1 
ATOM   148  C C5    . U   A 1 7  ? 19.235  -14.407 -8.664  1.00 20.80 ?  7   U   A C5    1 
ATOM   149  C C6    . U   A 1 7  ? 19.855  -13.868 -9.728  1.00 22.39 ?  7   U   A C6    1 
ATOM   150  P P     . U   A 1 8  ? 18.355  -9.147  -12.924 1.00 24.71 ?  8   U   A P     1 
ATOM   151  O OP1   . U   A 1 8  ? 18.593  -8.035  -13.817 1.00 23.04 ?  8   U   A OP1   1 
ATOM   152  O OP2   . U   A 1 8  ? 18.216  -8.966  -11.459 1.00 23.32 ?  8   U   A OP2   1 
ATOM   153  O "O5'" . U   A 1 8  ? 17.110  -9.932  -13.495 1.00 22.94 ?  8   U   A "O5'" 1 
ATOM   154  C "C5'" . U   A 1 8  ? 16.998  -10.187 -14.906 1.00 25.58 ?  8   U   A "C5'" 1 
ATOM   155  C "C4'" . U   A 1 8  ? 15.851  -11.120 -15.128 1.00 27.14 ?  8   U   A "C4'" 1 
ATOM   156  O "O4'" . U   A 1 8  ? 16.194  -12.408 -14.568 1.00 29.70 ?  8   U   A "O4'" 1 
ATOM   157  C "C3'" . U   A 1 8  ? 14.554  -10.799 -14.403 1.00 27.62 ?  8   U   A "C3'" 1 
ATOM   158  O "O3'" . U   A 1 8  ? 13.757  -9.825  -15.030 1.00 27.02 ?  8   U   A "O3'" 1 
ATOM   159  C "C2'" . U   A 1 8  ? 13.849  -12.138 -14.466 1.00 29.49 ?  8   U   A "C2'" 1 
ATOM   160  O "O2'" . U   A 1 8  ? 13.371  -12.423 -15.755 1.00 26.47 ?  8   U   A "O2'" 1 
ATOM   161  C "C1'" . U   A 1 8  ? 15.008  -13.083 -14.190 1.00 28.69 ?  8   U   A "C1'" 1 
ATOM   162  N N1    . U   A 1 8  ? 15.077  -13.421 -12.766 1.00 29.64 ?  8   U   A N1    1 
ATOM   163  C C2    . U   A 1 8  ? 14.264  -14.442 -12.322 1.00 29.57 ?  8   U   A C2    1 
ATOM   164  O O2    . U   A 1 8  ? 13.583  -15.119 -13.074 1.00 31.00 ?  8   U   A O2    1 
ATOM   165  N N3    . U   A 1 8  ? 14.328  -14.684 -10.971 1.00 30.88 ?  8   U   A N3    1 
ATOM   166  C C4    . U   A 1 8  ? 15.068  -13.988 -10.035 1.00 31.72 ?  8   U   A C4    1 
ATOM   167  O O4    . U   A 1 8  ? 15.044  -14.339 -8.854  1.00 29.52 ?  8   U   A O4    1 
ATOM   168  C C5    . U   A 1 8  ? 15.843  -12.918 -10.575 1.00 30.67 ?  8   U   A C5    1 
ATOM   169  C C6    . U   A 1 8  ? 15.805  -12.663 -11.884 1.00 28.69 ?  8   U   A C6    1 
ATOM   170  P P     . A   A 1 9  ? 12.895  -8.900  -14.114 1.00 30.59 ?  9   A   A P     1 
ATOM   171  O OP1   . A   A 1 9  ? 12.295  -7.773  -14.931 1.00 24.36 ?  9   A   A OP1   1 
ATOM   172  O OP2   . A   A 1 9  ? 13.676  -8.610  -12.874 1.00 26.32 ?  9   A   A OP2   1 
ATOM   173  O "O5'" . A   A 1 9  ? 11.649  -9.810  -13.731 1.00 26.78 ?  9   A   A "O5'" 1 
ATOM   174  C "C5'" . A   A 1 9  ? 10.649  -10.148 -14.696 1.00 27.24 ?  9   A   A "C5'" 1 
ATOM   175  C "C4'" . A   A 1 9  ? 9.778   -11.244 -14.145 1.00 26.61 ?  9   A   A "C4'" 1 
ATOM   176  O "O4'" . A   A 1 9  ? 10.609  -12.301 -13.601 1.00 26.28 ?  9   A   A "O4'" 1 
ATOM   177  C "C3'" . A   A 1 9  ? 8.840   -10.871 -13.001 1.00 26.09 ?  9   A   A "C3'" 1 
ATOM   178  O "O3'" . A   A 1 9  ? 7.611   -10.255 -13.371 1.00 24.76 ?  9   A   A "O3'" 1 
ATOM   179  C "C2'" . A   A 1 9  ? 8.552   -12.230 -12.407 1.00 23.95 ?  9   A   A "C2'" 1 
ATOM   180  O "O2'" . A   A 1 9  ? 7.639   -12.897 -13.269 1.00 22.59 ?  9   A   A "O2'" 1 
ATOM   181  C "C1'" . A   A 1 9  ? 9.932   -12.885 -12.493 1.00 24.69 ?  9   A   A "C1'" 1 
ATOM   182  N N9    . A   A 1 9  ? 10.739  -12.709 -11.287 1.00 26.93 ?  9   A   A N9    1 
ATOM   183  C C8    . A   A 1 9  ? 11.747  -11.830 -10.980 1.00 25.42 ?  9   A   A C8    1 
ATOM   184  N N7    . A   A 1 9  ? 12.254  -12.010 -9.779  1.00 25.03 ?  9   A   A N7    1 
ATOM   185  C C5    . A   A 1 9  ? 11.518  -13.062 -9.260  1.00 26.04 ?  9   A   A C5    1 
ATOM   186  C C6    . A   A 1 9  ? 11.579  -13.753 -8.032  1.00 24.86 ?  9   A   A C6    1 
ATOM   187  N N6    . A   A 1 9  ? 12.402  -13.425 -7.036  1.00 26.65 ?  9   A   A N6    1 
ATOM   188  N N1    . A   A 1 9  ? 10.726  -14.783 -7.848  1.00 23.86 ?  9   A   A N1    1 
ATOM   189  C C2    . A   A 1 9  ? 9.885   -15.099 -8.833  1.00 22.29 ?  9   A   A C2    1 
ATOM   190  N N3    . A   A 1 9  ? 9.751   -14.547 -10.042 1.00 25.28 ?  9   A   A N3    1 
ATOM   191  C C4    . A   A 1 9  ? 10.586  -13.507 -10.181 1.00 26.26 ?  9   A   A C4    1 
ATOM   192  P P     . A   A 1 10 ? 7.048   -9.048  -12.507 1.00 28.43 ?  10  A   A P     1 
ATOM   193  O OP1   . A   A 1 10 ? 6.112   -8.273  -13.359 1.00 24.52 ?  10  A   A OP1   1 
ATOM   194  O OP2   . A   A 1 10 ? 8.207   -8.395  -11.879 1.00 25.95 ?  10  A   A OP2   1 
ATOM   195  O "O5'" . A   A 1 10 ? 6.229   -9.801  -11.372 1.00 26.82 ?  10  A   A "O5'" 1 
ATOM   196  C "C5'" . A   A 1 10 ? 5.172   -10.686 -11.788 1.00 24.32 ?  10  A   A "C5'" 1 
ATOM   197  C "C4'" . A   A 1 10 ? 4.723   -11.564 -10.646 1.00 23.94 ?  10  A   A "C4'" 1 
ATOM   198  O "O4'" . A   A 1 10 ? 5.712   -12.583 -10.334 1.00 23.74 ?  10  A   A "O4'" 1 
ATOM   199  C "C3'" . A   A 1 10 ? 4.460   -10.884 -9.311  1.00 26.49 ?  10  A   A "C3'" 1 
ATOM   200  O "O3'" . A   A 1 10 ? 3.224   -10.205 -9.306  1.00 25.62 ?  10  A   A "O3'" 1 
ATOM   201  C "C2'" . A   A 1 10 ? 4.438   -12.107 -8.411  1.00 23.61 ?  10  A   A "C2'" 1 
ATOM   202  O "O2'" . A   A 1 10 ? 3.197   -12.747 -8.619  1.00 23.45 ?  10  A   A "O2'" 1 
ATOM   203  C "C1'" . A   A 1 10 ? 5.652   -12.874 -8.946  1.00 25.02 ?  10  A   A "C1'" 1 
ATOM   204  N N9    . A   A 1 10 ? 6.917   -12.452 -8.344  1.00 25.29 ?  10  A   A N9    1 
ATOM   205  C C8    . A   A 1 10 ? 7.892   -11.636 -8.862  1.00 25.89 ?  10  A   A C8    1 
ATOM   206  N N7    . A   A 1 10 ? 8.916   -11.468 -8.061  1.00 23.70 ?  10  A   A N7    1 
ATOM   207  C C5    . A   A 1 10 ? 8.561   -12.169 -6.918  1.00 24.16 ?  10  A   A C5    1 
ATOM   208  C C6    . A   A 1 10 ? 9.212   -12.372 -5.697  1.00 20.98 ?  10  A   A C6    1 
ATOM   209  N N6    . A   A 1 10 ? 10.399  -11.846 -5.387  1.00 22.40 ?  10  A   A N6    1 
ATOM   210  N N1    . A   A 1 10 ? 8.569   -13.100 -4.759  1.00 18.56 ?  10  A   A N1    1 
ATOM   211  C C2    . A   A 1 10 ? 7.391   -13.635 -5.059  1.00 20.15 ?  10  A   A C2    1 
ATOM   212  N N3    . A   A 1 10 ? 6.702   -13.560 -6.187  1.00 22.62 ?  10  A   A N3    1 
ATOM   213  C C4    . A   A 1 10 ? 7.342   -12.789 -7.083  1.00 23.61 ?  10  A   A C4    1 
ATOM   214  P P     . G   A 1 11 ? 2.966   -8.957  -8.314  1.00 29.89 ?  11  G   A P     1 
ATOM   215  O OP1   . G   A 1 11 ? 1.668   -8.228  -8.707  1.00 31.07 ?  11  G   A OP1   1 
ATOM   216  O OP2   . G   A 1 11 ? 4.173   -8.081  -8.257  1.00 27.57 ?  11  G   A OP2   1 
ATOM   217  O "O5'" . G   A 1 11 ? 2.858   -9.632  -6.854  1.00 29.48 ?  11  G   A "O5'" 1 
ATOM   218  C "C5'" . G   A 1 11 ? 1.794   -10.537 -6.526  1.00 33.38 ?  11  G   A "C5'" 1 
ATOM   219  C "C4'" . G   A 1 11 ? 2.098   -11.098 -5.160  1.00 29.37 ?  11  G   A "C4'" 1 
ATOM   220  O "O4'" . G   A 1 11 ? 3.359   -11.811 -5.201  1.00 28.76 ?  11  G   A "O4'" 1 
ATOM   221  C "C3'" . G   A 1 11 ? 2.361   -10.057 -4.065  1.00 31.32 ?  11  G   A "C3'" 1 
ATOM   222  O "O3'" . G   A 1 11 ? 1.170   -9.397  -3.675  1.00 29.32 ?  11  G   A "O3'" 1 
ATOM   223  C "C2'" . G   A 1 11 ? 3.016   -10.961 -3.026  1.00 28.70 ?  11  G   A "C2'" 1 
ATOM   224  O "O2'" . G   A 1 11 ? 2.138   -11.887 -2.424  1.00 30.81 ?  11  G   A "O2'" 1 
ATOM   225  C "C1'" . G   A 1 11 ? 3.993   -11.690 -3.943  1.00 31.01 ?  11  G   A "C1'" 1 
ATOM   226  N N9    . G   A 1 11 ? 5.259   -10.987 -4.102  1.00 27.68 ?  11  G   A N9    1 
ATOM   227  C C8    . G   A 1 11 ? 5.662   -10.160 -5.124  1.00 25.69 ?  11  G   A C8    1 
ATOM   228  N N7    . G   A 1 11 ? 6.873   -9.694  -4.956  1.00 22.47 ?  11  G   A N7    1 
ATOM   229  C C5    . G   A 1 11 ? 7.294   -10.268 -3.755  1.00 26.52 ?  11  G   A C5    1 
ATOM   230  C C6    . G   A 1 11 ? 8.519   -10.143 -3.046  1.00 23.72 ?  11  G   A C6    1 
ATOM   231  O O6    . G   A 1 11 ? 9.506   -9.467  -3.364  1.00 27.90 ?  11  G   A O6    1 
ATOM   232  N N1    . G   A 1 11 ? 8.493   -10.858 -1.845  1.00 20.75 ?  11  G   A N1    1 
ATOM   233  C C2    . G   A 1 11 ? 7.427   -11.611 -1.383  1.00 20.50 ?  11  G   A C2    1 
ATOM   234  N N2    . G   A 1 11 ? 7.534   -12.253 -0.222  1.00 20.84 ?  11  G   A N2    1 
ATOM   235  N N3    . G   A 1 11 ? 6.318   -11.800 -2.085  1.00 20.11 ?  11  G   A N3    1 
ATOM   236  C C4    . G   A 1 11 ? 6.303   -11.050 -3.217  1.00 24.22 ?  11  G   A C4    1 
ATOM   237  P P     . U   A 1 12 ? 1.228   -7.879  -3.074  1.00 30.49 ?  12  U   A P     1 
ATOM   238  O OP1   . U   A 1 12 ? -0.157  -7.360  -2.981  1.00 27.14 ?  12  U   A OP1   1 
ATOM   239  O OP2   . U   A 1 12 ? 2.268   -7.092  -3.790  1.00 32.54 ?  12  U   A OP2   1 
ATOM   240  O "O5'" . U   A 1 12 ? 1.785   -8.113  -1.590  1.00 30.67 ?  12  U   A "O5'" 1 
ATOM   241  C "C5'" . U   A 1 12 ? 1.195   -9.061  -0.672  1.00 33.36 ?  12  U   A "C5'" 1 
ATOM   242  C "C4'" . U   A 1 12 ? 2.097   -9.265  0.539   1.00 31.24 ?  12  U   A "C4'" 1 
ATOM   243  O "O4'" . U   A 1 12 ? 3.358   -9.863  0.132   1.00 28.30 ?  12  U   A "O4'" 1 
ATOM   244  C "C3'" . U   A 1 12 ? 2.526   -8.011  1.269   1.00 29.32 ?  12  U   A "C3'" 1 
ATOM   245  O "O3'" . U   A 1 12 ? 1.602   -7.600  2.256   1.00 32.70 ?  12  U   A "O3'" 1 
ATOM   246  C "C2'" . U   A 1 12 ? 3.761   -8.488  2.006   1.00 29.80 ?  12  U   A "C2'" 1 
ATOM   247  O "O2'" . U   A 1 12 ? 3.354   -9.171  3.169   1.00 22.89 ?  12  U   A "O2'" 1 
ATOM   248  C "C1'" . U   A 1 12 ? 4.405   -9.406  0.968   1.00 29.51 ?  12  U   A "C1'" 1 
ATOM   249  N N1    . U   A 1 12 ? 5.414   -8.744  0.123   1.00 28.68 ?  12  U   A N1    1 
ATOM   250  C C2    . U   A 1 12 ? 6.691   -8.633  0.632   1.00 30.75 ?  12  U   A C2    1 
ATOM   251  O O2    . U   A 1 12 ? 7.004   -9.071  1.728   1.00 33.43 ?  12  U   A O2    1 
ATOM   252  N N3    . U   A 1 12 ? 7.600   -8.047  -0.214  1.00 33.17 ?  12  U   A N3    1 
ATOM   253  C C4    . U   A 1 12 ? 7.358   -7.536  -1.476  1.00 31.20 ?  12  U   A C4    1 
ATOM   254  O O4    . U   A 1 12 ? 8.280   -7.031  -2.115  1.00 32.78 ?  12  U   A O4    1 
ATOM   255  C C5    . U   A 1 12 ? 6.003   -7.672  -1.922  1.00 29.85 ?  12  U   A C5    1 
ATOM   256  C C6    . U   A 1 12 ? 5.100   -8.246  -1.123  1.00 29.66 ?  12  U   A C6    1 
ATOM   257  P P     . C   A 1 13 ? 1.566   -6.070  2.696   1.00 29.19 ?  13  C   A P     1 
ATOM   258  O OP1   . C   A 1 13 ? 0.228   -5.806  3.306   1.00 35.34 ?  13  C   A OP1   1 
ATOM   259  O OP2   . C   A 1 13 ? 1.930   -5.269  1.491   1.00 31.82 ?  13  C   A OP2   1 
ATOM   260  O "O5'" . C   A 1 13 ? 2.797   -5.883  3.693   1.00 27.81 ?  13  C   A "O5'" 1 
ATOM   261  C "C5'" . C   A 1 13 ? 2.993   -6.659  4.880   1.00 25.78 ?  13  C   A "C5'" 1 
ATOM   262  C "C4'" . C   A 1 13 ? 4.416   -6.503  5.356   1.00 24.89 ?  13  C   A "C4'" 1 
ATOM   263  O "O4'" . C   A 1 13 ? 5.322   -7.068  4.397   1.00 23.79 ?  13  C   A "O4'" 1 
ATOM   264  C "C3'" . C   A 1 13 ? 4.951   -5.090  5.531   1.00 27.04 ?  13  C   A "C3'" 1 
ATOM   265  O "O3'" . C   A 1 13 ? 4.565   -4.552  6.766   1.00 28.23 ?  13  C   A "O3'" 1 
ATOM   266  C "C2'" . C   A 1 13 ? 6.447   -5.331  5.539   1.00 25.32 ?  13  C   A "C2'" 1 
ATOM   267  O "O2'" . C   A 1 13 ? 6.925   -6.001  6.688   1.00 23.25 ?  13  C   A "O2'" 1 
ATOM   268  C "C1'" . C   A 1 13 ? 6.555   -6.353  4.423   1.00 26.37 ?  13  C   A "C1'" 1 
ATOM   269  N N1    . C   A 1 13 ? 6.793   -5.731  3.115   1.00 24.50 ?  13  C   A N1    1 
ATOM   270  C C2    . C   A 1 13 ? 8.099   -5.332  2.828   1.00 24.88 ?  13  C   A C2    1 
ATOM   271  O O2    . C   A 1 13 ? 8.973   -5.521  3.678   1.00 24.32 ?  13  C   A O2    1 
ATOM   272  N N3    . C   A 1 13 ? 8.370   -4.759  1.633   1.00 26.18 ?  13  C   A N3    1 
ATOM   273  C C4    . C   A 1 13 ? 7.393   -4.606  0.736   1.00 27.46 ?  13  C   A C4    1 
ATOM   274  N N4    . C   A 1 13 ? 7.700   -4.053  -0.430  1.00 24.79 ?  13  C   A N4    1 
ATOM   275  C C5    . C   A 1 13 ? 6.045   -4.976  1.018   1.00 27.41 ?  13  C   A C5    1 
ATOM   276  C C6    . C   A 1 13 ? 5.789   -5.509  2.215   1.00 25.75 ?  13  C   A C6    1 
ATOM   277  P P     . G   A 1 14 ? 4.341   -2.997  6.890   1.00 31.31 ?  14  G   A P     1 
ATOM   278  O OP1   . G   A 1 14 ? 3.742   -2.676  8.229   1.00 33.23 ?  14  G   A OP1   1 
ATOM   279  O OP2   . G   A 1 14 ? 3.606   -2.498  5.679   1.00 36.72 ?  14  G   A OP2   1 
ATOM   280  O "O5'" . G   A 1 14 ? 5.833   -2.320  6.782   1.00 31.03 ?  14  G   A "O5'" 1 
ATOM   281  C "C5'" . G   A 1 14 ? 6.869   -2.684  7.734   1.00 27.98 ?  14  G   A "C5'" 1 
ATOM   282  C "C4'" . G   A 1 14 ? 8.192   -2.046  7.386   1.00 29.60 ?  14  G   A "C4'" 1 
ATOM   283  O "O4'" . G   A 1 14 ? 8.791   -2.684  6.223   1.00 30.79 ?  14  G   A "O4'" 1 
ATOM   284  C "C3'" . G   A 1 14 ? 8.166   -0.566  6.998   1.00 28.43 ?  14  G   A "C3'" 1 
ATOM   285  O "O3'" . G   A 1 14 ? 7.963   0.242   8.150   1.00 30.35 ?  14  G   A "O3'" 1 
ATOM   286  C "C2'" . G   A 1 14 ? 9.547   -0.439  6.348   1.00 29.58 ?  14  G   A "C2'" 1 
ATOM   287  O "O2'" . G   A 1 14 ? 10.637  -0.370  7.245   1.00 28.25 ?  14  G   A "O2'" 1 
ATOM   288  C "C1'" . G   A 1 14 ? 9.611   -1.750  5.560   1.00 29.89 ?  14  G   A "C1'" 1 
ATOM   289  N N9    . G   A 1 14 ? 9.194   -1.601  4.172   1.00 28.31 ?  14  G   A N9    1 
ATOM   290  C C8    . G   A 1 14 ? 7.932   -1.680  3.632   1.00 25.67 ?  14  G   A C8    1 
ATOM   291  N N7    . G   A 1 14 ? 7.921   -1.484  2.334   1.00 25.02 ?  14  G   A N7    1 
ATOM   292  C C5    . G   A 1 14 ? 9.240   -1.189  2.008   1.00 25.72 ?  14  G   A C5    1 
ATOM   293  C C6    . G   A 1 14 ? 9.841   -0.863  0.757   1.00 24.50 ?  14  G   A C6    1 
ATOM   294  O O6    . G   A 1 14 ? 9.351   -0.740  -0.374  1.00 21.77 ?  14  G   A O6    1 
ATOM   295  N N1    . G   A 1 14 ? 11.206  -0.688  0.896   1.00 23.76 ?  14  G   A N1    1 
ATOM   296  C C2    . G   A 1 14 ? 11.927  -0.808  2.051   1.00 22.66 ?  14  G   A C2    1 
ATOM   297  N N2    . G   A 1 14 ? 13.222  -0.523  1.940   1.00 25.43 ?  14  G   A N2    1 
ATOM   298  N N3    . G   A 1 14 ? 11.385  -1.072  3.235   1.00 25.06 ?  14  G   A N3    1 
ATOM   299  C C4    . G   A 1 14 ? 10.040  -1.278  3.130   1.00 26.73 ?  14  G   A C4    1 
HETATM 300  O "O5'" . TLN B 1 1  ? 10.628  4.924   -14.243 1.00 31.74 ?  1   TLN B "O5'" 1 
HETATM 301  C "C5'" . TLN B 1 1  ? 11.725  5.869   -14.212 1.00 27.69 ?  1   TLN B "C5'" 1 
HETATM 302  C "C4'" . TLN B 1 1  ? 11.808  6.213   -12.731 1.00 26.34 ?  1   TLN B "C4'" 1 
HETATM 303  O "O4'" . TLN B 1 1  ? 10.584  6.633   -12.148 1.00 24.90 ?  1   TLN B "O4'" 1 
HETATM 304  C "C1'" . TLN B 1 1  ? 11.006  6.736   -10.698 1.00 28.80 ?  1   TLN B "C1'" 1 
HETATM 305  N N1    . TLN B 1 1  ? 9.995   6.155   -9.799  1.00 30.25 ?  1   TLN B N1    1 
HETATM 306  C C6    . TLN B 1 1  ? 8.976   5.389   -10.381 1.00 30.59 ?  1   TLN B C6    1 
HETATM 307  C C5    . TLN B 1 1  ? 7.995   4.814   -9.571  1.00 30.00 ?  1   TLN B C5    1 
HETATM 308  C C5M   . TLN B 1 1  ? 6.974   4.086   -10.146 1.00 32.51 ?  1   TLN B C5M   1 
HETATM 309  C C4    . TLN B 1 1  ? 8.052   5.019   -8.187  1.00 31.08 ?  1   TLN B C4    1 
HETATM 310  O O4    . TLN B 1 1  ? 7.239   4.531   -7.396  1.00 33.83 ?  1   TLN B O4    1 
HETATM 311  N N3    . TLN B 1 1  ? 9.095   5.773   -7.660  1.00 29.82 ?  1   TLN B N3    1 
HETATM 312  C C2    . TLN B 1 1  ? 10.082  6.326   -8.454  1.00 28.95 ?  1   TLN B C2    1 
HETATM 313  O O2    . TLN B 1 1  ? 11.014  6.958   -7.913  1.00 27.05 ?  1   TLN B O2    1 
HETATM 314  C "C3'" . TLN B 1 1  ? 12.084  5.030   -11.870 1.00 26.52 ?  1   TLN B "C3'" 1 
HETATM 315  C "C2'" . TLN B 1 1  ? 12.291  5.966   -10.643 1.00 26.59 ?  1   TLN B "C2'" 1 
HETATM 316  O "O2'" . TLN B 1 1  ? 13.282  6.905   -11.012 1.00 26.56 ?  1   TLN B "O2'" 1 
HETATM 317  O "O3'" . TLN B 1 1  ? 13.220  4.266   -12.355 1.00 25.14 ?  1   TLN B "O3'" 1 
HETATM 318  C "C6'" . TLN B 1 1  ? 12.883  7.295   -12.387 1.00 26.25 ?  1   TLN B "C6'" 1 
HETATM 319  O "O5'" . LCC B 1 2  ? 14.240  3.384   -10.163 1.00 29.26 ?  2   LCC B "O5'" 1 
HETATM 320  C "C5'" . LCC B 1 2  ? 15.396  4.222   -9.933  1.00 28.82 ?  2   LCC B "C5'" 1 
HETATM 321  C "C4'" . LCC B 1 2  ? 15.498  4.428   -8.418  1.00 29.39 ?  2   LCC B "C4'" 1 
HETATM 322  O "O4'" . LCC B 1 2  ? 14.306  4.949   -8.029  1.00 27.67 ?  2   LCC B "O4'" 1 
HETATM 323  C "C1'" . LCC B 1 2  ? 14.294  4.770   -6.541  1.00 30.62 ?  2   LCC B "C1'" 1 
HETATM 324  N N1    . LCC B 1 2  ? 13.092  4.072   -6.133  1.00 28.40 ?  2   LCC B N1    1 
HETATM 325  C C6    . LCC B 1 2  ? 12.286  3.572   -7.162  1.00 31.16 ?  2   LCC B C6    1 
HETATM 326  C C5    . LCC B 1 2  ? 11.111  2.925   -6.895  1.00 30.50 ?  2   LCC B C5    1 
HETATM 327  C C5M   . LCC B 1 2  ? 10.384  2.460   -8.005  1.00 30.50 ?  2   LCC B C5M   1 
HETATM 328  C C4    . LCC B 1 2  ? 10.766  2.812   -5.534  1.00 30.24 ?  2   LCC B C4    1 
HETATM 329  N N4    . LCC B 1 2  ? 9.645   2.194   -5.195  1.00 35.28 ?  2   LCC B N4    1 
HETATM 330  N N3    . LCC B 1 2  ? 11.539  3.304   -4.565  1.00 31.66 ?  2   LCC B N3    1 
HETATM 331  C C2    . LCC B 1 2  ? 12.707  3.939   -4.828  1.00 31.08 ?  2   LCC B C2    1 
HETATM 332  O O2    . LCC B 1 2  ? 13.375  4.368   -3.871  1.00 29.69 ?  2   LCC B O2    1 
HETATM 333  C "C3'" . LCC B 1 2  ? 15.542  3.166   -7.510  1.00 29.86 ?  2   LCC B "C3'" 1 
HETATM 334  C "C2'" . LCC B 1 2  ? 15.538  4.002   -6.274  1.00 30.40 ?  2   LCC B "C2'" 1 
HETATM 335  O "O2'" . LCC B 1 2  ? 16.687  4.941   -6.450  1.00 29.63 ?  2   LCC B "O2'" 1 
HETATM 336  O "O3'" . LCC B 1 2  ? 16.785  2.451   -7.673  1.00 31.85 ?  2   LCC B "O3'" 1 
HETATM 337  C "C6'" . LCC B 1 2  ? 16.730  5.288   -7.975  1.00 29.15 ?  2   LCC B "C6'" 1 
HETATM 338  P P     . LCC B 1 2  ? 13.690  2.919   -11.615 1.00 26.72 ?  2   LCC B P     1 
HETATM 339  O O1P   . LCC B 1 2  ? 12.640  1.958   -11.302 1.00 26.04 ?  2   LCC B O1P   1 
HETATM 340  O OXT   . LCC B 1 2  ? 14.862  2.614   -12.491 1.00 27.09 ?  2   LCC B OXT   1 
HETATM 341  O "O5'" . LCC B 1 3  ? 17.165  0.773   -5.822  1.00 27.06 ?  3   LCC B "O5'" 1 
HETATM 342  C "C5'" . LCC B 1 3  ? 18.102  1.661   -5.157  1.00 27.18 ?  3   LCC B "C5'" 1 
HETATM 343  C "C4'" . LCC B 1 3  ? 17.786  1.536   -3.697  1.00 25.95 ?  3   LCC B "C4'" 1 
HETATM 344  O "O4'" . LCC B 1 3  ? 16.551  2.194   -3.370  1.00 25.70 ?  3   LCC B "O4'" 1 
HETATM 345  C "C1'" . LCC B 1 3  ? 16.168  1.508   -2.190  1.00 27.10 ?  3   LCC B "C1'" 1 
HETATM 346  N N1    . LCC B 1 3  ? 14.868  0.854   -2.435  1.00 27.93 ?  3   LCC B N1    1 
HETATM 347  C C6    . LCC B 1 3  ? 14.325  0.712   -3.745  1.00 29.18 ?  3   LCC B C6    1 
HETATM 348  C C5    . LCC B 1 3  ? 13.079  0.172   -3.937  1.00 29.54 ?  3   LCC B C5    1 
HETATM 349  C C5M   . LCC B 1 3  ? 12.594  0.036   -5.257  1.00 32.66 ?  3   LCC B C5M   1 
HETATM 350  C C4    . LCC B 1 3  ? 12.382  -0.203  -2.785  1.00 31.75 ?  3   LCC B C4    1 
HETATM 351  N N4    . LCC B 1 3  ? 11.188  -0.768  -2.932  1.00 31.64 ?  3   LCC B N4    1 
HETATM 352  N N3    . LCC B 1 3  ? 12.916  -0.025  -1.559  1.00 31.98 ?  3   LCC B N3    1 
HETATM 353  C C2    . LCC B 1 3  ? 14.151  0.466   -1.385  1.00 29.92 ?  3   LCC B C2    1 
HETATM 354  O O2    . LCC B 1 3  ? 14.662  0.570   -0.278  1.00 32.17 ?  3   LCC B O2    1 
HETATM 355  C "C3'" . LCC B 1 3  ? 17.593  0.158   -3.245  1.00 26.11 ?  3   LCC B "C3'" 1 
HETATM 356  C "C2'" . LCC B 1 3  ? 17.320  0.591   -1.886  1.00 29.08 ?  3   LCC B "C2'" 1 
HETATM 357  O "O2'" . LCC B 1 3  ? 18.488  1.458   -1.488  1.00 33.15 ?  3   LCC B "O2'" 1 
HETATM 358  O "O3'" . LCC B 1 3  ? 18.841  -0.502  -3.177  1.00 24.43 ?  3   LCC B "O3'" 1 
HETATM 359  C "C6'" . LCC B 1 3  ? 18.960  2.032   -2.756  1.00 30.94 ?  3   LCC B "C6'" 1 
HETATM 360  P P     . LCC B 1 3  ? 16.860  0.862   -7.380  1.00 29.85 ?  3   LCC B P     1 
HETATM 361  O O1P   . LCC B 1 3  ? 15.607  0.172   -7.540  1.00 30.67 ?  3   LCC B O1P   1 
HETATM 362  O OXT   . LCC B 1 3  ? 18.114  0.473   -8.109  1.00 27.69 ?  3   LCC B OXT   1 
HETATM 363  P P     . LCG B 1 4  ? 18.923  -2.060  -3.294  1.00 25.93 ?  4   LCG B P     1 
HETATM 364  O OP1   . LCG B 1 4  ? 20.279  -2.389  -3.577  1.00 17.96 ?  4   LCG B OP1   1 
HETATM 365  O "O5'" . LCG B 1 4  ? 18.490  -2.524  -1.832  1.00 22.68 ?  4   LCG B "O5'" 1 
HETATM 366  C "C5'" . LCG B 1 4  ? 19.200  -2.235  -0.609  1.00 25.66 ?  4   LCG B "C5'" 1 
HETATM 367  C "C3'" . LCG B 1 4  ? 17.734  -4.153  0.233   1.00 25.87 ?  4   LCG B "C3'" 1 
HETATM 368  C "C6'" . LCG B 1 4  ? 18.930  -2.882  1.801   1.00 26.74 ?  4   LCG B "C6'" 1 
HETATM 369  N N9    . LCG B 1 4  ? 14.820  -3.197  0.300   1.00 24.58 ?  4   LCG B N9    1 
HETATM 370  C C8    . LCG B 1 4  ? 14.677  -2.901  -1.039  1.00 24.24 ?  4   LCG B C8    1 
HETATM 371  C C4    . LCG B 1 4  ? 13.617  -3.501  0.711   1.00 24.05 ?  4   LCG B C4    1 
HETATM 372  N N7    . LCG B 1 4  ? 13.436  -3.116  -1.432  1.00 24.96 ?  4   LCG B N7    1 
HETATM 373  C C5    . LCG B 1 4  ? 12.770  -3.518  -0.323  1.00 25.31 ?  4   LCG B C5    1 
HETATM 374  C C6    . LCG B 1 4  ? 11.471  -3.791  -0.146  1.00 22.45 ?  4   LCG B C6    1 
HETATM 375  C "C2'" . LCG B 1 4  ? 16.917  -4.085  1.510   1.00 25.99 ?  4   LCG B "C2'" 1 
HETATM 376  O O6    . LCG B 1 4  ? 10.655  -3.786  -1.054  1.00 21.20 ?  4   LCG B O6    1 
HETATM 377  C "C4'" . LCG B 1 4  ? 18.229  -2.730  0.441   1.00 24.99 ?  4   LCG B "C4'" 1 
HETATM 378  C "C1'" . LCG B 1 4  ? 15.993  -2.991  1.246   1.00 23.39 ?  4   LCG B "C1'" 1 
HETATM 379  C C2    . LCG B 1 4  ? 11.924  -4.138  2.122   1.00 24.65 ?  4   LCG B C2    1 
HETATM 380  N N1    . LCG B 1 4  ? 11.041  -4.112  1.069   1.00 21.89 ?  4   LCG B N1    1 
HETATM 381  O "O4'" . LCG B 1 4  ? 16.922  -1.960  0.643   1.00 28.69 ?  4   LCG B "O4'" 1 
HETATM 382  O OP2   . LCG B 1 4  ? 17.904  -2.527  -4.260  1.00 20.53 ?  4   LCG B OP2   1 
HETATM 383  N N2    . LCG B 1 4  ? 11.483  -4.487  3.316   1.00 27.91 ?  4   LCG B N2    1 
HETATM 384  N N3    . LCG B 1 4  ? 13.217  -3.808  1.935   1.00 24.95 ?  4   LCG B N3    1 
HETATM 385  O "O2'" . LCG B 1 4  ? 17.869  -3.650  2.532   1.00 25.00 ?  4   LCG B "O2'" 1 
HETATM 386  O "O3'" . LCG B 1 4  ? 18.755  -5.033  0.444   1.00 23.48 ?  4   LCG B "O3'" 1 
ATOM   387  P P     . A   B 1 5  ? 18.736  -6.527  -0.179  1.00 22.49 ?  5   A   B P     1 
ATOM   388  O OP1   . A   B 1 5  ? 20.159  -6.954  -0.271  1.00 26.60 ?  5   A   B OP1   1 
ATOM   389  O OP2   . A   B 1 5  ? 17.820  -6.604  -1.318  1.00 19.21 ?  5   A   B OP2   1 
ATOM   390  O "O5'" . A   B 1 5  ? 17.971  -7.389  0.921   1.00 23.52 ?  5   A   B "O5'" 1 
ATOM   391  C "C5'" . A   B 1 5  ? 18.269  -7.286  2.327   1.00 26.39 ?  5   A   B "C5'" 1 
ATOM   392  C "C4'" . A   B 1 5  ? 17.142  -7.913  3.131   1.00 26.97 ?  5   A   B "C4'" 1 
ATOM   393  O "O4'" . A   B 1 5  ? 16.001  -7.007  3.130   1.00 25.73 ?  5   A   B "O4'" 1 
ATOM   394  C "C3'" . A   B 1 5  ? 16.547  -9.235  2.639   1.00 26.56 ?  5   A   B "C3'" 1 
ATOM   395  O "O3'" . A   B 1 5  ? 17.275  -10.354 3.098   1.00 25.99 ?  5   A   B "O3'" 1 
ATOM   396  C "C2'" . A   B 1 5  ? 15.167  -9.215  3.286   1.00 24.41 ?  5   A   B "C2'" 1 
ATOM   397  O "O2'" . A   B 1 5  ? 15.142  -9.573  4.666   1.00 24.49 ?  5   A   B "O2'" 1 
ATOM   398  C "C1'" . A   B 1 5  ? 14.791  -7.749  3.096   1.00 25.93 ?  5   A   B "C1'" 1 
ATOM   399  N N9    . A   B 1 5  ? 14.105  -7.483  1.832   1.00 24.18 ?  5   A   B N9    1 
ATOM   400  C C8    . A   B 1 5  ? 14.609  -7.078  0.615   1.00 27.33 ?  5   A   B C8    1 
ATOM   401  N N7    . A   B 1 5  ? 13.688  -6.908  -0.307  1.00 26.12 ?  5   A   B N7    1 
ATOM   402  C C5    . A   B 1 5  ? 12.508  -7.257  0.336   1.00 26.68 ?  5   A   B C5    1 
ATOM   403  C C6    . A   B 1 5  ? 11.170  -7.325  -0.101  1.00 27.90 ?  5   A   B C6    1 
ATOM   404  N N6    . A   B 1 5  ? 10.775  -7.023  -1.338  1.00 25.09 ?  5   A   B N6    1 
ATOM   405  N N1    . A   B 1 5  ? 10.238  -7.711  0.796   1.00 25.18 ?  5   A   B N1    1 
ATOM   406  C C2    . A   B 1 5  ? 10.629  -8.016  2.036   1.00 25.15 ?  5   A   B C2    1 
ATOM   407  N N3    . A   B 1 5  ? 11.848  -8.008  2.559   1.00 23.40 ?  5   A   B N3    1 
ATOM   408  C C4    . A   B 1 5  ? 12.750  -7.595  1.656   1.00 25.18 ?  5   A   B C4    1 
ATOM   409  P P     . C   B 1 6  ? 17.214  -11.707 2.292   1.00 27.56 ?  6   C   B P     1 
ATOM   410  O OP1   . C   B 1 6  ? 18.168  -12.611 2.967   1.00 20.34 ?  6   C   B OP1   1 
ATOM   411  O OP2   . C   B 1 6  ? 17.345  -11.366 0.850   1.00 29.77 ?  6   C   B OP2   1 
ATOM   412  O "O5'" . C   B 1 6  ? 15.739  -12.227 2.595   1.00 25.31 ?  6   C   B "O5'" 1 
ATOM   413  C "C5'" . C   B 1 6  ? 15.348  -12.579 3.955   1.00 27.19 ?  6   C   B "C5'" 1 
ATOM   414  C "C4'" . C   B 1 6  ? 13.879  -12.897 4.028   1.00 26.30 ?  6   C   B "C4'" 1 
ATOM   415  O "O4'" . C   B 1 6  ? 13.087  -11.719 3.692   1.00 25.59 ?  6   C   B "O4'" 1 
ATOM   416  C "C3'" . C   B 1 6  ? 13.404  -13.964 3.052   1.00 27.39 ?  6   C   B "C3'" 1 
ATOM   417  O "O3'" . C   B 1 6  ? 13.490  -15.259 3.589   1.00 29.34 ?  6   C   B "O3'" 1 
ATOM   418  C "C2'" . C   B 1 6  ? 11.931  -13.644 2.930   1.00 26.25 ?  6   C   B "C2'" 1 
ATOM   419  O "O2'" . C   B 1 6  ? 11.237  -14.102 4.079   1.00 24.64 ?  6   C   B "O2'" 1 
ATOM   420  C "C1'" . C   B 1 6  ? 11.993  -12.127 2.869   1.00 24.88 ?  6   C   B "C1'" 1 
ATOM   421  N N1    . C   B 1 6  ? 12.172  -11.605 1.496   1.00 25.46 ?  6   C   B N1    1 
ATOM   422  C C2    . C   B 1 6  ? 11.021  -11.425 0.728   1.00 22.98 ?  6   C   B C2    1 
ATOM   423  O O2    . C   B 1 6  ? 9.916   -11.746 1.219   1.00 19.56 ?  6   C   B O2    1 
ATOM   424  N N3    . C   B 1 6  ? 11.130  -10.890 -0.508  1.00 22.25 ?  6   C   B N3    1 
ATOM   425  C C4    . C   B 1 6  ? 12.326  -10.531 -0.978  1.00 24.04 ?  6   C   B C4    1 
ATOM   426  N N4    . C   B 1 6  ? 12.382  -10.017 -2.207  1.00 27.41 ?  6   C   B N4    1 
ATOM   427  C C5    . C   B 1 6  ? 13.521  -10.736 -0.229  1.00 24.48 ?  6   C   B C5    1 
ATOM   428  C C6    . C   B 1 6  ? 13.399  -11.278 0.988   1.00 25.87 ?  6   C   B C6    1 
ATOM   429  P P     . U   B 1 7  ? 13.704  -16.511 2.650   1.00 26.93 ?  7   U   B P     1 
ATOM   430  O OP1   . U   B 1 7  ? 14.216  -17.621 3.508   1.00 36.94 ?  7   U   B OP1   1 
ATOM   431  O OP2   . U   B 1 7  ? 14.509  -16.078 1.491   1.00 30.56 ?  7   U   B OP2   1 
ATOM   432  O "O5'" . U   B 1 7  ? 12.240  -16.854 2.142   1.00 28.79 ?  7   U   B "O5'" 1 
ATOM   433  C "C5'" . U   B 1 7  ? 11.195  -17.183 3.052   1.00 24.89 ?  7   U   B "C5'" 1 
ATOM   434  C "C4'" . U   B 1 7  ? 9.875   -17.146 2.330   1.00 26.60 ?  7   U   B "C4'" 1 
ATOM   435  O "O4'" . U   B 1 7  ? 9.628   -15.813 1.819   1.00 22.73 ?  7   U   B "O4'" 1 
ATOM   436  C "C3'" . U   B 1 7  ? 9.813   -18.008 1.082   1.00 25.57 ?  7   U   B "C3'" 1 
ATOM   437  O "O3'" . U   B 1 7  ? 9.719   -19.391 1.364   1.00 27.66 ?  7   U   B "O3'" 1 
ATOM   438  C "C2'" . U   B 1 7  ? 8.647   -17.379 0.341   1.00 23.87 ?  7   U   B "C2'" 1 
ATOM   439  O "O2'" . U   B 1 7  ? 7.374   -17.559 0.932   1.00 29.51 ?  7   U   B "O2'" 1 
ATOM   440  C "C1'" . U   B 1 7  ? 8.921   -15.901 0.594   1.00 23.12 ?  7   U   B "C1'" 1 
ATOM   441  N N1    . U   B 1 7  ? 9.668   -15.207 -0.469  1.00 24.37 ?  7   U   B N1    1 
ATOM   442  C C2    . U   B 1 7  ? 8.949   -14.838 -1.595  1.00 22.64 ?  7   U   B C2    1 
ATOM   443  O O2    . U   B 1 7  ? 7.774   -15.163 -1.761  1.00 21.67 ?  7   U   B O2    1 
ATOM   444  N N3    . U   B 1 7  ? 9.669   -14.134 -2.536  1.00 19.78 ?  7   U   B N3    1 
ATOM   445  C C4    . U   B 1 7  ? 10.986  -13.711 -2.432  1.00 20.63 ?  7   U   B C4    1 
ATOM   446  O O4    . U   B 1 7  ? 11.486  -13.041 -3.333  1.00 21.63 ?  7   U   B O4    1 
ATOM   447  C C5    . U   B 1 7  ? 11.661  -14.151 -1.249  1.00 20.45 ?  7   U   B C5    1 
ATOM   448  C C6    . U   B 1 7  ? 10.993  -14.852 -0.324  1.00 22.83 ?  7   U   B C6    1 
ATOM   449  P P     . U   B 1 8  ? 10.191  -20.419 0.252   1.00 32.72 ?  8   U   B P     1 
ATOM   450  O OP1   . U   B 1 8  ? 9.872   -21.787 0.747   1.00 24.22 ?  8   U   B OP1   1 
ATOM   451  O OP2   . U   B 1 8  ? 11.580  -20.046 -0.194  1.00 23.91 ?  8   U   B OP2   1 
ATOM   452  O "O5'" . U   B 1 8  ? 9.302   -20.050 -1.023  1.00 27.61 ?  8   U   B "O5'" 1 
ATOM   453  C "C5'" . U   B 1 8  ? 7.861   -20.143 -1.013  1.00 29.44 ?  8   U   B "C5'" 1 
ATOM   454  C "C4'" . U   B 1 8  ? 7.312   -19.784 -2.375  1.00 26.32 ?  8   U   B "C4'" 1 
ATOM   455  O "O4'" . U   B 1 8  ? 7.423   -18.352 -2.613  1.00 29.88 ?  8   U   B "O4'" 1 
ATOM   456  C "C3'" . U   B 1 8  ? 8.057   -20.371 -3.555  1.00 26.75 ?  8   U   B "C3'" 1 
ATOM   457  O "O3'" . U   B 1 8  ? 7.675   -21.705 -3.709  1.00 26.01 ?  8   U   B "O3'" 1 
ATOM   458  C "C2'" . U   B 1 8  ? 7.562   -19.468 -4.674  1.00 28.65 ?  8   U   B "C2'" 1 
ATOM   459  O "O2'" . U   B 1 8  ? 6.208   -19.702 -5.031  1.00 26.80 ?  8   U   B "O2'" 1 
ATOM   460  C "C1'" . U   B 1 8  ? 7.685   -18.113 -3.991  1.00 28.35 ?  8   U   B "C1'" 1 
ATOM   461  N N1    . U   B 1 8  ? 9.017   -17.500 -4.151  1.00 27.84 ?  8   U   B N1    1 
ATOM   462  C C2    . U   B 1 8  ? 9.230   -16.761 -5.302  1.00 26.32 ?  8   U   B C2    1 
ATOM   463  O O2    . U   B 1 8  ? 8.366   -16.592 -6.151  1.00 25.67 ?  8   U   B O2    1 
ATOM   464  N N3    . U   B 1 8  ? 10.478  -16.197 -5.402  1.00 26.40 ?  8   U   B N3    1 
ATOM   465  C C4    . U   B 1 8  ? 11.558  -16.405 -4.568  1.00 26.25 ?  8   U   B C4    1 
ATOM   466  O O4    . U   B 1 8  ? 12.629  -15.841 -4.812  1.00 25.55 ?  8   U   B O4    1 
ATOM   467  C C5    . U   B 1 8  ? 11.274  -17.217 -3.418  1.00 27.00 ?  8   U   B C5    1 
ATOM   468  C C6    . U   B 1 8  ? 10.042  -17.716 -3.246  1.00 25.25 ?  8   U   B C6    1 
ATOM   469  P P     . A   B 1 9  ? 8.652   -22.737 -4.443  1.00 27.54 ?  9   A   B P     1 
ATOM   470  O OP1   . A   B 1 9  ? 8.024   -24.090 -4.346  1.00 36.17 ?  9   A   B OP1   1 
ATOM   471  O OP2   . A   B 1 9  ? 10.008  -22.509 -3.990  1.00 32.64 ?  9   A   B OP2   1 
ATOM   472  O "O5'" . A   B 1 9  ? 8.658   -22.184 -5.937  1.00 27.73 ?  9   A   B "O5'" 1 
ATOM   473  C "C5'" . A   B 1 9  ? 7.685   -22.628 -6.890  1.00 27.50 ?  9   A   B "C5'" 1 
ATOM   474  C "C4'" . A   B 1 9  ? 7.980   -22.047 -8.251  1.00 25.10 ?  9   A   B "C4'" 1 
ATOM   475  O "O4'" . A   B 1 9  ? 8.044   -20.589 -8.213  1.00 28.21 ?  9   A   B "O4'" 1 
ATOM   476  C "C3'" . A   B 1 9  ? 9.309   -22.421 -8.903  1.00 27.38 ?  9   A   B "C3'" 1 
ATOM   477  O "O3'" . A   B 1 9  ? 9.342   -23.768 -9.318  1.00 29.79 ?  9   A   B "O3'" 1 
ATOM   478  C "C2'" . A   B 1 9  ? 9.394   -21.379 -10.013 1.00 26.58 ?  9   A   B "C2'" 1 
ATOM   479  O "O2'" . A   B 1 9  ? 8.465   -21.475 -11.071 1.00 24.68 ?  9   A   B "O2'" 1 
ATOM   480  C "C1'" . A   B 1 9  ? 8.954   -20.146 -9.238  1.00 26.65 ?  9   A   B "C1'" 1 
ATOM   481  N N9    . A   B 1 9  ? 10.105  -19.511 -8.617  1.00 27.23 ?  9   A   B N9    1 
ATOM   482  C C8    . A   B 1 9  ? 10.551  -19.638 -7.323  1.00 26.96 ?  9   A   B C8    1 
ATOM   483  N N7    . A   B 1 9  ? 11.576  -18.870 -7.041  1.00 25.76 ?  9   A   B N7    1 
ATOM   484  C C5    . A   B 1 9  ? 11.857  -18.234 -8.241  1.00 27.22 ?  9   A   B C5    1 
ATOM   485  C C6    . A   B 1 9  ? 12.831  -17.295 -8.604  1.00 31.47 ?  9   A   B C6    1 
ATOM   486  N N6    . A   B 1 9  ? 13.780  -16.857 -7.769  1.00 30.29 ?  9   A   B N6    1 
ATOM   487  N N1    . A   B 1 9  ? 12.807  -16.820 -9.873  1.00 34.16 ?  9   A   B N1    1 
ATOM   488  C C2    . A   B 1 9  ? 11.857  -17.261 -10.704 1.00 32.19 ?  9   A   B C2    1 
ATOM   489  N N3    . A   B 1 9  ? 10.879  -18.136 -10.473 1.00 28.59 ?  9   A   B N3    1 
ATOM   490  C C4    . A   B 1 9  ? 10.951  -18.610 -9.218  1.00 26.10 ?  9   A   B C4    1 
ATOM   491  P P     . A   B 1 10 ? 10.735  -24.494 -9.516  1.00 25.35 ?  10  A   B P     1 
ATOM   492  O OP1   . A   B 1 10 ? 10.483  -25.892 -9.983  1.00 30.44 ?  10  A   B OP1   1 
ATOM   493  O OP2   . A   B 1 10 ? 11.594  -24.260 -8.353  1.00 31.75 ?  10  A   B OP2   1 
ATOM   494  O "O5'" . A   B 1 10 ? 11.372  -23.711 -10.756 1.00 26.03 ?  10  A   B "O5'" 1 
ATOM   495  C "C5'" . A   B 1 10 ? 10.822  -23.774 -12.101 1.00 25.31 ?  10  A   B "C5'" 1 
ATOM   496  C "C4'" . A   B 1 10 ? 11.567  -22.851 -13.044 1.00 24.71 ?  10  A   B "C4'" 1 
ATOM   497  O "O4'" . A   B 1 10 ? 11.539  -21.495 -12.559 1.00 24.92 ?  10  A   B "O4'" 1 
ATOM   498  C "C3'" . A   B 1 10 ? 13.044  -23.171 -13.220 1.00 27.33 ?  10  A   B "C3'" 1 
ATOM   499  O "O3'" . A   B 1 10 ? 13.177  -24.209 -14.158 1.00 31.67 ?  10  A   B "O3'" 1 
ATOM   500  C "C2'" . A   B 1 10 ? 13.620  -21.830 -13.667 1.00 25.89 ?  10  A   B "C2'" 1 
ATOM   501  O "O2'" . A   B 1 10 ? 13.555  -21.591 -15.054 1.00 22.82 ?  10  A   B "O2'" 1 
ATOM   502  C "C1'" . A   B 1 10 ? 12.777  -20.850 -12.848 1.00 27.08 ?  10  A   B "C1'" 1 
ATOM   503  N N9    . A   B 1 10 ? 13.419  -20.503 -11.584 1.00 28.12 ?  10  A   B N9    1 
ATOM   504  C C8    . A   B 1 10 ? 13.301  -21.147 -10.377 1.00 26.94 ?  10  A   B C8    1 
ATOM   505  N N7    . A   B 1 10 ? 14.041  -20.631 -9.429  1.00 28.11 ?  10  A   B N7    1 
ATOM   506  C C5    . A   B 1 10 ? 14.713  -19.592 -10.060 1.00 29.05 ?  10  A   B C5    1 
ATOM   507  C C6    . A   B 1 10 ? 15.657  -18.658 -9.601  1.00 25.69 ?  10  A   B C6    1 
ATOM   508  N N6    . A   B 1 10 ? 16.110  -18.624 -8.346  1.00 23.11 ?  10  A   B N6    1 
ATOM   509  N N1    . A   B 1 10 ? 16.174  -17.791 -10.502 1.00 26.50 ?  10  A   B N1    1 
ATOM   510  C C2    . A   B 1 10 ? 15.726  -17.835 -11.760 1.00 23.95 ?  10  A   B C2    1 
ATOM   511  N N3    . A   B 1 10 ? 14.836  -18.661 -12.310 1.00 28.89 ?  10  A   B N3    1 
ATOM   512  C C4    . A   B 1 10 ? 14.362  -19.524 -11.396 1.00 26.70 ?  10  A   B C4    1 
ATOM   513  P P     . G   B 1 11 ? 14.553  -25.027 -14.184 1.00 36.68 ?  11  G   B P     1 
ATOM   514  O OP1   . G   B 1 11 ? 14.587  -25.855 -15.457 1.00 36.91 ?  11  G   B OP1   1 
ATOM   515  O OP2   . G   B 1 11 ? 14.703  -25.770 -12.869 1.00 40.15 ?  11  G   B OP2   1 
ATOM   516  O "O5'" . G   B 1 11 ? 15.693  -23.861 -14.210 1.00 34.07 ?  11  G   B "O5'" 1 
ATOM   517  C "C5'" . G   B 1 11 ? 16.559  -23.781 -15.343 1.00 29.86 ?  11  G   B "C5'" 1 
ATOM   518  C "C4'" . G   B 1 11 ? 17.351  -22.490 -15.335 1.00 28.36 ?  11  G   B "C4'" 1 
ATOM   519  O "O4'" . G   B 1 11 ? 16.798  -21.543 -14.387 1.00 24.51 ?  11  G   B "O4'" 1 
ATOM   520  C "C3'" . G   B 1 11 ? 18.809  -22.580 -14.883 1.00 26.33 ?  11  G   B "C3'" 1 
ATOM   521  O "O3'" . G   B 1 11 ? 19.588  -23.264 -15.856 1.00 26.71 ?  11  G   B "O3'" 1 
ATOM   522  C "C2'" . G   B 1 11 ? 19.093  -21.090 -14.649 1.00 23.35 ?  11  G   B "C2'" 1 
ATOM   523  O "O2'" . G   B 1 11 ? 19.281  -20.383 -15.853 1.00 26.96 ?  11  G   B "O2'" 1 
ATOM   524  C "C1'" . G   B 1 11 ? 17.797  -20.648 -13.967 1.00 27.31 ?  11  G   B "C1'" 1 
ATOM   525  N N9    . G   B 1 11 ? 17.874  -20.647 -12.505 1.00 27.43 ?  11  G   B N9    1 
ATOM   526  C C8    . G   B 1 11 ? 17.269  -21.485 -11.601 1.00 29.03 ?  11  G   B C8    1 
ATOM   527  N N7    . G   B 1 11 ? 17.583  -21.221 -10.355 1.00 28.20 ?  11  G   B N7    1 
ATOM   528  C C5    . G   B 1 11 ? 18.447  -20.131 -10.445 1.00 27.91 ?  11  G   B C5    1 
ATOM   529  C C6    . G   B 1 11 ? 19.073  -19.364 -9.428  1.00 26.32 ?  11  G   B C6    1 
ATOM   530  O O6    . G   B 1 11 ? 19.022  -19.506 -8.196  1.00 26.45 ?  11  G   B O6    1 
ATOM   531  N N1    . G   B 1 11 ? 19.877  -18.361 -9.971  1.00 29.30 ?  11  G   B N1    1 
ATOM   532  C C2    . G   B 1 11 ? 20.022  -18.089 -11.314 1.00 28.55 ?  11  G   B C2    1 
ATOM   533  N N2    . G   B 1 11 ? 20.833  -17.072 -11.640 1.00 28.32 ?  11  G   B N2    1 
ATOM   534  N N3    . G   B 1 11 ? 19.401  -18.772 -12.270 1.00 31.75 ?  11  G   B N3    1 
ATOM   535  C C4    . G   B 1 11 ? 18.645  -19.782 -11.763 1.00 29.56 ?  11  G   B C4    1 
ATOM   536  P P     . U   B 1 12 ? 20.855  -24.109 -15.386 1.00 23.87 ?  12  U   B P     1 
ATOM   537  O OP1   . U   B 1 12 ? 21.384  -24.890 -16.550 1.00 26.92 ?  12  U   B OP1   1 
ATOM   538  O OP2   . U   B 1 12 ? 20.557  -24.791 -14.081 1.00 23.79 ?  12  U   B OP2   1 
ATOM   539  O "O5'" . U   B 1 12 ? 21.946  -23.003 -15.030 1.00 21.83 ?  12  U   B "O5'" 1 
ATOM   540  C "C5'" . U   B 1 12 ? 22.628  -22.303 -16.068 1.00 21.99 ?  12  U   B "C5'" 1 
ATOM   541  C "C4'" . U   B 1 12 ? 23.453  -21.187 -15.489 1.00 23.83 ?  12  U   B "C4'" 1 
ATOM   542  O "O4'" . U   B 1 12 ? 22.670  -20.383 -14.559 1.00 24.56 ?  12  U   B "O4'" 1 
ATOM   543  C "C3'" . U   B 1 12 ? 24.639  -21.625 -14.663 1.00 24.70 ?  12  U   B "C3'" 1 
ATOM   544  O "O3'" . U   B 1 12 ? 25.717  -22.151 -15.447 1.00 24.10 ?  12  U   B "O3'" 1 
ATOM   545  C "C2'" . U   B 1 12 ? 24.929  -20.341 -13.884 1.00 23.58 ?  12  U   B "C2'" 1 
ATOM   546  O "O2'" . U   B 1 12 ? 25.513  -19.236 -14.525 1.00 22.91 ?  12  U   B "O2'" 1 
ATOM   547  C "C1'" . U   B 1 12 ? 23.508  -19.915 -13.509 1.00 22.40 ?  12  U   B "C1'" 1 
ATOM   548  N N1    . U   B 1 12 ? 23.010  -20.427 -12.217 1.00 21.49 ?  12  U   B N1    1 
ATOM   549  C C2    . U   B 1 12 ? 23.453  -19.803 -11.055 1.00 18.11 ?  12  U   B C2    1 
ATOM   550  O O2    . U   B 1 12 ? 24.204  -18.838 -11.062 1.00 17.30 ?  12  U   B O2    1 
ATOM   551  N N3    . U   B 1 12 ? 22.963  -20.338 -9.893  1.00 19.75 ?  12  U   B N3    1 
ATOM   552  C C4    . U   B 1 12 ? 22.048  -21.360 -9.759  1.00 18.01 ?  12  U   B C4    1 
ATOM   553  O O4    . U   B 1 12 ? 21.678  -21.703 -8.624  1.00 17.02 ?  12  U   B O4    1 
ATOM   554  C C5    . U   B 1 12 ? 21.629  -21.947 -11.001 1.00 20.17 ?  12  U   B C5    1 
ATOM   555  C C6    . U   B 1 12 ? 22.111  -21.468 -12.155 1.00 20.00 ?  12  U   B C6    1 
ATOM   556  P P     . C   B 1 13 ? 26.591  -23.319 -14.857 1.00 25.06 ?  13  C   B P     1 
ATOM   557  O OP1   . C   B 1 13 ? 27.368  -23.913 -15.981 1.00 24.91 ?  13  C   B OP1   1 
ATOM   558  O OP2   . C   B 1 13 ? 25.720  -24.229 -14.046 1.00 25.54 ?  13  C   B OP2   1 
ATOM   559  O "O5'" . C   B 1 13 ? 27.531  -22.583 -13.822 1.00 22.57 ?  13  C   B "O5'" 1 
ATOM   560  C "C5'" . C   B 1 13 ? 28.525  -21.676 -14.260 1.00 25.84 ?  13  C   B "C5'" 1 
ATOM   561  C "C4'" . C   B 1 13 ? 29.016  -20.871 -13.080 1.00 24.82 ?  13  C   B "C4'" 1 
ATOM   562  O "O4'" . C   B 1 13 ? 27.877  -20.237 -12.434 1.00 22.17 ?  13  C   B "O4'" 1 
ATOM   563  C "C3'" . C   B 1 13 ? 29.715  -21.624 -11.959 1.00 25.88 ?  13  C   B "C3'" 1 
ATOM   564  O "O3'" . C   B 1 13 ? 31.094  -21.806 -12.293 1.00 24.63 ?  13  C   B "O3'" 1 
ATOM   565  C "C2'" . C   B 1 13 ? 29.546  -20.647 -10.811 1.00 25.95 ?  13  C   B "C2'" 1 
ATOM   566  O "O2'" . C   B 1 13 ? 30.373  -19.503 -10.931 1.00 24.66 ?  13  C   B "O2'" 1 
ATOM   567  C "C1'" . C   B 1 13 ? 28.096  -20.197 -11.027 1.00 24.11 ?  13  C   B "C1'" 1 
ATOM   568  N N1    . C   B 1 13 ? 27.116  -21.069 -10.342 1.00 23.57 ?  13  C   B N1    1 
ATOM   569  C C2    . C   B 1 13 ? 26.903  -20.876 -8.982  1.00 25.05 ?  13  C   B C2    1 
ATOM   570  O O2    . C   B 1 13 ? 27.492  -19.951 -8.414  1.00 25.28 ?  13  C   B O2    1 
ATOM   571  N N3    . C   B 1 13 ? 26.022  -21.676 -8.324  1.00 20.87 ?  13  C   B N3    1 
ATOM   572  C C4    . C   B 1 13 ? 25.389  -22.650 -8.983  1.00 24.75 ?  13  C   B C4    1 
ATOM   573  N N4    . C   B 1 13 ? 24.533  -23.414 -8.298  1.00 24.28 ?  13  C   B N4    1 
ATOM   574  C C5    . C   B 1 13 ? 25.611  -22.885 -10.373 1.00 21.52 ?  13  C   B C5    1 
ATOM   575  C C6    . C   B 1 13 ? 26.468  -22.076 -11.006 1.00 22.66 ?  13  C   B C6    1 
ATOM   576  P P     . G   B 1 14 ? 31.891  -23.128 -11.901 1.00 30.20 ?  14  G   B P     1 
ATOM   577  O OP1   . G   B 1 14 ? 33.228  -23.077 -12.597 1.00 30.46 ?  14  G   B OP1   1 
ATOM   578  O OP2   . G   B 1 14 ? 31.058  -24.345 -12.240 1.00 31.14 ?  14  G   B OP2   1 
ATOM   579  O "O5'" . G   B 1 14 ? 31.950  -23.119 -10.269 1.00 33.11 ?  14  G   B "O5'" 1 
ATOM   580  C "C5'" . G   B 1 14 ? 32.591  -21.989 -9.628  1.00 29.81 ?  14  G   B "C5'" 1 
ATOM   581  C "C4'" . G   B 1 14 ? 32.385  -21.996 -8.133  1.00 27.30 ?  14  G   B "C4'" 1 
ATOM   582  O "O4'" . G   B 1 14 ? 31.056  -21.543 -7.765  1.00 27.63 ?  14  G   B "O4'" 1 
ATOM   583  C "C3'" . G   B 1 14 ? 32.517  -23.323 -7.392  1.00 26.55 ?  14  G   B "C3'" 1 
ATOM   584  O "O3'" . G   B 1 14 ? 33.870  -23.709 -7.216  1.00 27.84 ?  14  G   B "O3'" 1 
ATOM   585  C "C2'" . G   B 1 14 ? 31.943  -22.877 -6.047  1.00 26.89 ?  14  G   B "C2'" 1 
ATOM   586  O "O2'" . G   B 1 14 ? 32.914  -22.120 -5.352  1.00 27.56 ?  14  G   B "O2'" 1 
ATOM   587  C "C1'" . G   B 1 14 ? 30.723  -22.085 -6.505  1.00 28.02 ?  14  G   B "C1'" 1 
ATOM   588  N N9    . G   B 1 14 ? 29.493  -22.885 -6.606  1.00 28.27 ?  14  G   B N9    1 
ATOM   589  C C8    . G   B 1 14 ? 28.900  -23.406 -7.735  1.00 27.09 ?  14  G   B C8    1 
ATOM   590  N N7    . G   B 1 14 ? 27.814  -24.104 -7.496  1.00 27.31 ?  14  G   B N7    1 
ATOM   591  C C5    . G   B 1 14 ? 27.669  -24.057 -6.113  1.00 29.49 ?  14  G   B C5    1 
ATOM   592  C C6    . G   B 1 14 ? 26.667  -24.620 -5.269  1.00 27.31 ?  14  G   B C6    1 
ATOM   593  O O6    . G   B 1 14 ? 25.681  -25.318 -5.576  1.00 25.05 ?  14  G   B O6    1 
ATOM   594  N N1    . G   B 1 14 ? 26.930  -24.323 -3.931  1.00 28.57 ?  14  G   B N1    1 
ATOM   595  C C2    . G   B 1 14 ? 28.000  -23.591 -3.463  1.00 29.36 ?  14  G   B C2    1 
ATOM   596  N N2    . G   B 1 14 ? 28.090  -23.412 -2.134  1.00 26.73 ?  14  G   B N2    1 
ATOM   597  N N3    . G   B 1 14 ? 28.938  -23.062 -4.255  1.00 30.30 ?  14  G   B N3    1 
ATOM   598  C C4    . G   B 1 14 ? 28.706  -23.322 -5.559  1.00 30.27 ?  14  G   B C4    1 
HETATM 599  O "O5'" . TLN C 1 1  ? -14.133 35.598  11.116  1.00 39.00 ?  1   TLN C "O5'" 1 
HETATM 600  C "C5'" . TLN C 1 1  ? -13.314 35.426  12.281  1.00 34.65 ?  1   TLN C "C5'" 1 
HETATM 601  C "C4'" . TLN C 1 1  ? -14.410 34.861  13.082  1.00 30.96 ?  1   TLN C "C4'" 1 
HETATM 602  O "O4'" . TLN C 1 1  ? -15.529 35.703  12.851  1.00 31.35 ?  1   TLN C "O4'" 1 
HETATM 603  C "C1'" . TLN C 1 1  ? -16.672 34.879  13.122  1.00 31.89 ?  1   TLN C "C1'" 1 
HETATM 604  N N1    . TLN C 1 1  ? -17.289 34.719  11.786  1.00 30.46 ?  1   TLN C N1    1 
HETATM 605  C C6    . TLN C 1 1  ? -16.686 35.311  10.661  1.00 28.21 ?  1   TLN C C6    1 
HETATM 606  C C5    . TLN C 1 1  ? -17.252 35.133  9.396   1.00 30.01 ?  1   TLN C C5    1 
HETATM 607  C C5M   . TLN C 1 1  ? -16.670 35.742  8.307   1.00 30.02 ?  1   TLN C C5M   1 
HETATM 608  C C4    . TLN C 1 1  ? -18.402 34.360  9.264   1.00 32.86 ?  1   TLN C C4    1 
HETATM 609  O O4    . TLN C 1 1  ? -18.930 34.176  8.169   1.00 35.90 ?  1   TLN C O4    1 
HETATM 610  N N3    . TLN C 1 1  ? -18.963 33.756  10.407  1.00 33.97 ?  1   TLN C N3    1 
HETATM 611  C C2    . TLN C 1 1  ? -18.396 33.961  11.652  1.00 31.76 ?  1   TLN C C2    1 
HETATM 612  O O2    . TLN C 1 1  ? -18.894 33.445  12.660  1.00 36.23 ?  1   TLN C O2    1 
HETATM 613  C "C3'" . TLN C 1 1  ? -14.802 33.502  12.695  1.00 33.11 ?  1   TLN C "C3'" 1 
HETATM 614  C "C2'" . TLN C 1 1  ? -15.988 33.593  13.656  1.00 30.65 ?  1   TLN C "C2'" 1 
HETATM 615  O "O2'" . TLN C 1 1  ? -15.250 33.849  14.894  1.00 28.38 ?  1   TLN C "O2'" 1 
HETATM 616  O "O3'" . TLN C 1 1  ? -13.790 32.547  13.103  1.00 30.38 ?  1   TLN C "O3'" 1 
HETATM 617  C "C6'" . TLN C 1 1  ? -14.162 34.830  14.526  1.00 29.47 ?  1   TLN C "C6'" 1 
HETATM 618  O "O5'" . LCC C 1 2  ? -15.122 30.332  13.374  1.00 24.41 ?  2   LCC C "O5'" 1 
HETATM 619  C "C5'" . LCC C 1 2  ? -15.045 30.297  14.774  1.00 27.62 ?  2   LCC C "C5'" 1 
HETATM 620  C "C4'" . LCC C 1 2  ? -16.371 29.739  15.254  1.00 21.79 ?  2   LCC C "C4'" 1 
HETATM 621  O "O4'" . LCC C 1 2  ? -17.508 30.577  15.052  1.00 21.54 ?  2   LCC C "O4'" 1 
HETATM 622  C "C1'" . LCC C 1 2  ? -18.680 29.712  15.099  1.00 19.78 ?  2   LCC C "C1'" 1 
HETATM 623  N N1    . LCC C 1 2  ? -19.377 29.641  13.806  1.00 17.38 ?  2   LCC C N1    1 
HETATM 624  C C6    . LCC C 1 2  ? -18.818 30.196  12.673  1.00 16.62 ?  2   LCC C C6    1 
HETATM 625  C C5    . LCC C 1 2  ? -19.440 30.098  11.463  1.00 19.66 ?  2   LCC C C5    1 
HETATM 626  C C5M   . LCC C 1 2  ? -18.776 30.630  10.335  1.00 18.74 ?  2   LCC C C5M   1 
HETATM 627  C C4    . LCC C 1 2  ? -20.703 29.504  11.437  1.00 17.97 ?  2   LCC C C4    1 
HETATM 628  N N4    . LCC C 1 2  ? -21.402 29.453  10.251  1.00 18.88 ?  2   LCC C N4    1 
HETATM 629  N N3    . LCC C 1 2  ? -21.242 28.995  12.560  1.00 19.24 ?  2   LCC C N3    1 
HETATM 630  C C2    . LCC C 1 2  ? -20.602 29.099  13.752  1.00 17.49 ?  2   LCC C C2    1 
HETATM 631  O O2    . LCC C 1 2  ? -21.114 28.647  14.756  1.00 21.36 ?  2   LCC C O2    1 
HETATM 632  C "C3'" . LCC C 1 2  ? -16.789 28.410  14.622  1.00 24.45 ?  2   LCC C "C3'" 1 
HETATM 633  C "C2'" . LCC C 1 2  ? -18.095 28.374  15.411  1.00 20.03 ?  2   LCC C "C2'" 1 
HETATM 634  O "O2'" . LCC C 1 2  ? -17.467 28.384  16.691  1.00 19.84 ?  2   LCC C "O2'" 1 
HETATM 635  O "O3'" . LCC C 1 2  ? -15.857 27.286  14.980  1.00 26.47 ?  2   LCC C "O3'" 1 
HETATM 636  C "C6'" . LCC C 1 2  ? -16.296 29.410  16.747  1.00 21.74 ?  2   LCC C "C6'" 1 
HETATM 637  P P     . LCC C 1 2  ? -13.831 31.061  12.529  1.00 30.87 ?  2   LCC C P     1 
HETATM 638  O O1P   . LCC C 1 2  ? -14.132 31.035  11.128  1.00 27.04 ?  2   LCC C O1P   1 
HETATM 639  O OXT   . LCC C 1 2  ? -12.523 30.704  13.022  1.00 28.40 ?  2   LCC C OXT   1 
HETATM 640  O "O5'" . LCC C 1 3  ? -17.017 25.132  14.464  1.00 27.62 ?  3   LCC C "O5'" 1 
HETATM 641  C "C5'" . LCC C 1 3  ? -17.358 24.914  15.893  1.00 29.92 ?  3   LCC C "C5'" 1 
HETATM 642  C "C4'" . LCC C 1 3  ? -18.739 24.351  15.853  1.00 24.88 ?  3   LCC C "C4'" 1 
HETATM 643  O "O4'" . LCC C 1 3  ? -19.682 25.321  15.360  1.00 26.03 ?  3   LCC C "O4'" 1 
HETATM 644  C "C1'" . LCC C 1 3  ? -20.800 24.562  15.000  1.00 22.83 ?  3   LCC C "C1'" 1 
HETATM 645  N N1    . LCC C 1 3  ? -21.154 24.807  13.611  1.00 22.82 ?  3   LCC C N1    1 
HETATM 646  C C6    . LCC C 1 3  ? -20.280 25.399  12.715  1.00 17.03 ?  3   LCC C C6    1 
HETATM 647  C C5    . LCC C 1 3  ? -20.584 25.651  11.403  1.00 18.61 ?  3   LCC C C5    1 
HETATM 648  C C5M   . LCC C 1 3  ? -19.606 26.335  10.638  1.00 18.00 ?  3   LCC C C5M   1 
HETATM 649  C C4    . LCC C 1 3  ? -21.851 25.206  10.962  1.00 17.51 ?  3   LCC C C4    1 
HETATM 650  N N4    . LCC C 1 3  ? -22.273 25.409  9.738   1.00 20.14 ?  3   LCC C N4    1 
HETATM 651  N N3    . LCC C 1 3  ? -22.621 24.599  11.860  1.00 17.97 ?  3   LCC C N3    1 
HETATM 652  C C2    . LCC C 1 3  ? -22.330 24.395  13.158  1.00 20.15 ?  3   LCC C C2    1 
HETATM 653  O O2    . LCC C 1 3  ? -23.118 23.803  13.913  1.00 21.14 ?  3   LCC C O2    1 
HETATM 654  C "C3'" . LCC C 1 3  ? -18.891 23.228  14.919  1.00 25.42 ?  3   LCC C "C3'" 1 
HETATM 655  C "C2'" . LCC C 1 3  ? -20.355 23.144  15.243  1.00 24.48 ?  3   LCC C "C2'" 1 
HETATM 656  O "O2'" . LCC C 1 3  ? -20.371 22.980  16.636  1.00 22.27 ?  3   LCC C "O2'" 1 
HETATM 657  O "O3'" . LCC C 1 3  ? -18.247 22.077  15.426  1.00 29.65 ?  3   LCC C "O3'" 1 
HETATM 658  C "C6'" . LCC C 1 3  ? -19.260 23.778  17.196  1.00 23.93 ?  3   LCC C "C6'" 1 
HETATM 659  P P     . LCC C 1 3  ? -15.710 25.982  14.001  1.00 26.48 ?  3   LCC C P     1 
HETATM 660  O O1P   . LCC C 1 3  ? -15.847 26.346  12.608  1.00 22.14 -1 3   LCC C O1P   1 
HETATM 661  O OXT   . LCC C 1 3  ? -14.574 25.136  14.357  1.00 25.09 ?  3   LCC C OXT   1 
HETATM 662  P P     . LCG C 1 4  ? -17.823 20.848  14.468  1.00 24.92 ?  4   LCG C P     1 
HETATM 663  O OP1   . LCG C 1 4  ? -16.901 20.044  15.263  1.00 25.57 ?  4   LCG C OP1   1 
HETATM 664  O "O5'" . LCG C 1 4  ? -19.201 20.158  14.118  1.00 26.52 ?  4   LCG C "O5'" 1 
HETATM 665  C "C5'" . LCG C 1 4  ? -19.929 19.407  15.097  1.00 22.34 ?  4   LCG C "C5'" 1 
HETATM 666  C "C3'" . LCG C 1 4  ? -21.259 18.269  13.286  1.00 21.75 ?  4   LCG C "C3'" 1 
HETATM 667  C "C6'" . LCG C 1 4  ? -22.293 18.424  15.465  1.00 21.99 ?  4   LCG C "C6'" 1 
HETATM 668  N N9    . LCG C 1 4  ? -22.681 20.412  11.780  1.00 24.38 ?  4   LCG C N9    1 
HETATM 669  C C8    . LCG C 1 4  ? -21.576 21.105  11.408  1.00 24.64 ?  4   LCG C C8    1 
HETATM 670  C C4    . LCG C 1 4  ? -23.601 20.484  10.807  1.00 24.45 ?  4   LCG C C4    1 
HETATM 671  N N7    . LCG C 1 4  ? -21.847 21.533  10.170  1.00 27.39 ?  4   LCG C N7    1 
HETATM 672  C C5    . LCG C 1 4  ? -23.082 21.180  9.801   1.00 23.75 ?  4   LCG C C5    1 
HETATM 673  C C6    . LCG C 1 4  ? -23.769 21.401  8.676   1.00 24.90 ?  4   LCG C C6    1 
HETATM 674  C "C2'" . LCG C 1 4  ? -22.790 18.259  13.168  1.00 22.57 ?  4   LCG C "C2'" 1 
HETATM 675  O O6    . LCG C 1 4  ? -23.298 22.028  7.702   1.00 20.51 ?  4   LCG C O6    1 
HETATM 676  C "C4'" . LCG C 1 4  ? -21.316 19.141  14.516  1.00 21.36 ?  4   LCG C "C4'" 1 
HETATM 677  C "C1'" . LCG C 1 4  ? -22.960 19.759  13.099  1.00 22.21 ?  4   LCG C "C1'" 1 
HETATM 678  C C2    . LCG C 1 4  ? -25.577 20.144  9.613   1.00 27.22 ?  4   LCG C C2    1 
HETATM 679  N N1    . LCG C 1 4  ? -25.041 20.892  8.569   1.00 24.53 ?  4   LCG C N1    1 
HETATM 680  O "O4'" . LCG C 1 4  ? -21.989 20.307  14.071  1.00 22.41 ?  4   LCG C "O4'" 1 
HETATM 681  O OP2   . LCG C 1 4  ? -17.278 21.370  13.190  1.00 25.81 -1 4   LCG C OP2   1 
HETATM 682  N N2    . LCG C 1 4  ? -26.824 19.689  9.473   1.00 25.96 ?  4   LCG C N2    1 
HETATM 683  N N3    . LCG C 1 4  ? -24.833 19.925  10.735  1.00 21.65 ?  4   LCG C N3    1 
HETATM 684  O "O2'" . LCG C 1 4  ? -23.340 17.935  14.444  1.00 24.05 ?  4   LCG C "O2'" 1 
HETATM 685  O "O3'" . LCG C 1 4  ? -20.601 17.028  13.566  1.00 21.58 ?  4   LCG C "O3'" 1 
ATOM   686  P P     . A   C 1 5  ? -19.906 16.191  12.406  1.00 30.37 ?  5   A   C P     1 
ATOM   687  O OP1   . A   C 1 5  ? -19.396 14.957  13.024  1.00 27.91 ?  5   A   C OP1   1 
ATOM   688  O OP2   . A   C 1 5  ? -18.977 17.088  11.689  1.00 29.82 -1 5   A   C OP2   1 
ATOM   689  O "O5'" . A   C 1 5  ? -21.136 15.749  11.480  1.00 24.89 ?  5   A   C "O5'" 1 
ATOM   690  C "C5'" . A   C 1 5  ? -22.020 14.711  11.929  1.00 25.51 ?  5   A   C "C5'" 1 
ATOM   691  C "C4'" . A   C 1 5  ? -23.229 14.571  11.046  1.00 25.85 ?  5   A   C "C4'" 1 
ATOM   692  O "O4'" . A   C 1 5  ? -23.944 15.839  10.877  1.00 26.75 ?  5   A   C "O4'" 1 
ATOM   693  C "C3'" . A   C 1 5  ? -22.990 14.057  9.631   1.00 26.33 ?  5   A   C "C3'" 1 
ATOM   694  O "O3'" . A   C 1 5  ? -22.914 12.637  9.664   1.00 26.85 ?  5   A   C "O3'" 1 
ATOM   695  C "C2'" . A   C 1 5  ? -24.226 14.580  8.916   1.00 27.70 ?  5   A   C "C2'" 1 
ATOM   696  O "O2'" . A   C 1 5  ? -25.431 13.925  9.235   1.00 29.54 ?  5   A   C "O2'" 1 
ATOM   697  C "C1'" . A   C 1 5  ? -24.324 15.976  9.521   1.00 25.24 ?  5   A   C "C1'" 1 
ATOM   698  N N9    . A   C 1 5  ? -23.419 16.938  8.896   1.00 24.41 ?  5   A   C N9    1 
ATOM   699  C C8    . A   C 1 5  ? -22.192 17.409  9.299   1.00 24.28 ?  5   A   C C8    1 
ATOM   700  N N7    . A   C 1 5  ? -21.687 18.312  8.495   1.00 25.52 ?  5   A   C N7    1 
ATOM   701  C C5    . A   C 1 5  ? -22.666 18.478  7.523   1.00 24.64 ?  5   A   C C5    1 
ATOM   702  C C6    . A   C 1 5  ? -22.766 19.323  6.407   1.00 25.22 ?  5   A   C C6    1 
ATOM   703  N N6    . A   C 1 5  ? -21.813 20.166  6.025   1.00 26.33 ?  5   A   C N6    1 
ATOM   704  N N1    . A   C 1 5  ? -23.874 19.222  5.642   1.00 24.35 ?  5   A   C N1    1 
ATOM   705  C C2    . A   C 1 5  ? -24.836 18.376  6.014   1.00 26.46 ?  5   A   C C2    1 
ATOM   706  N N3    . A   C 1 5  ? -24.873 17.553  7.046   1.00 27.47 ?  5   A   C N3    1 
ATOM   707  C C4    . A   C 1 5  ? -23.746 17.653  7.774   1.00 26.63 ?  5   A   C C4    1 
ATOM   708  P P     . C   C 1 6  ? -21.966 11.835  8.651   1.00 22.78 ?  6   C   C P     1 
ATOM   709  O OP1   . C   C 1 6  ? -21.960 10.437  9.076   1.00 17.41 ?  6   C   C OP1   1 
ATOM   710  O OP2   . C   C 1 6  ? -20.661 12.557  8.536   1.00 22.70 -1 6   C   C OP2   1 
ATOM   711  O "O5'" . C   C 1 6  ? -22.683 12.066  7.241   1.00 25.00 ?  6   C   C "O5'" 1 
ATOM   712  C "C5'" . C   C 1 6  ? -23.892 11.413  6.877   1.00 21.21 ?  6   C   C "C5'" 1 
ATOM   713  C "C4'" . C   C 1 6  ? -24.521 12.101  5.687   1.00 21.94 ?  6   C   C "C4'" 1 
ATOM   714  O "O4'" . C   C 1 6  ? -24.636 13.531  5.910   1.00 23.50 ?  6   C   C "O4'" 1 
ATOM   715  C "C3'" . C   C 1 6  ? -23.726 12.011  4.403   1.00 23.10 ?  6   C   C "C3'" 1 
ATOM   716  O "O3'" . C   C 1 6  ? -23.827 10.665  3.972   1.00 24.88 ?  6   C   C "O3'" 1 
ATOM   717  C "C2'" . C   C 1 6  ? -24.361 13.138  3.605   1.00 27.25 ?  6   C   C "C2'" 1 
ATOM   718  O "O2'" . C   C 1 6  ? -25.615 12.738  3.102   1.00 27.59 ?  6   C   C "O2'" 1 
ATOM   719  C "C1'" . C   C 1 6  ? -24.452 14.222  4.677   1.00 22.81 ?  6   C   C "C1'" 1 
ATOM   720  N N1    . C   C 1 6  ? -23.265 15.097  4.802   1.00 23.43 ?  6   C   C N1    1 
ATOM   721  C C2    . C   C 1 6  ? -23.110 16.164  3.911   1.00 24.28 ?  6   C   C C2    1 
ATOM   722  O O2    . C   C 1 6  ? -23.979 16.349  3.033   1.00 21.62 ?  6   C   C O2    1 
ATOM   723  N N3    . C   C 1 6  ? -22.015 16.960  4.017   1.00 22.14 ?  6   C   C N3    1 
ATOM   724  C C4    . C   C 1 6  ? -21.152 16.779  5.021   1.00 25.03 ?  6   C   C C4    1 
ATOM   725  N N4    . C   C 1 6  ? -20.111 17.623  5.117   1.00 25.53 ?  6   C   C N4    1 
ATOM   726  C C5    . C   C 1 6  ? -21.291 15.706  5.949   1.00 24.68 ?  6   C   C C5    1 
ATOM   727  C C6    . C   C 1 6  ? -22.341 14.886  5.794   1.00 24.42 ?  6   C   C C6    1 
ATOM   728  P P     . U   C 1 7  ? -22.841 10.058  2.858   1.00 27.39 ?  7   U   C P     1 
ATOM   729  O OP1   . U   C 1 7  ? -23.331 8.699   2.504   1.00 28.44 ?  7   U   C OP1   1 
ATOM   730  O OP2   . U   C 1 7  ? -21.436 10.281  3.296   1.00 31.02 -1 7   U   C OP2   1 
ATOM   731  O "O5'" . U   C 1 7  ? -23.083 10.960  1.572   1.00 22.61 ?  7   U   C "O5'" 1 
ATOM   732  C "C5'" . U   C 1 7  ? -24.340 10.873  0.826   1.00 25.96 ?  7   U   C "C5'" 1 
ATOM   733  C "C4'" . U   C 1 7  ? -24.317 11.829  -0.344  1.00 25.78 ?  7   U   C "C4'" 1 
ATOM   734  O "O4'" . U   C 1 7  ? -24.077 13.160  0.175   1.00 23.31 ?  7   U   C "O4'" 1 
ATOM   735  C "C3'" . U   C 1 7  ? -23.143 11.629  -1.296  1.00 23.64 ?  7   U   C "C3'" 1 
ATOM   736  O "O3'" . U   C 1 7  ? -23.193 10.573  -2.218  1.00 25.40 ?  7   U   C "O3'" 1 
ATOM   737  C "C2'" . U   C 1 7  ? -22.997 12.991  -1.932  1.00 23.16 ?  7   U   C "C2'" 1 
ATOM   738  O "O2'" . U   C 1 7  ? -23.948 13.148  -2.965  1.00 19.64 ?  7   U   C "O2'" 1 
ATOM   739  C "C1'" . U   C 1 7  ? -23.241 13.880  -0.714  1.00 21.88 ?  7   U   C "C1'" 1 
ATOM   740  N N1    . U   C 1 7  ? -22.067 14.368  0.026   1.00 24.21 ?  7   U   C N1    1 
ATOM   741  C C2    . U   C 1 7  ? -21.498 15.519  -0.476  1.00 25.73 ?  7   U   C C2    1 
ATOM   742  O O2    . U   C 1 7  ? -21.835 16.004  -1.536  1.00 24.90 ?  7   U   C O2    1 
ATOM   743  N N3    . U   C 1 7  ? -20.485 16.047  0.289   1.00 29.15 ?  7   U   C N3    1 
ATOM   744  C C4    . U   C 1 7  ? -20.004 15.559  1.485   1.00 27.64 ?  7   U   C C4    1 
ATOM   745  O O4    . U   C 1 7  ? -19.076 16.142  2.045   1.00 31.15 ?  7   U   C O4    1 
ATOM   746  C C5    . U   C 1 7  ? -20.659 14.371  1.953   1.00 27.15 ?  7   U   C C5    1 
ATOM   747  C C6    . U   C 1 7  ? -21.673 13.856  1.250   1.00 22.75 ?  7   U   C C6    1 
ATOM   748  P P     . U   C 1 8  ? -21.915 9.721   -2.404  1.00 29.41 ?  8   U   C P     1 
ATOM   749  O OP1   . U   C 1 8  ? -22.295 8.547   -3.264  1.00 29.69 ?  8   U   C OP1   1 
ATOM   750  O OP2   . U   C 1 8  ? -21.310 9.509   -1.079  1.00 31.96 -1 8   U   C OP2   1 
ATOM   751  O "O5'" . U   C 1 8  ? -21.067 10.589  -3.415  1.00 31.37 ?  8   U   C "O5'" 1 
ATOM   752  C "C5'" . U   C 1 8  ? -21.624 10.952  -4.691  1.00 32.46 ?  8   U   C "C5'" 1 
ATOM   753  C "C4'" . U   C 1 8  ? -20.721 11.952  -5.385  1.00 29.29 ?  8   U   C "C4'" 1 
ATOM   754  O "O4'" . U   C 1 8  ? -20.753 13.236  -4.700  1.00 28.59 ?  8   U   C "O4'" 1 
ATOM   755  C "C3'" . U   C 1 8  ? -19.236 11.624  -5.402  1.00 27.34 ?  8   U   C "C3'" 1 
ATOM   756  O "O3'" . U   C 1 8  ? -18.898 10.593  -6.297  1.00 27.39 ?  8   U   C "O3'" 1 
ATOM   757  C "C2'" . U   C 1 8  ? -18.650 12.983  -5.726  1.00 25.85 ?  8   U   C "C2'" 1 
ATOM   758  O "O2'" . U   C 1 8  ? -18.838 13.421  -7.049  1.00 26.86 ?  8   U   C "O2'" 1 
ATOM   759  C "C1'" . U   C 1 8  ? -19.476 13.867  -4.806  1.00 26.32 ?  8   U   C "C1'" 1 
ATOM   760  N N1    . U   C 1 8  ? -18.901 14.026  -3.455  1.00 25.56 ?  8   U   C N1    1 
ATOM   761  C C2    . U   C 1 8  ? -17.859 14.927  -3.277  1.00 29.21 ?  8   U   C C2    1 
ATOM   762  O O2    . U   C 1 8  ? -17.442 15.652  -4.172  1.00 26.66 ?  8   U   C O2    1 
ATOM   763  N N3    . U   C 1 8  ? -17.368 14.989  -1.996  1.00 30.34 ?  8   U   C N3    1 
ATOM   764  C C4    . U   C 1 8  ? -17.795 14.258  -0.898  1.00 25.93 ?  8   U   C C4    1 
ATOM   765  O O4    . U   C 1 8  ? -17.285 14.461  0.202   1.00 24.46 ?  8   U   C O4    1 
ATOM   766  C C5    . U   C 1 8  ? -18.837 13.325  -1.179  1.00 25.59 ?  8   U   C C5    1 
ATOM   767  C C6    . U   C 1 8  ? -19.327 13.227  -2.420  1.00 24.85 ?  8   U   C C6    1 
ATOM   768  P P     . A   C 1 9  ? -17.632 9.702   -5.975  1.00 24.17 ?  9   A   C P     1 
ATOM   769  O OP1   . A   C 1 9  ? -17.486 8.676   -7.088  1.00 25.43 ?  9   A   C OP1   1 
ATOM   770  O OP2   . A   C 1 9  ? -17.691 9.306   -4.547  1.00 24.12 -1 9   A   C OP2   1 
ATOM   771  O "O5'" . A   C 1 9  ? -16.418 10.718  -6.100  1.00 23.36 ?  9   A   C "O5'" 1 
ATOM   772  C "C5'" . A   C 1 9  ? -16.096 11.363  -7.365  1.00 21.95 ?  9   A   C "C5'" 1 
ATOM   773  C "C4'" . A   C 1 9  ? -14.890 12.247  -7.201  1.00 23.27 ?  9   A   C "C4'" 1 
ATOM   774  O "O4'" . A   C 1 9  ? -15.193 13.313  -6.251  1.00 20.04 ?  9   A   C "O4'" 1 
ATOM   775  C "C3'" . A   C 1 9  ? -13.616 11.601  -6.642  1.00 24.97 ?  9   A   C "C3'" 1 
ATOM   776  O "O3'" . A   C 1 9  ? -12.877 10.803  -7.578  1.00 24.32 ?  9   A   C "O3'" 1 
ATOM   777  C "C2'" . A   C 1 9  ? -12.864 12.824  -6.160  1.00 24.15 ?  9   A   C "C2'" 1 
ATOM   778  O "O2'" . A   C 1 9  ? -12.371 13.601  -7.212  1.00 22.29 ?  9   A   C "O2'" 1 
ATOM   779  C "C1'" . A   C 1 9  ? -13.998 13.653  -5.555  1.00 21.32 ?  9   A   C "C1'" 1 
ATOM   780  N N9    . A   C 1 9  ? -14.196 13.428  -4.131  1.00 23.59 ?  9   A   C N9    1 
ATOM   781  C C8    . A   C 1 9  ? -15.057 12.566  -3.498  1.00 24.92 ?  9   A   C C8    1 
ATOM   782  N N7    . A   C 1 9  ? -15.001 12.635  -2.187  1.00 22.65 ?  9   A   C N7    1 
ATOM   783  C C5    . A   C 1 9  ? -14.056 13.617  -1.945  1.00 25.19 ?  9   A   C C5    1 
ATOM   784  C C6    . A   C 1 9  ? -13.554 14.173  -0.756  1.00 26.50 ?  9   A   C C6    1 
ATOM   785  N N6    . A   C 1 9  ? -13.950 13.796  0.458   1.00 27.14 ?  9   A   C N6    1 
ATOM   786  N N1    . A   C 1 9  ? -12.576 15.098  -0.859  1.00 31.87 ?  9   A   C N1    1 
ATOM   787  C C2    . A   C 1 9  ? -12.182 15.482  -2.080  1.00 30.38 ?  9   A   C C2    1 
ATOM   788  N N3    . A   C 1 9  ? -12.599 15.053  -3.272  1.00 30.85 ?  9   A   C N3    1 
ATOM   789  C C4    . A   C 1 9  ? -13.546 14.110  -3.131  1.00 24.36 ?  9   A   C C4    1 
ATOM   790  P P     . A   C 1 10 ? -11.679 9.801   -7.096  1.00 26.81 ?  10  A   C P     1 
ATOM   791  O OP1   . A   C 1 10 ? -11.106 9.169   -8.301  1.00 22.59 ?  10  A   C OP1   1 
ATOM   792  O OP2   . A   C 1 10 ? -12.104 8.994   -5.949  1.00 23.30 -1 10  A   C OP2   1 
ATOM   793  O "O5'" . A   C 1 10 ? -10.607 10.814  -6.495  1.00 29.01 ?  10  A   C "O5'" 1 
ATOM   794  C "C5'" . A   C 1 10 ? -9.528  11.329  -7.288  1.00 31.79 ?  10  A   C "C5'" 1 
ATOM   795  C "C4'" . A   C 1 10 ? -8.638  12.169  -6.410  1.00 27.35 ?  10  A   C "C4'" 1 
ATOM   796  O "O4'" . A   C 1 10 ? -9.468  13.007  -5.555  1.00 26.15 ?  10  A   C "O4'" 1 
ATOM   797  C "C3'" . A   C 1 10 ? -7.792  11.409  -5.402  1.00 26.09 ?  10  A   C "C3'" 1 
ATOM   798  O "O3'" . A   C 1 10 ? -6.699  10.751  -5.992  1.00 26.86 ?  10  A   C "O3'" 1 
ATOM   799  C "C2'" . A   C 1 10 ? -7.457  12.517  -4.417  1.00 27.92 ?  10  A   C "C2'" 1 
ATOM   800  O "O2'" . A   C 1 10 ? -6.472  13.400  -4.875  1.00 27.22 ?  10  A   C "O2'" 1 
ATOM   801  C "C1'" . A   C 1 10 ? -8.806  13.228  -4.328  1.00 25.06 ?  10  A   C "C1'" 1 
ATOM   802  N N9    . A   C 1 10 ? -9.637  12.689  -3.260  1.00 29.46 ?  10  A   C N9    1 
ATOM   803  C C8    . A   C 1 10 ? -10.644 11.753  -3.280  1.00 25.33 ?  10  A   C C8    1 
ATOM   804  N N7    . A   C 1 10 ? -11.148 11.496  -2.094  1.00 26.30 ?  10  A   C N7    1 
ATOM   805  C C5    . A   C 1 10 ? -10.445 12.338  -1.243  1.00 27.62 ?  10  A   C C5    1 
ATOM   806  C C6    . A   C 1 10 ? -10.507 12.554  0.146   1.00 26.76 ?  10  A   C C6    1 
ATOM   807  N N6    . A   C 1 10 ? -11.346 11.913  0.961   1.00 27.05 ?  10  A   C N6    1 
ATOM   808  N N1    . A   C 1 10 ? -9.640  13.437  0.683   1.00 29.85 ?  10  A   C N1    1 
ATOM   809  C C2    . A   C 1 10 ? -8.773  14.061  -0.125  1.00 29.57 ?  10  A   C C2    1 
ATOM   810  N N3    . A   C 1 10 ? -8.614  13.940  -1.442  1.00 31.91 ?  10  A   C N3    1 
ATOM   811  C C4    . A   C 1 10 ? -9.475  13.037  -1.940  1.00 27.00 ?  10  A   C C4    1 
ATOM   812  P P     . G   C 1 11 ? -6.182  9.413   -5.349  1.00 31.17 ?  11  G   C P     1 
ATOM   813  O OP1   . G   C 1 11 ? -5.079  8.894   -6.210  1.00 29.58 ?  11  G   C OP1   1 
ATOM   814  O OP2   . G   C 1 11 ? -7.406  8.505   -5.110  1.00 30.67 -1 11  G   C OP2   1 
ATOM   815  O "O5'" . G   C 1 11 ? -5.606  9.886   -3.970  1.00 31.23 ?  11  G   C "O5'" 1 
ATOM   816  C "C5'" . G   C 1 11 ? -4.378  10.654  -4.015  1.00 29.47 ?  11  G   C "C5'" 1 
ATOM   817  C "C4'" . G   C 1 11 ? -4.046  11.137  -2.640  1.00 26.72 ?  11  G   C "C4'" 1 
ATOM   818  O "O4'" . G   C 1 11 ? -5.173  11.857  -2.073  1.00 25.79 ?  11  G   C "O4'" 1 
ATOM   819  C "C3'" . G   C 1 11 ? -3.762  10.046  -1.607  1.00 25.32 ?  11  G   C "C3'" 1 
ATOM   820  O "O3'" . G   C 1 11 ? -2.556  9.365   -1.978  1.00 28.37 ?  11  G   C "O3'" 1 
ATOM   821  C "C2'" . G   C 1 11 ? -3.817  10.956  -0.378  1.00 25.61 ?  11  G   C "C2'" 1 
ATOM   822  O "O2'" . G   C 1 11 ? -2.672  11.788  -0.404  1.00 26.14 ?  11  G   C "O2'" 1 
ATOM   823  C "C1'" . G   C 1 11 ? -5.127  11.698  -0.665  1.00 25.44 ?  11  G   C "C1'" 1 
ATOM   824  N N9    . G   C 1 11 ? -6.347  10.993  -0.277  1.00 25.16 ?  11  G   C N9    1 
ATOM   825  C C8    . G   C 1 11 ? -7.269  10.426  -1.118  1.00 26.48 ?  11  G   C C8    1 
ATOM   826  N N7    . G   C 1 11 ? -8.290  9.895   -0.506  1.00 23.85 ?  11  G   C N7    1 
ATOM   827  C C5    . G   C 1 11 ? -8.058  10.183  0.826   1.00 24.16 ?  11  G   C C5    1 
ATOM   828  C C6    . G   C 1 11 ? -8.833  9.853   1.960   1.00 22.68 ?  11  G   C C6    1 
ATOM   829  O O6    . G   C 1 11 ? -9.884  9.209   1.986   1.00 22.44 ?  11  G   C O6    1 
ATOM   830  N N1    . G   C 1 11 ? -8.227  10.278  3.132   1.00 21.32 ?  11  G   C N1    1 
ATOM   831  C C2    . G   C 1 11 ? -7.045  10.967  3.196   1.00 21.44 ?  11  G   C C2    1 
ATOM   832  N N2    . G   C 1 11 ? -6.622  11.318  4.411   1.00 24.96 ?  11  G   C N2    1 
ATOM   833  N N3    . G   C 1 11 ? -6.327  11.324  2.124   1.00 23.47 ?  11  G   C N3    1 
ATOM   834  C C4    . G   C 1 11 ? -6.875  10.862  0.982   1.00 23.99 ?  11  G   C C4    1 
ATOM   835  P P     . U   C 1 12 ? -2.084  7.988   -1.247  1.00 29.81 ?  12  U   C P     1 
ATOM   836  O OP1   . U   C 1 12 ? -0.678  7.741   -1.647  1.00 33.11 ?  12  U   C OP1   1 
ATOM   837  O OP2   . U   C 1 12 ? -3.070  6.915   -1.562  1.00 31.38 -1 12  U   C OP2   1 
ATOM   838  O "O5'" . U   C 1 12 ? -2.193  8.400   0.285   1.00 30.47 ?  12  U   C "O5'" 1 
ATOM   839  C "C5'" . U   C 1 12 ? -1.151  9.128   0.921   1.00 32.21 ?  12  U   C "C5'" 1 
ATOM   840  C "C4'" . U   C 1 12 ? -1.385  9.152   2.413   1.00 31.96 ?  12  U   C "C4'" 1 
ATOM   841  O "O4'" . U   C 1 12 ? -2.643  9.841   2.686   1.00 30.29 ?  12  U   C "O4'" 1 
ATOM   842  C "C3'" . U   C 1 12 ? -1.529  7.813   3.124   1.00 29.02 ?  12  U   C "C3'" 1 
ATOM   843  O "O3'" . U   C 1 12 ? -0.291  7.141   3.383   1.00 29.91 ?  12  U   C "O3'" 1 
ATOM   844  C "C2'" . U   C 1 12 ? -2.254  8.265   4.384   1.00 28.58 ?  12  U   C "C2'" 1 
ATOM   845  O "O2'" . U   C 1 12 ? -1.442  9.054   5.237   1.00 26.89 ?  12  U   C "O2'" 1 
ATOM   846  C "C1'" . U   C 1 12 ? -3.286  9.220   3.790   1.00 30.91 ?  12  U   C "C1'" 1 
ATOM   847  N N1    . U   C 1 12 ? -4.503  8.539   3.328   1.00 27.57 ?  12  U   C N1    1 
ATOM   848  C C2    . U   C 1 12 ? -5.433  8.212   4.296   1.00 33.40 ?  12  U   C C2    1 
ATOM   849  O O2    . U   C 1 12 ? -5.291  8.502   5.472   1.00 32.69 ?  12  U   C O2    1 
ATOM   850  N N3    . U   C 1 12 ? -6.558  7.582   3.826   1.00 35.70 ?  12  U   C N3    1 
ATOM   851  C C4    . U   C 1 12 ? -6.827  7.210   2.519   1.00 32.78 ?  12  U   C C4    1 
ATOM   852  O O4    . U   C 1 12 ? -7.897  6.644   2.252   1.00 26.28 ?  12  U   C O4    1 
ATOM   853  C C5    . U   C 1 12 ? -5.792  7.540   1.584   1.00 28.07 ?  12  U   C C5    1 
ATOM   854  C C6    . U   C 1 12 ? -4.696  8.180   2.008   1.00 27.12 ?  12  U   C C6    1 
ATOM   855  P P     . C   C 1 13 ? -0.166  5.508   3.439   1.00 32.05 ?  13  C   C P     1 
ATOM   856  O OP1   . C   C 1 13 ? 1.273   5.137   3.411   1.00 38.76 ?  13  C   C OP1   1 
ATOM   857  O OP2   . C   C 1 13 ? -1.066  4.893   2.431   1.00 28.31 -1 13  C   C OP2   1 
ATOM   858  O "O5'" . C   C 1 13 ? -0.659  5.110   4.908   1.00 29.72 ?  13  C   C "O5'" 1 
ATOM   859  C "C5'" . C   C 1 13 ? -0.220  5.774   6.096   1.00 30.90 ?  13  C   C "C5'" 1 
ATOM   860  C "C4'" . C   C 1 13 ? -1.221  5.566   7.214   1.00 28.86 ?  13  C   C "C4'" 1 
ATOM   861  O "O4'" . C   C 1 13 ? -2.456  6.237   6.872   1.00 29.00 ?  13  C   C "O4'" 1 
ATOM   862  C "C3'" . C   C 1 13 ? -1.661  4.138   7.513   1.00 30.60 ?  13  C   C "C3'" 1 
ATOM   863  O "O3'" . C   C 1 13 ? -0.702  3.513   8.341   1.00 32.68 ?  13  C   C "O3'" 1 
ATOM   864  C "C2'" . C   C 1 13 ? -2.988  4.368   8.227   1.00 30.13 ?  13  C   C "C2'" 1 
ATOM   865  O "O2'" . C   C 1 13 ? -2.883  4.778   9.580   1.00 36.25 ?  13  C   C "O2'" 1 
ATOM   866  C "C1'" . C   C 1 13 ? -3.554  5.536   7.429   1.00 29.46 ?  13  C   C "C1'" 1 
ATOM   867  N N1    . C   C 1 13 ? -4.413  5.128   6.318   1.00 31.47 ?  13  C   C N1    1 
ATOM   868  C C2    . C   C 1 13 ? -5.789  5.004   6.534   1.00 28.18 ?  13  C   C C2    1 
ATOM   869  O O2    . C   C 1 13 ? -6.238  5.185   7.677   1.00 23.29 ?  13  C   C O2    1 
ATOM   870  N N3    . C   C 1 13 ? -6.587  4.651   5.504   1.00 30.85 ?  13  C   C N3    1 
ATOM   871  C C4    . C   C 1 13 ? -6.068  4.474   4.288   1.00 29.47 ?  13  C   C C4    1 
ATOM   872  N N4    . C   C 1 13 ? -6.896  4.148   3.301   1.00 27.02 ?  13  C   C N4    1 
ATOM   873  C C5    . C   C 1 13 ? -4.673  4.618   4.035   1.00 30.38 ?  13  C   C C5    1 
ATOM   874  C C6    . C   C 1 13 ? -3.890  4.938   5.070   1.00 28.23 ?  13  C   C C6    1 
ATOM   875  P P     . G   C 1 14 ? -0.649  1.880   8.479   1.00 34.65 ?  14  G   C P     1 
ATOM   876  O OP1   . G   C 1 14 ? 0.244   1.510   9.665   1.00 34.46 ?  14  G   C OP1   1 
ATOM   877  O OP2   . G   C 1 14 ? -0.332  1.239   7.155   1.00 34.69 -1 14  G   C OP2   1 
ATOM   878  O "O5'" . G   C 1 14 ? -2.160  1.458   8.856   1.00 32.12 ?  14  G   C "O5'" 1 
ATOM   879  C "C5'" . G   C 1 14 ? -2.416  1.010   10.189  1.00 27.68 ?  14  G   C "C5'" 1 
ATOM   880  C "C4'" . G   C 1 14 ? -3.878  0.733   10.354  1.00 28.44 ?  14  G   C "C4'" 1 
ATOM   881  O "O4'" . G   C 1 14 ? -4.690  1.741   9.683   1.00 27.41 ?  14  G   C "O4'" 1 
ATOM   882  C "C3'" . G   C 1 14 ? -4.430  -0.568  9.772   1.00 25.68 ?  14  G   C "C3'" 1 
ATOM   883  O "O3'" . G   C 1 14 ? -4.016  -1.739  10.468  1.00 30.82 ?  14  G   C "O3'" 1 
ATOM   884  C "C2'" . G   C 1 14 ? -5.896  -0.258  10.017  1.00 27.18 ?  14  G   C "C2'" 1 
ATOM   885  O "O2'" . G   C 1 14 ? -6.198  -0.218  11.399  1.00 28.75 ?  14  G   C "O2'" 1 
ATOM   886  C "C1'" . G   C 1 14 ? -5.934  1.131   9.397   1.00 28.19 ?  14  G   C "C1'" 1 
ATOM   887  N N9    . G   C 1 14 ? -6.187  1.106   7.965   1.00 25.70 ?  14  G   C N9    1 
ATOM   888  C C8    . G   C 1 14 ? -5.355  1.405   6.918   1.00 23.06 ?  14  G   C C8    1 
ATOM   889  N N7    . G   C 1 14 ? -5.935  1.270   5.750   1.00 24.29 ?  14  G   C N7    1 
ATOM   890  C C5    . G   C 1 14 ? -7.221  0.859   6.045   1.00 22.38 ?  14  G   C C5    1 
ATOM   891  C C6    . G   C 1 14 ? -8.309  0.544   5.194   1.00 24.41 ?  14  G   C C6    1 
ATOM   892  O O6    . G   C 1 14 ? -8.376  0.617   3.965   1.00 27.13 ?  14  G   C O6    1 
ATOM   893  N N1    . G   C 1 14 ? -9.455  0.223   5.920   1.00 29.51 ?  14  G   C N1    1 
ATOM   894  C C2    . G   C 1 14 ? -9.537  0.165   7.292   1.00 27.80 ?  14  G   C C2    1 
ATOM   895  N N2    . G   C 1 14 ? -10.711 -0.231  7.812   1.00 25.23 ?  14  G   C N2    1 
ATOM   896  N N3    . G   C 1 14 ? -8.511  0.419   8.095   1.00 29.47 ?  14  G   C N3    1 
ATOM   897  C C4    . G   C 1 14 ? -7.388  0.749   7.405   1.00 25.70 ?  14  G   C C4    1 
HETATM 898  O "O5'" . TLN D 1 1  ? -15.174 -4.301  -8.172  1.00 33.93 ?  1   TLN D "O5'" 1 
HETATM 899  C "C5'" . TLN D 1 1  ? -16.502 -4.662  -7.807  1.00 28.36 ?  1   TLN D "C5'" 1 
HETATM 900  C "C4'" . TLN D 1 1  ? -16.355 -5.388  -6.460  1.00 27.06 ?  1   TLN D "C4'" 1 
HETATM 901  O "O4'" . TLN D 1 1  ? -15.192 -6.204  -6.375  1.00 24.99 ?  1   TLN D "O4'" 1 
HETATM 902  C "C1'" . TLN D 1 1  ? -14.880 -6.316  -4.982  1.00 26.67 ?  1   TLN D "C1'" 1 
HETATM 903  N N1    . TLN D 1 1  ? -13.513 -5.747  -4.642  1.00 26.28 ?  1   TLN D N1    1 
HETATM 904  C C6    . TLN D 1 1  ? -12.768 -5.069  -5.605  1.00 23.71 ?  1   TLN D C6    1 
HETATM 905  C C5    . TLN D 1 1  ? -11.506 -4.560  -5.301  1.00 25.34 ?  1   TLN D C5    1 
HETATM 906  C C5M   . TLN D 1 1  ? -10.886 -3.926  -6.323  1.00 23.80 ?  1   TLN D C5M   1 
HETATM 907  C C4    . TLN D 1 1  ? -10.936 -4.761  -4.021  1.00 26.27 ?  1   TLN D C4    1 
HETATM 908  O O4    . TLN D 1 1  ? -9.807  -4.322  -3.700  1.00 27.93 ?  1   TLN D O4    1 
HETATM 909  N N3    . TLN D 1 1  ? -11.739 -5.417  -3.082  1.00 24.64 ?  1   TLN D N3    1 
HETATM 910  C C2    . TLN D 1 1  ? -12.993 -5.910  -3.407  1.00 24.84 ?  1   TLN D C2    1 
HETATM 911  O O2    . TLN D 1 1  ? -13.629 -6.548  -2.573  1.00 21.27 ?  1   TLN D O2    1 
HETATM 912  C "C3'" . TLN D 1 1  ? -16.230 -4.486  -5.291  1.00 28.76 ?  1   TLN D "C3'" 1 
HETATM 913  C "C2'" . TLN D 1 1  ? -16.082 -5.620  -4.372  1.00 27.62 ?  1   TLN D "C2'" 1 
HETATM 914  O "O2'" . TLN D 1 1  ? -17.276 -6.483  -4.694  1.00 26.93 ?  1   TLN D "O2'" 1 
HETATM 915  O "O3'" . TLN D 1 1  ? -17.429 -3.724  -5.008  1.00 29.59 ?  1   TLN D "O3'" 1 
HETATM 916  C "C6'" . TLN D 1 1  ? -17.596 -6.209  -6.086  1.00 28.69 ?  1   TLN D "C6'" 1 
HETATM 917  O "O5'" . LCC D 1 2  ? -17.160 -2.961  -2.705  1.00 34.49 ?  2   LCC D "O5'" 1 
HETATM 918  C "C5'" . LCC D 1 2  ? -18.211 -3.790  -2.193  1.00 32.58 ?  2   LCC D "C5'" 1 
HETATM 919  C "C4'" . LCC D 1 2  ? -17.755 -4.242  -0.836  1.00 30.26 ?  2   LCC D "C4'" 1 
HETATM 920  O "O4'" . LCC D 1 2  ? -16.469 -4.900  -0.926  1.00 25.44 ?  2   LCC D "O4'" 1 
HETATM 921  C "C1'" . LCC D 1 2  ? -15.818 -4.683  0.266   1.00 27.98 ?  2   LCC D "C1'" 1 
HETATM 922  N N1    . LCC D 1 2  ? -14.524 -3.944  -0.043  1.00 26.10 ?  2   LCC D N1    1 
HETATM 923  C C6    . LCC D 1 2  ? -14.271 -3.415  -1.325  1.00 28.75 ?  2   LCC D C6    1 
HETATM 924  C C5    . LCC D 1 2  ? -13.056 -2.809  -1.549  1.00 26.44 ?  2   LCC D C5    1 
HETATM 925  C C5M   . LCC D 1 2  ? -12.818 -2.220  -2.815  1.00 30.06 ?  2   LCC D C5M   1 
HETATM 926  C C4    . LCC D 1 2  ? -12.129 -2.794  -0.493  1.00 22.40 ?  2   LCC D C4    1 
HETATM 927  N N4    . LCC D 1 2  ? -10.984 -2.198  -0.767  1.00 20.44 ?  2   LCC D N4    1 
HETATM 928  N N3    . LCC D 1 2  ? -12.365 -3.358  0.703   1.00 23.22 ?  2   LCC D N3    1 
HETATM 929  C C2    . LCC D 1 2  ? -13.574 -3.919  0.897   1.00 25.88 ?  2   LCC D C2    1 
HETATM 930  O O2    . LCC D 1 2  ? -13.809 -4.460  1.959   1.00 20.45 ?  2   LCC D O2    1 
HETATM 931  C "C3'" . LCC D 1 2  ? -17.380 -3.108  0.043   1.00 31.74 ?  2   LCC D "C3'" 1 
HETATM 932  C "C2'" . LCC D 1 2  ? -16.891 -3.999  1.085   1.00 30.38 ?  2   LCC D "C2'" 1 
HETATM 933  O "O2'" . LCC D 1 2  ? -17.998 -4.973  1.249   1.00 31.97 ?  2   LCC D "O2'" 1 
HETATM 934  O "O3'" . LCC D 1 2  ? -18.460 -2.338  0.468   1.00 31.70 ?  2   LCC D "O3'" 1 
HETATM 935  C "C6'" . LCC D 1 2  ? -18.749 -5.051  -0.049  1.00 27.40 ?  2   LCC D "C6'" 1 
HETATM 936  P P     . LCC D 1 2  ? -17.291 -2.392  -4.176  1.00 33.20 ?  2   LCC D P     1 
HETATM 937  O O1P   . LCC D 1 2  ? -16.351 -1.276  -4.271  1.00 36.74 -1 2   LCC D O1P   1 
HETATM 938  O OXT   . LCC D 1 2  ? -18.744 -2.241  -4.470  1.00 37.36 ?  2   LCC D OXT   1 
HETATM 939  O "O5'" . LCC D 1 3  ? -17.478 -1.121  2.321   1.00 29.01 ?  3   LCC D "O5'" 1 
HETATM 940  C "C5'" . LCC D 1 3  ? -18.306 -1.662  3.419   1.00 30.33 ?  3   LCC D "C5'" 1 
HETATM 941  C "C4'" . LCC D 1 3  ? -17.385 -1.840  4.613   1.00 29.54 ?  3   LCC D "C4'" 1 
HETATM 942  O "O4'" . LCC D 1 3  ? -16.157 -2.414  4.267   1.00 33.02 ?  3   LCC D "O4'" 1 
HETATM 943  C "C1'" . LCC D 1 3  ? -15.278 -1.983  5.315   1.00 28.06 ?  3   LCC D "C1'" 1 
HETATM 944  N N1    . LCC D 1 3  ? -14.175 -1.298  4.619   1.00 26.28 ?  3   LCC D N1    1 
HETATM 945  C C6    . LCC D 1 3  ? -14.294 -0.857  3.253   1.00 24.28 ?  3   LCC D C6    1 
HETATM 946  C C5    . LCC D 1 3  ? -13.226 -0.266  2.587   1.00 25.85 ?  3   LCC D C5    1 
HETATM 947  C C5M   . LCC D 1 3  ? -13.398 0.140   1.281   1.00 21.36 ?  3   LCC D C5M   1 
HETATM 948  C C4    . LCC D 1 3  ? -12.024 -0.192  3.315   1.00 23.70 ?  3   LCC D C4    1 
HETATM 949  N N4    . LCC D 1 3  ? -10.866 0.353   2.848   1.00 23.99 ?  3   LCC D N4    1 
HETATM 950  N N3    . LCC D 1 3  ? -11.999 -0.645  4.560   1.00 26.18 ?  3   LCC D N3    1 
HETATM 951  C C2    . LCC D 1 3  ? -13.008 -1.170  5.247   1.00 26.65 ?  3   LCC D C2    1 
HETATM 952  O O2    . LCC D 1 3  ? -12.801 -1.548  6.414   1.00 23.88 ?  3   LCC D O2    1 
HETATM 953  C "C3'" . LCC D 1 3  ? -16.976 -0.530  5.199   1.00 31.39 ?  3   LCC D "C3'" 1 
HETATM 954  C "C2'" . LCC D 1 3  ? -16.121 -1.178  6.205   1.00 31.56 ?  3   LCC D "C2'" 1 
HETATM 955  O "O2'" . LCC D 1 3  ? -17.044 -2.122  6.904   1.00 31.99 ?  3   LCC D "O2'" 1 
HETATM 956  O "O3'" . LCC D 1 3  ? -18.072 0.212   5.811   1.00 32.71 ?  3   LCC D "O3'" 1 
HETATM 957  C "C6'" . LCC D 1 3  ? -17.936 -2.685  5.828   1.00 31.75 ?  3   LCC D "C6'" 1 
HETATM 958  P P     . LCC D 1 3  ? -18.159 -0.859  0.963   1.00 29.43 ?  3   LCC D P     1 
HETATM 959  O O1P   . LCC D 1 3  ? -17.122 -0.294  0.077   1.00 28.34 -1 3   LCC D O1P   1 
HETATM 960  O OXT   . LCC D 1 3  ? -19.400 -0.146  1.162   1.00 25.59 ?  3   LCC D OXT   1 
HETATM 961  P P     . LCG D 1 4  ? -18.062 1.817   5.798   1.00 32.98 ?  4   LCG D P     1 
HETATM 962  O OP1   . LCG D 1 4  ? -19.304 2.252   6.391   1.00 31.10 ?  4   LCG D OP1   1 
HETATM 963  O "O5'" . LCG D 1 4  ? -16.940 2.182   6.869   1.00 28.32 ?  4   LCG D "O5'" 1 
HETATM 964  C "C5'" . LCG D 1 4  ? -17.124 1.934   8.279   1.00 28.47 ?  4   LCG D "C5'" 1 
HETATM 965  C "C3'" . LCG D 1 4  ? -15.341 3.700   8.623   1.00 25.88 ?  4   LCG D "C3'" 1 
HETATM 966  C "C6'" . LCG D 1 4  ? -15.729 2.124   10.343  1.00 20.99 ?  4   LCG D "C6'" 1 
HETATM 967  N N9    . LCG D 1 4  ? -12.912 2.709   7.123   1.00 21.49 ?  4   LCG D N9    1 
HETATM 968  C C8    . LCG D 1 4  ? -13.374 2.668   5.846   1.00 18.35 ?  4   LCG D C8    1 
HETATM 969  C C4    . LCG D 1 4  ? -11.636 3.035   7.050   1.00 22.05 ?  4   LCG D C4    1 
HETATM 970  N N7    . LCG D 1 4  ? -12.383 2.980   5.007   1.00 20.89 ?  4   LCG D N7    1 
HETATM 971  C C5    . LCG D 1 4  ? -11.296 3.254   5.747   1.00 19.66 ?  4   LCG D C5    1 
HETATM 972  C C6    . LCG D 1 4  ? -10.032 3.583   5.430   1.00 20.72 ?  4   LCG D C6    1 
HETATM 973  C "C2'" . LCG D 1 4  ? -14.076 3.450   9.286   1.00 23.35 ?  4   LCG D "C2'" 1 
HETATM 974  O O6    . LCG D 1 4  ? -9.667  3.800   4.252   1.00 23.13 ?  4   LCG D O6    1 
HETATM 975  C "C4'" . LCG D 1 4  ? -15.750 2.215   8.823   1.00 23.01 ?  4   LCG D "C4'" 1 
HETATM 976  C "C1'" . LCG D 1 4  ? -13.513 2.333   8.437   1.00 20.95 ?  4   LCG D "C1'" 1 
HETATM 977  C C2    . LCG D 1 4  ? -9.518  3.554   7.778   1.00 20.82 ?  4   LCG D C2    1 
HETATM 978  N N1    . LCG D 1 4  ? -9.152  3.786   6.429   1.00 16.33 ?  4   LCG D N1    1 
HETATM 979  O "O4'" . LCG D 1 4  ? -14.632 1.376   8.242   1.00 22.06 ?  4   LCG D "O4'" 1 
HETATM 980  O OP2   . LCG D 1 4  ? -17.779 2.254   4.406   1.00 34.10 -1 4   LCG D OP2   1 
HETATM 981  N N2    . LCG D 1 4  ? -8.662  3.753   8.795   1.00 19.30 ?  4   LCG D N2    1 
HETATM 982  N N3    . LCG D 1 4  ? -10.799 3.208   8.046   1.00 20.29 ?  4   LCG D N3    1 
HETATM 983  O "O2'" . LCG D 1 4  ? -14.502 2.918   10.607  1.00 25.41 ?  4   LCG D "O2'" 1 
HETATM 984  O "O3'" . LCG D 1 4  ? -16.170 4.607   9.367   1.00 26.24 ?  4   LCG D "O3'" 1 
ATOM   985  P P     . A   D 1 5  ? -16.455 6.081   8.831   1.00 23.54 ?  5   A   D P     1 
ATOM   986  O OP1   . A   D 1 5  ? -17.630 6.669   9.601   1.00 24.26 ?  5   A   D OP1   1 
ATOM   987  O OP2   . A   D 1 5  ? -16.511 6.082   7.346   1.00 20.84 -1 5   A   D OP2   1 
ATOM   988  O "O5'" . A   D 1 5  ? -15.190 6.880   9.364   1.00 26.50 ?  5   A   D "O5'" 1 
ATOM   989  C "C5'" . A   D 1 5  ? -14.930 6.813   10.809  1.00 21.83 ?  5   A   D "C5'" 1 
ATOM   990  C "C4'" . A   D 1 5  ? -13.518 7.243   11.139  1.00 23.47 ?  5   A   D "C4'" 1 
ATOM   991  O "O4'" . A   D 1 5  ? -12.550 6.268   10.649  1.00 24.33 ?  5   A   D "O4'" 1 
ATOM   992  C "C3'" . A   D 1 5  ? -13.019 8.574   10.579  1.00 21.91 ?  5   A   D "C3'" 1 
ATOM   993  O "O3'" . A   D 1 5  ? -13.412 9.621   11.438  1.00 25.85 ?  5   A   D "O3'" 1 
ATOM   994  C "C2'" . A   D 1 5  ? -11.504 8.371   10.688  1.00 20.94 ?  5   A   D "C2'" 1 
ATOM   995  O "O2'" . A   D 1 5  ? -11.097 8.501   12.038  1.00 18.20 ?  5   A   D "O2'" 1 
ATOM   996  C "C1'" . A   D 1 5  ? -11.375 6.922   10.217  1.00 23.36 ?  5   A   D "C1'" 1 
ATOM   997  N N9    . A   D 1 5  ? -11.327 6.826   8.761   1.00 22.36 ?  5   A   D N9    1 
ATOM   998  C C8    . A   D 1 5  ? -12.390 6.526   7.944   1.00 23.12 ?  5   A   D C8    1 
ATOM   999  N N7    . A   D 1 5  ? -12.077 6.458   6.679   1.00 20.63 ?  5   A   D N7    1 
ATOM   1000 C C5    . A   D 1 5  ? -10.737 6.820   6.650   1.00 20.40 ?  5   A   D C5    1 
ATOM   1001 C C6    . A   D 1 5  ? -9.826  6.935   5.602   1.00 22.34 ?  5   A   D C6    1 
ATOM   1002 N N6    . A   D 1 5  ? -10.167 6.750   4.325   1.00 22.87 ?  5   A   D N6    1 
ATOM   1003 N N1    . A   D 1 5  ? -8.537  7.228   5.908   1.00 22.53 ?  5   A   D N1    1 
ATOM   1004 C C2    . A   D 1 5  ? -8.215  7.425   7.192   1.00 24.22 ?  5   A   D C2    1 
ATOM   1005 N N3    . A   D 1 5  ? -8.989  7.338   8.274   1.00 22.02 ?  5   A   D N3    1 
ATOM   1006 C C4    . A   D 1 5  ? -10.256 7.031   7.926   1.00 19.77 ?  5   A   D C4    1 
ATOM   1007 P P     . C   D 1 6  ? -13.909 11.022  10.801  1.00 22.35 ?  6   C   D P     1 
ATOM   1008 O OP1   . C   D 1 6  ? -14.838 11.668  11.789  1.00 23.21 ?  6   C   D OP1   1 
ATOM   1009 O OP2   . C   D 1 6  ? -14.327 10.737  9.384   1.00 20.10 -1 6   C   D OP2   1 
ATOM   1010 O "O5'" . C   D 1 6  ? -12.586 11.869  10.611  1.00 26.03 ?  6   C   D "O5'" 1 
ATOM   1011 C "C5'" . C   D 1 6  ? -11.609 12.005  11.654  1.00 24.23 ?  6   C   D "C5'" 1 
ATOM   1012 C "C4'" . C   D 1 6  ? -10.242 12.135  11.045  1.00 23.68 ?  6   C   D "C4'" 1 
ATOM   1013 O "O4'" . C   D 1 6  ? -9.923  10.955  10.256  1.00 22.16 ?  6   C   D "O4'" 1 
ATOM   1014 C "C3'" . C   D 1 6  ? -10.078 13.259  10.042  1.00 26.25 ?  6   C   D "C3'" 1 
ATOM   1015 O "O3'" . C   D 1 6  ? -9.922  14.510  10.653  1.00 22.50 ?  6   C   D "O3'" 1 
ATOM   1016 C "C2'" . C   D 1 6  ? -8.829  12.835  9.312   1.00 24.21 ?  6   C   D "C2'" 1 
ATOM   1017 O "O2'" . C   D 1 6  ? -7.665  13.058  10.083  1.00 32.75 ?  6   C   D "O2'" 1 
ATOM   1018 C "C1'" . C   D 1 6  ? -9.077  11.336  9.179   1.00 24.81 ?  6   C   D "C1'" 1 
ATOM   1019 N N1    . C   D 1 6  ? -9.722  10.951  7.922   1.00 23.42 ?  6   C   D N1    1 
ATOM   1020 C C2    . C   D 1 6  ? -8.920  10.794  6.784   1.00 22.79 ?  6   C   D C2    1 
ATOM   1021 O O2    . C   D 1 6  ? -7.702  11.022  6.867   1.00 22.50 ?  6   C   D O2    1 
ATOM   1022 N N3    . C   D 1 6  ? -9.500  10.438  5.616   1.00 21.67 ?  6   C   D N3    1 
ATOM   1023 C C4    . C   D 1 6  ? -10.803 10.170  5.573   1.00 23.62 ?  6   C   D C4    1 
ATOM   1024 N N4    . C   D 1 6  ? -11.325 9.798   4.392   1.00 24.27 ?  6   C   D N4    1 
ATOM   1025 C C5    . C   D 1 6  ? -11.652 10.383  6.696   1.00 18.19 ?  6   C   D C5    1 
ATOM   1026 C C6    . C   D 1 6  ? -11.075 10.759  7.846   1.00 21.12 ?  6   C   D C6    1 
ATOM   1027 P P     . U   D 1 7  ? -10.414 15.834  9.910   1.00 27.58 ?  7   U   D P     1 
ATOM   1028 O OP1   . U   D 1 7  ? -10.200 16.914  10.851  1.00 26.43 ?  7   U   D OP1   1 
ATOM   1029 O OP2   . U   D 1 7  ? -11.785 15.579  9.407   1.00 26.39 -1 7   U   D OP2   1 
ATOM   1030 O "O5'" . U   D 1 7  ? -9.357  15.966  8.716   1.00 24.10 ?  7   U   D "O5'" 1 
ATOM   1031 C "C5'" . U   D 1 7  ? -7.988  16.317  8.936   1.00 23.85 ?  7   U   D "C5'" 1 
ATOM   1032 C "C4'" . U   D 1 7  ? -7.217  16.519  7.623   1.00 25.07 ?  7   U   D "C4'" 1 
ATOM   1033 O "O4'" . U   D 1 7  ? -6.988  15.250  6.926   1.00 24.98 ?  7   U   D "O4'" 1 
ATOM   1034 C "C3'" . U   D 1 7  ? -7.845  17.422  6.564   1.00 26.62 ?  7   U   D "C3'" 1 
ATOM   1035 O "O3'" . U   D 1 7  ? -7.559  18.807  6.790   1.00 29.42 ?  7   U   D "O3'" 1 
ATOM   1036 C "C2'" . U   D 1 7  ? -7.103  16.944  5.326   1.00 25.08 ?  7   U   D "C2'" 1 
ATOM   1037 O "O2'" . U   D 1 7  ? -5.728  17.338  5.459   1.00 25.27 ?  7   U   D "O2'" 1 
ATOM   1038 C "C1'" . U   D 1 7  ? -7.145  15.429  5.526   1.00 25.56 ?  7   U   D "C1'" 1 
ATOM   1039 N N1    . U   D 1 7  ? -8.355  14.705  5.075   1.00 24.42 ?  7   U   D N1    1 
ATOM   1040 C C2    . U   D 1 7  ? -8.357  14.202  3.786   1.00 22.47 ?  7   U   D C2    1 
ATOM   1041 O O2    . U   D 1 7  ? -7.445  14.383  3.010   1.00 28.09 ?  7   U   D O2    1 
ATOM   1042 N N3    . U   D 1 7  ? -9.498  13.523  3.429   1.00 20.55 ?  7   U   D N3    1 
ATOM   1043 C C4    . U   D 1 7  ? -10.606 13.288  4.208   1.00 20.80 ?  7   U   D C4    1 
ATOM   1044 O O4    . U   D 1 7  ? -11.540 12.637  3.745   1.00 23.04 ?  7   U   D O4    1 
ATOM   1045 C C5    . U   D 1 7  ? -10.533 13.837  5.525   1.00 22.86 ?  7   U   D C5    1 
ATOM   1046 C C6    . U   D 1 7  ? -9.440  14.516  5.901   1.00 22.54 ?  7   U   D C6    1 
ATOM   1047 P P     . U   D 1 8  ? -8.592  19.956  6.316   1.00 34.78 ?  8   U   D P     1 
ATOM   1048 O OP1   . U   D 1 8  ? -8.094  21.262  6.815   1.00 34.86 ?  8   U   D OP1   1 
ATOM   1049 O OP2   . U   D 1 8  ? -9.968  19.503  6.612   1.00 32.39 ?  8   U   D OP2   1 
ATOM   1050 O "O5'" . U   D 1 8  ? -8.443  20.023  4.739   1.00 28.39 ?  8   U   D "O5'" 1 
ATOM   1051 C "C5'" . U   D 1 8  ? -7.151  20.282  4.155   1.00 25.45 ?  8   U   D "C5'" 1 
ATOM   1052 C "C4'" . U   D 1 8  ? -7.176  19.932  2.701   1.00 24.62 ?  8   U   D "C4'" 1 
ATOM   1053 O "O4'" . U   D 1 8  ? -7.352  18.499  2.521   1.00 21.75 ?  8   U   D "O4'" 1 
ATOM   1054 C "C3'" . U   D 1 8  ? -8.344  20.534  1.941   1.00 23.58 ?  8   U   D "C3'" 1 
ATOM   1055 O "O3'" . U   D 1 8  ? -8.129  21.914  1.678   1.00 22.70 ?  8   U   D "O3'" 1 
ATOM   1056 C "C2'" . U   D 1 8  ? -8.387  19.646  0.715   1.00 23.43 ?  8   U   D "C2'" 1 
ATOM   1057 O "O2'" . U   D 1 8  ? -7.392  19.951  -0.247  1.00 31.72 ?  8   U   D "O2'" 1 
ATOM   1058 C "C1'" . U   D 1 8  ? -8.126  18.271  1.351   1.00 23.14 ?  8   U   D "C1'" 1 
ATOM   1059 N N1    . U   D 1 8  ? -9.367  17.579  1.726   1.00 25.23 ?  8   U   D N1    1 
ATOM   1060 C C2    . U   D 1 8  ? -9.943  16.777  0.758   1.00 24.78 ?  8   U   D C2    1 
ATOM   1061 O O2    . U   D 1 8  ? -9.451  16.614  -0.356  1.00 23.89 ?  8   U   D O2    1 
ATOM   1062 N N3    . U   D 1 8  ? -11.092 16.141  1.152   1.00 22.60 ?  8   U   D N3    1 
ATOM   1063 C C4    . U   D 1 8  ? -11.767 16.282  2.351   1.00 20.19 ?  8   U   D C4    1 
ATOM   1064 O O4    . U   D 1 8  ? -12.791 15.615  2.549   1.00 22.23 ?  8   U   D O4    1 
ATOM   1065 C C5    . U   D 1 8  ? -11.118 17.136  3.300   1.00 20.92 ?  8   U   D C5    1 
ATOM   1066 C C6    . U   D 1 8  ? -9.979  17.758  2.956   1.00 21.76 ?  8   U   D C6    1 
ATOM   1067 P P     . A   D 1 9  ? -9.368  22.970  1.682   1.00 27.59 ?  9   A   D P     1 
ATOM   1068 O OP1   . A   D 1 9  ? -8.734  24.299  1.564   1.00 22.42 ?  9   A   D OP1   1 
ATOM   1069 O OP2   . A   D 1 9  ? -10.177 22.664  2.857   1.00 26.79 -1 9   A   D OP2   1 
ATOM   1070 O "O5'" . A   D 1 9  ? -10.117 22.649  0.299   1.00 29.60 ?  9   A   D "O5'" 1 
ATOM   1071 C "C5'" . A   D 1 9  ? -9.492  22.879  -0.970  1.00 31.27 ?  9   A   D "C5'" 1 
ATOM   1072 C "C4'" . A   D 1 9  ? -10.353 22.357  -2.106  1.00 29.71 ?  9   A   D "C4'" 1 
ATOM   1073 O "O4'" . A   D 1 9  ? -10.336 20.900  -2.144  1.00 28.87 ?  9   A   D "O4'" 1 
ATOM   1074 C "C3'" . A   D 1 9  ? -11.836 22.692  -2.068  1.00 29.28 ?  9   A   D "C3'" 1 
ATOM   1075 O "O3'" . A   D 1 9  ? -12.111 24.039  -2.471  1.00 32.36 ?  9   A   D "O3'" 1 
ATOM   1076 C "C2'" . A   D 1 9  ? -12.385 21.662  -3.045  1.00 27.92 ?  9   A   D "C2'" 1 
ATOM   1077 O "O2'" . A   D 1 9  ? -12.138 22.037  -4.380  1.00 22.45 ?  9   A   D "O2'" 1 
ATOM   1078 C "C1'" . A   D 1 9  ? -11.583 20.427  -2.636  1.00 28.83 ?  9   A   D "C1'" 1 
ATOM   1079 N N9    . A   D 1 9  ? -12.257 19.658  -1.581  1.00 29.95 ?  9   A   D N9    1 
ATOM   1080 C C8    . A   D 1 9  ? -12.016 19.656  -0.225  1.00 27.85 ?  9   A   D C8    1 
ATOM   1081 N N7    . A   D 1 9  ? -12.783 18.833  0.448   1.00 26.20 ?  9   A   D N7    1 
ATOM   1082 C C5    . A   D 1 9  ? -13.581 18.252  -0.529  1.00 26.85 ?  9   A   D C5    1 
ATOM   1083 C C6    . A   D 1 9  ? -14.607 17.302  -0.461  1.00 27.21 ?  9   A   D C6    1 
ATOM   1084 N N6    . A   D 1 9  ? -15.007 16.734  0.678   1.00 26.92 ?  9   A   D N6    1 
ATOM   1085 N N1    . A   D 1 9  ? -15.203 16.934  -1.617  1.00 26.61 ?  9   A   D N1    1 
ATOM   1086 C C2    . A   D 1 9  ? -14.762 17.465  -2.764  1.00 23.67 ?  9   A   D C2    1 
ATOM   1087 N N3    . A   D 1 9  ? -13.824 18.389  -2.954  1.00 26.31 ?  9   A   D N3    1 
ATOM   1088 C C4    . A   D 1 9  ? -13.261 18.742  -1.784  1.00 27.84 ?  9   A   D C4    1 
ATOM   1089 P P     . A   D 1 10 ? -13.311 24.873  -1.796  1.00 39.58 ?  10  A   D P     1 
ATOM   1090 O OP1   . A   D 1 10 ? -13.114 26.294  -2.190  1.00 40.09 ?  10  A   D OP1   1 
ATOM   1091 O OP2   . A   D 1 10 ? -13.457 24.502  -0.372  1.00 34.78 -1 10  A   D OP2   1 
ATOM   1092 O "O5'" . A   D 1 10 ? -14.578 24.277  -2.557  1.00 36.04 ?  10  A   D "O5'" 1 
ATOM   1093 C "C5'" . A   D 1 10 ? -14.664 24.478  -3.962  1.00 34.74 ?  10  A   D "C5'" 1 
ATOM   1094 C "C4'" . A   D 1 10 ? -15.772 23.656  -4.547  1.00 32.37 ?  10  A   D "C4'" 1 
ATOM   1095 O "O4'" . A   D 1 10 ? -15.519 22.234  -4.380  1.00 34.09 ?  10  A   D "O4'" 1 
ATOM   1096 C "C3'" . A   D 1 10 ? -17.143 23.826  -3.906  1.00 33.08 ?  10  A   D "C3'" 1 
ATOM   1097 O "O3'" . A   D 1 10 ? -17.714 25.104  -4.151  1.00 35.28 ?  10  A   D "O3'" 1 
ATOM   1098 C "C2'" . A   D 1 10 ? -17.836 22.583  -4.453  1.00 31.20 ?  10  A   D "C2'" 1 
ATOM   1099 O "O2'" . A   D 1 10 ? -18.005 22.535  -5.855  1.00 26.24 ?  10  A   D "O2'" 1 
ATOM   1100 C "C1'" . A   D 1 10 ? -16.751 21.545  -4.187  1.00 31.30 ?  10  A   D "C1'" 1 
ATOM   1101 N N9    . A   D 1 10 ? -16.777 21.022  -2.820  1.00 30.08 ?  10  A   D N9    1 
ATOM   1102 C C8    . A   D 1 10 ? -16.035 21.464  -1.751  1.00 29.21 ?  10  A   D C8    1 
ATOM   1103 N N7    . A   D 1 10 ? -16.257 20.801  -0.644  1.00 27.17 ?  10  A   D N7    1 
ATOM   1104 C C5    . A   D 1 10 ? -17.218 19.870  -1.001  1.00 28.65 ?  10  A   D C5    1 
ATOM   1105 C C6    . A   D 1 10 ? -17.861 18.851  -0.278  1.00 27.48 ?  10  A   D C6    1 
ATOM   1106 N N6    . A   D 1 10 ? -17.646 18.614  1.017   1.00 29.78 ?  10  A   D N6    1 
ATOM   1107 N N1    . A   D 1 10 ? -18.744 18.075  -0.940  1.00 29.57 ?  10  A   D N1    1 
ATOM   1108 C C2    . A   D 1 10 ? -18.963 18.316  -2.238  1.00 26.72 ?  10  A   D C2    1 
ATOM   1109 N N3    . A   D 1 10 ? -18.409 19.229  -3.028  1.00 27.37 ?  10  A   D N3    1 
ATOM   1110 C C4    . A   D 1 10 ? -17.549 19.994  -2.338  1.00 26.08 ?  10  A   D C4    1 
ATOM   1111 P P     . G   D 1 11 ? -18.868 25.661  -3.161  1.00 31.90 ?  11  G   D P     1 
ATOM   1112 O OP1   . G   D 1 11 ? -19.483 26.891  -3.783  1.00 34.48 ?  11  G   D OP1   1 
ATOM   1113 O OP2   . G   D 1 11 ? -18.347 25.789  -1.742  1.00 32.10 -1 11  G   D OP2   1 
ATOM   1114 O "O5'" . G   D 1 11 ? -19.981 24.478  -3.095  1.00 33.75 ?  11  G   D "O5'" 1 
ATOM   1115 C "C5'" . G   D 1 11 ? -21.167 24.591  -3.890  1.00 28.78 ?  11  G   D "C5'" 1 
ATOM   1116 C "C4'" . G   D 1 11 ? -22.023 23.358  -3.722  1.00 26.30 ?  11  G   D "C4'" 1 
ATOM   1117 O "O4'" . G   D 1 11 ? -21.200 22.205  -3.398  1.00 25.14 ?  11  G   D "O4'" 1 
ATOM   1118 C "C3'" . G   D 1 11 ? -23.077 23.375  -2.604  1.00 25.05 ?  11  G   D "C3'" 1 
ATOM   1119 O "O3'" . G   D 1 11 ? -24.130 24.231  -3.018  1.00 23.91 ?  11  G   D "O3'" 1 
ATOM   1120 C "C2'" . G   D 1 11 ? -23.364 21.863  -2.539  1.00 25.24 ?  11  G   D "C2'" 1 
ATOM   1121 O "O2'" . G   D 1 11 ? -24.131 21.405  -3.632  1.00 27.84 ?  11  G   D "O2'" 1 
ATOM   1122 C "C1'" . G   D 1 11 ? -21.951 21.298  -2.619  1.00 24.27 ?  11  G   D "C1'" 1 
ATOM   1123 N N9    . G   D 1 11 ? -21.315 21.207  -1.307  1.00 24.82 ?  11  G   D N9    1 
ATOM   1124 C C8    . G   D 1 11 ? -20.319 22.010  -0.823  1.00 21.83 ?  11  G   D C8    1 
ATOM   1125 N N7    . G   D 1 11 ? -19.971 21.707  0.399   1.00 21.58 ?  11  G   D N7    1 
ATOM   1126 C C5    . G   D 1 11 ? -20.752 20.617  0.734   1.00 21.88 ?  11  G   D C5    1 
ATOM   1127 C C6    . G   D 1 11 ? -20.833 19.879  1.948   1.00 23.06 ?  11  G   D C6    1 
ATOM   1128 O O6    . G   D 1 11 ? -20.195 20.017  2.996   1.00 31.69 ?  11  G   D O6    1 
ATOM   1129 N N1    . G   D 1 11 ? -21.798 18.884  1.874   1.00 25.47 ?  11  G   D N1    1 
ATOM   1130 C C2    . G   D 1 11 ? -22.605 18.657  0.791   1.00 25.68 ?  11  G   D C2    1 
ATOM   1131 N N2    . G   D 1 11 ? -23.470 17.651  0.894   1.00 23.69 ?  11  G   D N2    1 
ATOM   1132 N N3    . G   D 1 11 ? -22.532 19.337  -0.347  1.00 24.78 ?  11  G   D N3    1 
ATOM   1133 C C4    . G   D 1 11 ? -21.614 20.322  -0.294  1.00 23.56 ?  11  G   D C4    1 
ATOM   1134 P P     . U   D 1 12 ? -25.214 24.800  -1.959  1.00 33.33 ?  12  U   D P     1 
ATOM   1135 O OP1   . U   D 1 12 ? -26.260 25.569  -2.720  1.00 32.30 ?  12  U   D OP1   1 
ATOM   1136 O OP2   . U   D 1 12 ? -24.489 25.455  -0.832  1.00 31.13 -1 12  U   D OP2   1 
ATOM   1137 O "O5'" . U   D 1 12 ? -25.918 23.472  -1.467  1.00 31.68 ?  12  U   D "O5'" 1 
ATOM   1138 C "C5'" . U   D 1 12 ? -26.795 22.748  -2.312  1.00 30.28 ?  12  U   D "C5'" 1 
ATOM   1139 C "C4'" . U   D 1 12 ? -27.427 21.687  -1.470  1.00 28.31 ?  12  U   D "C4'" 1 
ATOM   1140 O "O4'" . U   D 1 12 ? -26.395 20.745  -1.039  1.00 27.90 ?  12  U   D "O4'" 1 
ATOM   1141 C "C3'" . U   D 1 12 ? -28.038 22.189  -0.165  1.00 26.57 ?  12  U   D "C3'" 1 
ATOM   1142 O "O3'" . U   D 1 12 ? -29.368 22.676  -0.256  1.00 25.98 ?  12  U   D "O3'" 1 
ATOM   1143 C "C2'" . U   D 1 12 ? -28.037 20.918  0.655   1.00 26.96 ?  12  U   D "C2'" 1 
ATOM   1144 O "O2'" . U   D 1 12 ? -29.053 20.061  0.198   1.00 24.74 ?  12  U   D "O2'" 1 
ATOM   1145 C "C1'" . U   D 1 12 ? -26.664 20.344  0.303   1.00 26.98 ?  12  U   D "C1'" 1 
ATOM   1146 N N1    . U   D 1 12 ? -25.561 20.771  1.188   1.00 30.38 ?  12  U   D N1    1 
ATOM   1147 C C2    . U   D 1 12 ? -25.424 20.077  2.382   1.00 28.21 ?  12  U   D C2    1 
ATOM   1148 O O2    . U   D 1 12 ? -26.222 19.228  2.749   1.00 25.58 ?  12  U   D O2    1 
ATOM   1149 N N3    . U   D 1 12 ? -24.361 20.465  3.157   1.00 30.87 ?  12  U   D N3    1 
ATOM   1150 C C4    . U   D 1 12 ? -23.432 21.452  2.876   1.00 34.42 ?  12  U   D C4    1 
ATOM   1151 O O4    . U   D 1 12 ? -22.525 21.680  3.684   1.00 34.21 ?  12  U   D O4    1 
ATOM   1152 C C5    . U   D 1 12 ? -23.648 22.136  1.632   1.00 31.79 ?  12  U   D C5    1 
ATOM   1153 C C6    . U   D 1 12 ? -24.676 21.771  0.844   1.00 27.99 ?  12  U   D C6    1 
ATOM   1154 P P     . C   D 1 13 ? -29.908 23.832  0.700   1.00 29.42 ?  13  C   D P     1 
ATOM   1155 O OP1   . C   D 1 13 ? -31.065 24.444  -0.021  1.00 29.52 ?  13  C   D OP1   1 
ATOM   1156 O OP2   . C   D 1 13 ? -28.783 24.706  1.106   1.00 29.81 -1 13  C   D OP2   1 
ATOM   1157 O "O5'" . C   D 1 13 ? -30.405 23.106  2.035   1.00 28.75 ?  13  C   D "O5'" 1 
ATOM   1158 C "C5'" . C   D 1 13 ? -31.351 22.017  2.016   1.00 30.66 ?  13  C   D "C5'" 1 
ATOM   1159 C "C4'" . C   D 1 13 ? -31.170 21.155  3.248   1.00 28.53 ?  13  C   D "C4'" 1 
ATOM   1160 O "O4'" . C   D 1 13 ? -29.830 20.610  3.275   1.00 27.70 ?  13  C   D "O4'" 1 
ATOM   1161 C "C3'" . C   D 1 13 ? -31.283 21.896  4.567   1.00 26.51 ?  13  C   D "C3'" 1 
ATOM   1162 O "O3'" . C   D 1 13 ? -32.660 22.009  4.911   1.00 26.10 ?  13  C   D "O3'" 1 
ATOM   1163 C "C2'" . C   D 1 13 ? -30.523 20.981  5.514   1.00 25.68 ?  13  C   D "C2'" 1 
ATOM   1164 O "O2'" . C   D 1 13 ? -31.306 19.858  5.814   1.00 28.27 ?  13  C   D "O2'" 1 
ATOM   1165 C "C1'" . C   D 1 13 ? -29.387 20.480  4.621   1.00 26.56 ?  13  C   D "C1'" 1 
ATOM   1166 N N1    . C   D 1 13 ? -28.131 21.236  4.785   1.00 26.20 ?  13  C   D N1    1 
ATOM   1167 C C2    . C   D 1 13 ? -27.319 20.975  5.903   1.00 27.51 ?  13  C   D C2    1 
ATOM   1168 O O2    . C   D 1 13 ? -27.666 20.107  6.719   1.00 24.95 ?  13  C   D O2    1 
ATOM   1169 N N3    . C   D 1 13 ? -26.163 21.662  6.055   1.00 25.53 ?  13  C   D N3    1 
ATOM   1170 C C4    . C   D 1 13 ? -25.838 22.622  5.192   1.00 23.13 ?  13  C   D C4    1 
ATOM   1171 N N4    . C   D 1 13 ? -24.689 23.275  5.400   1.00 21.54 ?  13  C   D N4    1 
ATOM   1172 C C5    . C   D 1 13 ? -26.658 22.935  4.064   1.00 24.83 ?  13  C   D C5    1 
ATOM   1173 C C6    . C   D 1 13 ? -27.786 22.222  3.901   1.00 24.19 ?  13  C   D C6    1 
ATOM   1174 P P     . G   D 1 14 ? -33.091 23.199  5.796   1.00 21.91 ?  14  G   D P     1 
ATOM   1175 O OP1   . G   D 1 14 ? -34.577 23.250  5.940   1.00 24.23 ?  14  G   D OP1   1 
ATOM   1176 O OP2   . G   D 1 14 ? -32.358 24.424  5.324   1.00 26.75 -1 14  G   D OP2   1 
ATOM   1177 O "O5'" . G   D 1 14 ? -32.396 22.913  7.198   1.00 25.46 ?  14  G   D "O5'" 1 
ATOM   1178 C "C5'" . G   D 1 14 ? -32.876 21.821  8.000   1.00 22.68 ?  14  G   D "C5'" 1 
ATOM   1179 C "C4'" . G   D 1 14 ? -31.994 21.739  9.214   1.00 24.04 ?  14  G   D "C4'" 1 
ATOM   1180 O "O4'" . G   D 1 14 ? -30.624 21.540  8.803   1.00 26.54 ?  14  G   D "O4'" 1 
ATOM   1181 C "C3'" . G   D 1 14 ? -31.881 22.977  10.099  1.00 24.77 ?  14  G   D "C3'" 1 
ATOM   1182 O "O3'" . G   D 1 14 ? -33.071 23.193  10.848  1.00 26.65 ?  14  G   D "O3'" 1 
ATOM   1183 C "C2'" . G   D 1 14 ? -30.666 22.532  10.916  1.00 23.64 ?  14  G   D "C2'" 1 
ATOM   1184 O "O2'" . G   D 1 14 ? -30.797 21.400  11.729  1.00 20.60 ?  14  G   D "O2'" 1 
ATOM   1185 C "C1'" . G   D 1 14 ? -29.766 21.947  9.846   1.00 27.58 ?  14  G   D "C1'" 1 
ATOM   1186 N N9    . G   D 1 14 ? -28.747 22.856  9.348   1.00 29.27 ?  14  G   D N9    1 
ATOM   1187 C C8    . G   D 1 14 ? -28.735 23.554  8.164   1.00 26.50 ?  14  G   D C8    1 
ATOM   1188 N N7    . G   D 1 14 ? -27.625 24.227  7.983   1.00 29.11 ?  14  G   D N7    1 
ATOM   1189 C C5    . G   D 1 14 ? -26.860 23.949  9.112   1.00 27.35 ?  14  G   D C5    1 
ATOM   1190 C C6    . G   D 1 14 ? -25.565 24.398  9.480   1.00 25.86 ?  14  G   D C6    1 
ATOM   1191 O O6    . G   D 1 14 ? -24.811 25.174  8.871   1.00 25.18 ?  14  G   D O6    1 
ATOM   1192 N N1    . G   D 1 14 ? -25.183 23.864  10.717  1.00 25.67 ?  14  G   D N1    1 
ATOM   1193 C C2    . G   D 1 14 ? -25.921 22.990  11.485  1.00 22.59 ?  14  G   D C2    1 
ATOM   1194 N N2    . G   D 1 14 ? -25.374 22.576  12.640  1.00 19.21 ?  14  G   D N2    1 
ATOM   1195 N N3    . G   D 1 14 ? -27.141 22.575  11.146  1.00 23.65 ?  14  G   D N3    1 
ATOM   1196 C C4    . G   D 1 14 ? -27.524 23.064  9.935   1.00 26.25 ?  14  G   D C4    1 
HETATM 1197 O O6A   . WZW E 2 .  ? 8.931   2.034   -2.281  1.00 24.08 ?  101 WZW B O6A   1 
HETATM 1198 C C6A   . WZW E 2 .  ? 9.681   2.416   -1.372  1.00 24.13 ?  101 WZW B C6A   1 
HETATM 1199 N N1A   . WZW E 2 .  ? 10.968  2.807   -1.758  1.00 25.96 ?  101 WZW B N1A   1 
HETATM 1200 C C2A   . WZW E 2 .  ? 11.843  3.233   -0.819  1.00 25.04 ?  101 WZW B C2A   1 
HETATM 1201 N N2A   . WZW E 2 .  ? 13.016  3.647   -1.242  1.00 22.45 ?  101 WZW B N2A   1 
HETATM 1202 N N3A   . WZW E 2 .  ? 11.499  3.227   0.472   1.00 27.36 ?  101 WZW B N3A   1 
HETATM 1203 C C4A   . WZW E 2 .  ? 10.270  2.798   0.856   1.00 27.44 ?  101 WZW B C4A   1 
HETATM 1204 C C5A   . WZW E 2 .  ? 9.364   2.377   -0.054  1.00 26.73 ?  101 WZW B C5A   1 
HETATM 1205 N N7A   . WZW E 2 .  ? 8.244   2.030   0.613   1.00 28.38 ?  101 WZW B N7A   1 
HETATM 1206 C C8A   . WZW E 2 .  ? 8.496   2.242   1.916   1.00 31.60 ?  101 WZW B C8A   1 
HETATM 1207 N N9A   . WZW E 2 .  ? 9.756   2.682   2.061   1.00 31.43 ?  101 WZW B N9A   1 
HETATM 1208 C C1D   . WZW E 2 .  ? 10.460  3.049   3.302   1.00 38.75 ?  101 WZW B C1D   1 
HETATM 1209 O O4D   . WZW E 2 .  ? 9.603   2.849   4.459   1.00 47.91 ?  101 WZW B O4D   1 
HETATM 1210 C C2D   . WZW E 2 .  ? 10.867  4.560   3.346   1.00 46.80 ?  101 WZW B C2D   1 
HETATM 1211 O O2D   . WZW E 2 .  ? 12.300  4.727   3.463   1.00 53.76 ?  101 WZW B O2D   1 
HETATM 1212 C C3D   . WZW E 2 .  ? 10.221  5.067   4.576   1.00 46.43 ?  101 WZW B C3D   1 
HETATM 1213 O O3D   . WZW E 2 .  ? 11.042  6.075   5.206   1.00 47.66 ?  101 WZW B O3D   1 
HETATM 1214 C C4D   . WZW E 2 .  ? 10.189  3.781   5.400   1.00 50.20 ?  101 WZW B C4D   1 
HETATM 1215 C C5D   . WZW E 2 .  ? 9.350   3.976   6.634   1.00 54.16 ?  101 WZW B C5D   1 
HETATM 1216 O O5D   . WZW E 2 .  ? 8.092   3.424   6.241   1.00 60.94 ?  101 WZW B O5D   1 
HETATM 1217 P PA    . WZW E 2 .  ? 6.698   4.185   6.276   1.00 71.53 ?  101 WZW B PA    1 
HETATM 1218 O O1A   . WZW E 2 .  ? 5.774   3.116   5.854   1.00 80.03 ?  101 WZW B O1A   1 
HETATM 1219 O O2A   . WZW E 2 .  ? 6.521   4.667   7.671   1.00 68.11 ?  101 WZW B O2A   1 
HETATM 1220 N N1C   . WZW E 2 .  ? 6.794   5.366   5.259   1.00 59.45 ?  101 WZW B N1C   1 
HETATM 1221 C C1C   . WZW E 2 .  ? 6.488   5.533   3.981   1.00 50.73 ?  101 WZW B C1C   1 
HETATM 1222 N N3C   . WZW E 2 .  ? 6.111   4.594   3.103   1.00 45.77 ?  101 WZW B N3C   1 
HETATM 1223 C C3C   . WZW E 2 .  ? 7.126   6.551   5.787   1.00 58.57 ?  101 WZW B C3C   1 
HETATM 1224 C C2C   . WZW E 2 .  ? 7.068   7.450   4.828   1.00 54.59 ?  101 WZW B C2C   1 
HETATM 1225 N N2C   . WZW E 2 .  ? 6.683   6.823   3.727   1.00 49.09 ?  101 WZW B N2C   1 
HETATM 1226 P PG    . WZW E 2 .  ? 6.475   7.535   2.455   1.00 40.86 ?  101 WZW B PG    1 
HETATM 1227 O O2G   . WZW E 2 .  ? 6.128   9.072   2.853   1.00 41.00 ?  101 WZW B O2G   1 
HETATM 1228 O O1G   . WZW E 2 .  ? 5.463   6.976   1.525   1.00 42.76 ?  101 WZW B O1G   1 
HETATM 1229 O O5E   . WZW E 2 .  ? 7.916   7.743   1.798   1.00 41.97 ?  101 WZW B O5E   1 
HETATM 1230 C C5E   . WZW E 2 .  ? 9.047   7.076   2.306   1.00 40.43 ?  101 WZW B C5E   1 
HETATM 1231 C C4E   . WZW E 2 .  ? 10.280  7.521   1.485   1.00 34.60 ?  101 WZW B C4E   1 
HETATM 1232 O O4E   . WZW E 2 .  ? 11.122  6.502   0.755   1.00 31.94 ?  101 WZW B O4E   1 
HETATM 1233 C C3E   . WZW E 2 .  ? 9.772   8.469   0.433   1.00 33.11 ?  101 WZW B C3E   1 
HETATM 1234 O O3E   . WZW E 2 .  ? 10.015  9.788   0.845   1.00 30.72 ?  101 WZW B O3E   1 
HETATM 1235 C C2E   . WZW E 2 .  ? 10.595  8.249   -0.709  1.00 32.63 ?  101 WZW B C2E   1 
HETATM 1236 O O2E   . WZW E 2 .  ? 11.722  9.004   -0.397  1.00 28.86 ?  101 WZW B O2E   1 
HETATM 1237 C C1E   . WZW E 2 .  ? 10.822  6.745   -0.631  1.00 31.47 ?  101 WZW B C1E   1 
HETATM 1238 N N9B   . WZW E 2 .  ? 9.636   6.031   -1.195  1.00 30.93 ?  101 WZW B N9B   1 
HETATM 1239 C C8B   . WZW E 2 .  ? 8.521   5.437   -0.739  1.00 30.67 ?  101 WZW B C8B   1 
HETATM 1240 N N7B   . WZW E 2 .  ? 7.831   4.961   -1.760  1.00 26.14 ?  101 WZW B N7B   1 
HETATM 1241 C C5B   . WZW E 2 .  ? 8.464   5.305   -2.859  1.00 26.40 ?  101 WZW B C5B   1 
HETATM 1242 C C4B   . WZW E 2 .  ? 9.587   5.953   -2.526  1.00 28.51 ?  101 WZW B C4B   1 
HETATM 1243 N N3B   . WZW E 2 .  ? 10.440  6.427   -3.453  1.00 26.95 ?  101 WZW B N3B   1 
HETATM 1244 C C2B   . WZW E 2 .  ? 10.162  6.178   -4.759  1.00 27.72 ?  101 WZW B C2B   1 
HETATM 1245 N N1B   . WZW E 2 .  ? 9.016   5.509   -5.110  1.00 28.54 ?  101 WZW B N1B   1 
HETATM 1246 C C6B   . WZW E 2 .  ? 8.179   5.079   -4.138  1.00 30.28 ?  101 WZW B C6B   1 
HETATM 1247 N N6B   . WZW E 2 .  ? 7.030   4.384   -4.366  1.00 28.00 ?  101 WZW B N6B   1 
HETATM 1248 O O6A   . WZW F 2 .  ? 25.826  -28.490 -4.146  1.00 38.93 ?  102 WZW B O6A   1 
HETATM 1249 C C6A   . WZW F 2 .  ? 26.712  -28.062 -3.395  1.00 37.07 ?  102 WZW B C6A   1 
HETATM 1250 N N1A   . WZW F 2 .  ? 26.520  -28.251 -2.032  1.00 37.81 ?  102 WZW B N1A   1 
HETATM 1251 C C2A   . WZW F 2 .  ? 27.494  -27.795 -1.138  1.00 36.33 ?  102 WZW B C2A   1 
HETATM 1252 N N2A   . WZW F 2 .  ? 27.339  -27.951 0.177   1.00 37.25 ?  102 WZW B N2A   1 
HETATM 1253 N N3A   . WZW F 2 .  ? 28.584  -27.197 -1.623  1.00 38.00 ?  102 WZW B N3A   1 
HETATM 1254 C C4A   . WZW F 2 .  ? 28.786  -27.026 -2.957  1.00 36.95 ?  102 WZW B C4A   1 
HETATM 1255 C C5A   . WZW F 2 .  ? 27.853  -27.457 -3.838  1.00 38.67 ?  102 WZW B C5A   1 
HETATM 1256 N N7A   . WZW F 2 .  ? 28.321  -27.169 -5.064  1.00 37.49 ?  102 WZW B N7A   1 
HETATM 1257 C C8A   . WZW F 2 .  ? 29.514  -26.553 -4.929  1.00 36.24 ?  102 WZW B C8A   1 
HETATM 1258 N N9A   . WZW F 2 .  ? 29.823  -26.486 -3.630  1.00 37.88 ?  102 WZW B N9A   1 
HETATM 1259 C C1D   . WZW F 2 .  ? 31.124  -25.836 -2.994  1.00 40.46 ?  102 WZW B C1D   1 
HETATM 1260 O O4D   . WZW F 2 .  ? 32.296  -25.623 -3.848  1.00 40.38 ?  102 WZW B O4D   1 
HETATM 1261 C C2D   . WZW F 2 .  ? 31.730  -26.587 -1.784  1.00 40.35 ?  102 WZW B C2D   1 
HETATM 1262 O O2D   . WZW F 2 .  ? 32.219  -25.683 -0.791  1.00 38.52 ?  102 WZW B O2D   1 
HETATM 1263 C C3D   . WZW F 2 .  ? 32.891  -27.394 -2.288  1.00 42.62 ?  102 WZW B C3D   1 
HETATM 1264 O O3D   . WZW F 2 .  ? 34.007  -27.517 -1.201  1.00 38.97 ?  102 WZW B O3D   1 
HETATM 1265 C C4D   . WZW F 2 .  ? 33.162  -26.755 -3.707  1.00 39.82 ?  102 WZW B C4D   1 
HETATM 1266 C C5D   . WZW F 2 .  ? 32.510  -27.615 -4.765  1.00 42.66 ?  102 WZW B C5D   1 
HETATM 1267 O O5D   . WZW F 2 .  ? 33.443  -28.605 -5.205  1.00 44.12 ?  102 WZW B O5D   1 
HETATM 1268 P PA    . WZW F 2 .  ? 32.945  -30.079 -4.750  1.00 51.40 ?  102 WZW B PA    1 
HETATM 1269 O O1A   . WZW F 2 .  ? 31.792  -30.497 -5.586  1.00 40.51 ?  102 WZW B O1A   1 
HETATM 1270 O O2A   . WZW F 2 .  ? 34.013  -31.069 -4.399  1.00 49.08 ?  102 WZW B O2A   1 
HETATM 1271 O O6A   . WZW G 2 .  ? -8.888  -2.744  1.410   1.00 25.78 ?  101 WZW C O6A   1 
HETATM 1272 C C6A   . WZW G 2 .  ? -9.187  -2.908  2.592   1.00 27.13 ?  101 WZW C C6A   1 
HETATM 1273 N N1A   . WZW G 2 .  ? -10.479 -3.335  2.843   1.00 28.33 ?  101 WZW C N1A   1 
HETATM 1274 C C2A   . WZW G 2 .  ? -10.917 -3.549  4.164   1.00 31.17 ?  101 WZW C C2A   1 
HETATM 1275 N N2A   . WZW G 2 .  ? -12.164 -3.963  4.434   1.00 29.51 ?  101 WZW C N2A   1 
HETATM 1276 N N3A   . WZW G 2 .  ? -10.049 -3.317  5.148   1.00 28.36 ?  101 WZW C N3A   1 
HETATM 1277 C C4A   . WZW G 2 .  ? -8.782  -2.877  4.882   1.00 30.81 ?  101 WZW C C4A   1 
HETATM 1278 C C5A   . WZW G 2 .  ? -8.330  -2.690  3.628   1.00 28.92 ?  101 WZW C C5A   1 
HETATM 1279 N N7A   . WZW G 2 .  ? -7.048  -2.261  3.711   1.00 27.23 ?  101 WZW C N7A   1 
HETATM 1280 C C8A   . WZW G 2 .  ? -6.728  -2.233  5.013   1.00 32.01 ?  101 WZW C C8A   1 
HETATM 1281 N N9A   . WZW G 2 .  ? -7.784  -2.613  5.736   1.00 30.91 ?  101 WZW C N9A   1 
HETATM 1282 C C1D   . WZW G 2 .  ? -8.149  -2.846  7.160   1.00 36.76 ?  101 WZW C C1D   1 
HETATM 1283 O O4D   . WZW G 2 .  ? -7.061  -2.510  8.042   1.00 38.46 ?  101 WZW C O4D   1 
HETATM 1284 C C2D   . WZW G 2 .  ? -8.492  -4.347  7.345   1.00 38.40 ?  101 WZW C C2D   1 
HETATM 1285 O O2D   . WZW G 2 .  ? -9.869  -4.529  7.946   1.00 39.82 ?  101 WZW C O2D   1 
HETATM 1286 C C3D   . WZW G 2 .  ? -7.440  -4.937  8.217   1.00 39.84 ?  101 WZW C C3D   1 
HETATM 1287 O O3D   . WZW G 2 .  ? -8.108  -5.774  9.248   1.00 33.07 ?  101 WZW C O3D   1 
HETATM 1288 C C4D   . WZW G 2 .  ? -6.721  -3.717  8.801   1.00 45.86 ?  101 WZW C C4D   1 
HETATM 1289 C C5D   . WZW G 2 .  ? -5.247  -3.849  8.544   1.00 53.03 ?  101 WZW C C5D   1 
HETATM 1290 O O5D   . WZW G 2 .  ? -5.026  -3.210  7.247   1.00 58.08 ?  101 WZW C O5D   1 
HETATM 1291 P PA    . WZW G 2 .  ? -3.626  -3.381  6.388   1.00 59.23 ?  101 WZW C PA    1 
HETATM 1292 O O1A   . WZW G 2 .  ? -3.731  -2.429  5.255   1.00 62.19 ?  101 WZW C O1A   1 
HETATM 1293 O O2A   . WZW G 2 .  ? -2.555  -3.096  7.388   1.00 51.51 ?  101 WZW C O2A   1 
HETATM 1294 N N1C   . WZW G 2 .  ? -3.856  -4.962  6.054   1.00 45.89 ?  101 WZW C N1C   1 
HETATM 1295 C C1C   . WZW G 2 .  ? -4.602  -5.575  5.194   1.00 45.64 ?  101 WZW C C1C   1 
HETATM 1296 N N3C   . WZW G 2 .  ? -5.174  -4.988  4.166   1.00 45.06 ?  101 WZW C N3C   1 
HETATM 1297 C C3C   . WZW G 2 .  ? -3.459  -5.866  6.940   1.00 47.91 ?  101 WZW C C3C   1 
HETATM 1298 C C2C   . WZW G 2 .  ? -3.912  -7.052  6.575   1.00 47.81 ?  101 WZW C C2C   1 
HETATM 1299 N N2C   . WZW G 2 .  ? -4.597  -6.876  5.463   1.00 46.77 ?  101 WZW C N2C   1 
HETATM 1300 P PG    . WZW G 2 .  ? -5.303  -8.106  4.706   1.00 41.43 ?  101 WZW C PG    1 
HETATM 1301 O O2G   . WZW G 2 .  ? -4.928  -9.409  5.439   1.00 40.60 ?  101 WZW C O2G   1 
HETATM 1302 O O1G   . WZW G 2 .  ? -5.136  -8.231  3.252   1.00 46.70 ?  101 WZW C O1G   1 
HETATM 1303 O O5E   . WZW G 2 .  ? -6.826  -7.941  5.042   1.00 44.43 ?  101 WZW C O5E   1 
HETATM 1304 C C5E   . WZW G 2 .  ? -7.371  -8.378  6.262   1.00 35.96 ?  101 WZW C C5E   1 
HETATM 1305 C C4E   . WZW G 2 .  ? -8.856  -8.423  5.936   1.00 34.56 ?  101 WZW C C4E   1 
HETATM 1306 O O4E   . WZW G 2 .  ? -9.284  -7.100  5.480   1.00 29.44 ?  101 WZW C O4E   1 
HETATM 1307 C C3E   . WZW G 2 .  ? -9.147  -9.383  4.737   1.00 33.73 ?  101 WZW C C3E   1 
HETATM 1308 O O3E   . WZW G 2 .  ? -9.438  -10.716 5.177   1.00 34.07 ?  101 WZW C O3E   1 
HETATM 1309 C C2E   . WZW G 2 .  ? -10.362 -8.744  4.177   1.00 29.97 ?  101 WZW C C2E   1 
HETATM 1310 O O2E   . WZW G 2 .  ? -11.508 -8.879  5.099   1.00 28.83 ?  101 WZW C O2E   1 
HETATM 1311 C C1E   . WZW G 2 .  ? -10.017 -7.238  4.254   1.00 29.86 ?  101 WZW C C1E   1 
HETATM 1312 N N9B   . WZW G 2 .  ? -9.314  -6.586  3.118   1.00 29.53 ?  101 WZW C N9B   1 
HETATM 1313 C C8B   . WZW G 2 .  ? -8.129  -5.989  3.054   1.00 30.28 ?  101 WZW C C8B   1 
HETATM 1314 N N7B   . WZW G 2 .  ? -7.950  -5.467  1.830   1.00 28.79 ?  101 WZW C N7B   1 
HETATM 1315 C C5B   . WZW G 2 .  ? -9.047  -5.783  1.131   1.00 27.45 ?  101 WZW C C5B   1 
HETATM 1316 C C4B   . WZW G 2 .  ? -9.910  -6.452  1.936   1.00 28.84 ?  101 WZW C C4B   1 
HETATM 1317 N N3B   . WZW G 2 .  ? -11.128 -6.884  1.517   1.00 22.39 ?  101 WZW C N3B   1 
HETATM 1318 C C2B   . WZW G 2 .  ? -11.475 -6.653  0.218   1.00 25.68 ?  101 WZW C C2B   1 
HETATM 1319 N N1B   . WZW G 2 .  ? -10.583 -5.924  -0.593  1.00 27.86 ?  101 WZW C N1B   1 
HETATM 1320 C C6B   . WZW G 2 .  ? -9.409  -5.514  -0.112  1.00 25.59 ?  101 WZW C C6B   1 
HETATM 1321 N N6B   . WZW G 2 .  ? -8.577  -4.853  -0.873  1.00 28.58 ?  101 WZW C N6B   1 
HETATM 1322 O O6A   . WZW H 2 .  ? -24.341 28.198  10.315  1.00 18.83 ?  101 WZW D O6A   1 
HETATM 1323 C C6A   . WZW H 2 .  ? -24.717 27.623  11.342  1.00 19.00 ?  101 WZW D C6A   1 
HETATM 1324 N N1A   . WZW H 2 .  ? -23.866 27.655  12.487  1.00 17.03 ?  101 WZW D N1A   1 
HETATM 1325 C C2A   . WZW H 2 .  ? -24.300 27.064  13.640  1.00 18.27 ?  101 WZW D C2A   1 
HETATM 1326 N N2A   . WZW H 2 .  ? -23.523 27.013  14.704  1.00 20.93 ?  101 WZW D N2A   1 
HETATM 1327 N N3A   . WZW H 2 .  ? -25.507 26.488  13.710  1.00 21.24 ?  101 WZW D N3A   1 
HETATM 1328 C C4A   . WZW H 2 .  ? -26.328 26.498  12.656  1.00 23.39 ?  101 WZW D C4A   1 
HETATM 1329 C C5A   . WZW H 2 .  ? -25.935 27.067  11.484  1.00 21.27 ?  101 WZW D C5A   1 
HETATM 1330 N N7A   . WZW H 2 .  ? -26.968 26.929  10.632  1.00 24.09 ?  101 WZW D N7A   1 
HETATM 1331 C C8A   . WZW H 2 .  ? -27.936 26.302  11.246  1.00 24.83 ?  101 WZW D C8A   1 
HETATM 1332 N N9A   . WZW H 2 .  ? -27.572 25.999  12.505  1.00 24.86 ?  101 WZW D N9A   1 
HETATM 1333 C C1D   . WZW H 2 .  ? -28.502 25.300  13.499  1.00 29.09 ?  101 WZW D C1D   1 
HETATM 1334 O O4D   . WZW H 2 .  ? -29.702 24.889  12.851  1.00 28.02 ?  101 WZW D O4D   1 
HETATM 1335 C C2D   . WZW H 2 .  ? -28.941 26.332  14.501  1.00 28.09 ?  101 WZW D C2D   1 
HETATM 1336 O O2D   . WZW H 2 .  ? -29.553 25.831  15.658  1.00 28.51 ?  101 WZW D O2D   1 
HETATM 1337 C C3D   . WZW H 2 .  ? -29.906 27.133  13.689  1.00 30.00 ?  101 WZW D C3D   1 
HETATM 1338 O O3D   . WZW H 2 .  ? -30.716 28.008  14.552  1.00 33.27 ?  101 WZW D O3D   1 
HETATM 1339 C C4D   . WZW H 2 .  ? -30.701 25.959  13.006  1.00 32.02 ?  101 WZW D C4D   1 
HETATM 1340 C C5D   . WZW H 2 .  ? -31.364 26.190  11.624  1.00 31.52 ?  101 WZW D C5D   1 
HETATM 1341 O O5D   . WZW H 2 .  ? -31.001 27.454  11.006  1.00 33.13 ?  101 WZW D O5D   1 
HETATM 1342 P PA    . WZW H 2 .  ? -30.513 28.832  11.762  1.00 37.05 ?  101 WZW D PA    1 
HETATM 1343 O O1A   . WZW H 2 .  ? -29.853 29.733  10.780  1.00 24.95 ?  101 WZW D O1A   1 
HETATM 1344 O O2A   . WZW H 2 .  ? -31.607 29.266  12.620  1.00 32.62 ?  101 WZW D O2A   1 
HETATM 1345 O O     . HOH I 3 .  ? 7.276   -0.837  -1.724  1.00 15.89 ?  101 HOH A O     1 
HETATM 1346 O O     . HOH I 3 .  ? 6.532   -8.528  6.585   1.00 18.16 ?  102 HOH A O     1 
HETATM 1347 O O     . HOH I 3 .  ? 5.786   -12.326 -15.138 0.33 24.23 ?  103 HOH A O     1 
HETATM 1348 O O     . HOH I 3 .  ? 7.294   -14.807 -11.338 1.00 27.94 ?  104 HOH A O     1 
HETATM 1349 O O     . HOH I 3 .  ? 3.627   -9.151  -14.483 0.33 22.83 ?  105 HOH A O     1 
HETATM 1350 O O     . HOH I 3 .  ? 25.139  -33.502 3.086   1.00 35.68 ?  106 HOH A O     1 
HETATM 1351 O O     . HOH I 3 .  ? 19.099  -17.314 -3.275  1.00 23.87 ?  107 HOH A O     1 
HETATM 1352 O O     . HOH I 3 .  ? 27.629  -15.766 1.934   0.33 27.29 ?  108 HOH A O     1 
HETATM 1353 O O     . HOH I 3 .  ? 27.330  -15.906 -7.844  1.00 18.66 ?  109 HOH A O     1 
HETATM 1354 O O     . HOH I 3 .  ? 12.568  -9.934  -17.797 1.00 32.86 ?  110 HOH A O     1 
HETATM 1355 O O     . HOH I 3 .  ? 20.939  -23.115 -2.388  1.00 26.24 ?  111 HOH A O     1 
HETATM 1356 O O     . HOH I 3 .  ? 21.550  -10.751 -15.725 1.00 30.20 ?  112 HOH A O     1 
HETATM 1357 O O     . HOH J 3 .  ? 5.381   5.230   -0.097  1.00 22.13 ?  201 HOH B O     1 
HETATM 1358 O O     . HOH J 3 .  ? 21.624  -5.911  -1.964  1.00 12.80 ?  202 HOH B O     1 
HETATM 1359 O O     . HOH J 3 .  ? 36.265  -28.462 -0.683  0.33 25.32 ?  203 HOH B O     1 
HETATM 1360 O O     . HOH J 3 .  ? 25.558  -16.675 -10.879 1.00 17.62 ?  204 HOH B O     1 
HETATM 1361 O O     . HOH J 3 .  ? 31.150  -25.992 -14.197 1.00 26.84 ?  205 HOH B O     1 
HETATM 1362 O O     . HOH J 3 .  ? 15.224  -26.199 -17.997 0.33 15.93 ?  206 HOH B O     1 
HETATM 1363 O O     . HOH J 3 .  ? 15.339  -2.185  -5.545  1.00 27.76 ?  207 HOH B O     1 
HETATM 1364 O O     . HOH J 3 .  ? 25.432  -29.228 -6.912  1.00 34.23 ?  208 HOH B O     1 
HETATM 1365 O O     . HOH J 3 .  ? 27.370  -25.829 -12.140 1.00 23.33 ?  209 HOH B O     1 
HETATM 1366 O O     . HOH J 3 .  ? 11.129  -9.076  5.297   1.00 24.65 ?  210 HOH B O     1 
HETATM 1367 O O     . HOH J 3 .  ? 22.538  -16.555 -14.100 1.00 15.29 ?  211 HOH B O     1 
HETATM 1368 O O     . HOH J 3 .  ? 7.167   6.479   -14.364 1.00 34.11 ?  212 HOH B O     1 
HETATM 1369 O O     . HOH K 3 .  ? -25.843 11.740  -3.569  1.00 23.22 ?  201 HOH C O     1 
HETATM 1370 O O     . HOH K 3 .  ? -6.177  14.684  -2.797  1.00 52.92 ?  202 HOH C O     1 
HETATM 1371 O O     . HOH K 3 .  ? -19.718 22.509  9.273   1.00 30.69 ?  203 HOH C O     1 
HETATM 1372 O O     . HOH K 3 .  ? -26.899 16.096  6.714   1.00 31.30 ?  204 HOH C O     1 
HETATM 1373 O O     . HOH K 3 .  ? -13.353 9.959   -3.933  1.00 25.98 ?  205 HOH C O     1 
HETATM 1374 O O     . HOH K 3 .  ? -10.433 8.641   -1.369  1.00 39.43 ?  206 HOH C O     1 
HETATM 1375 O O     . HOH K 3 .  ? -25.396 18.023  16.120  0.33 18.69 ?  207 HOH C O     1 
HETATM 1376 O O     . HOH K 3 .  ? -13.690 6.912   -6.637  1.00 34.55 ?  208 HOH C O     1 
HETATM 1377 O O     . HOH K 3 .  ? -11.680 15.816  -5.769  1.00 25.31 ?  209 HOH C O     1 
HETATM 1378 O O     . HOH K 3 .  ? -13.311 10.190  0.130   1.00 31.23 ?  210 HOH C O     1 
HETATM 1379 O O     . HOH K 3 .  ? -15.965 10.776  -0.371  1.00 35.02 ?  211 HOH C O     1 
HETATM 1380 O O     . HOH K 3 .  ? -19.954 10.847  1.020   1.00 14.23 ?  212 HOH C O     1 
HETATM 1381 O O     . HOH K 3 .  ? -11.576 13.199  -9.877  0.33 17.21 ?  213 HOH C O     1 
HETATM 1382 O O     . HOH K 3 .  ? -17.631 23.403  11.217  1.00 28.34 ?  214 HOH C O     1 
HETATM 1383 O O     . HOH K 3 .  ? -5.634  3.547   0.768   1.00 29.23 ?  215 HOH C O     1 
HETATM 1384 O O     . HOH K 3 .  ? -2.322  7.591   10.145  1.00 35.32 ?  216 HOH C O     1 
HETATM 1385 O O     . HOH K 3 .  ? -5.066  -4.699  1.233   1.00 26.82 ?  217 HOH C O     1 
HETATM 1386 O O     . HOH K 3 .  ? -9.346  9.921   -10.552 0.33 30.42 ?  218 HOH C O     1 
HETATM 1387 O O     . HOH K 3 .  ? -20.384 27.026  7.055   1.00 17.60 ?  219 HOH C O     1 
HETATM 1388 O O     . HOH K 3 .  ? -22.880 14.325  15.358  0.33 13.02 ?  220 HOH C O     1 
HETATM 1389 O O     . HOH L 3 .  ? -18.208 6.155   11.841  1.00 24.70 ?  201 HOH D O     1 
HETATM 1390 O O     . HOH L 3 .  ? -27.139 16.915  2.620   1.00 26.36 ?  202 HOH D O     1 
HETATM 1391 O O     . HOH L 3 .  ? -10.394 3.770   1.813   1.00 14.95 ?  203 HOH D O     1 
HETATM 1392 O O     . HOH L 3 .  ? -35.654 22.694  3.607   1.00 28.55 ?  204 HOH D O     1 
HETATM 1393 O O     . HOH L 3 .  ? -7.738  7.982   10.532  1.00 26.17 ?  205 HOH D O     1 
HETATM 1394 O O     . HOH L 3 .  ? -16.592 1.949   1.943   1.00 25.59 ?  206 HOH D O     1 
HETATM 1395 O O     . HOH L 3 .  ? -31.288 20.211  -1.710  1.00 18.38 ?  207 HOH D O     1 
HETATM 1396 O O     . HOH L 3 .  ? -31.372 26.810  17.931  0.33 10.04 ?  208 HOH D O     1 
HETATM 1397 O O     . HOH L 3 .  ? -24.199 29.063  7.307   1.00 21.23 ?  209 HOH D O     1 
HETATM 1398 O O     . HOH L 3 .  ? -12.586 -4.915  -10.459 1.00 20.28 ?  210 HOH D O     1 
HETATM 1399 O O     . HOH L 3 .  ? -20.652 26.542  -7.126  0.33 57.62 ?  211 HOH D O     1 
HETATM 1400 O O     . HOH L 3 .  ? -13.437 15.567  13.070  1.00 32.34 ?  212 HOH D O     1 
# 
loop_
_pdbx_poly_seq_scheme.asym_id 
_pdbx_poly_seq_scheme.entity_id 
_pdbx_poly_seq_scheme.seq_id 
_pdbx_poly_seq_scheme.mon_id 
_pdbx_poly_seq_scheme.ndb_seq_num 
_pdbx_poly_seq_scheme.pdb_seq_num 
_pdbx_poly_seq_scheme.auth_seq_num 
_pdbx_poly_seq_scheme.pdb_mon_id 
_pdbx_poly_seq_scheme.auth_mon_id 
_pdbx_poly_seq_scheme.pdb_strand_id 
_pdbx_poly_seq_scheme.pdb_ins_code 
_pdbx_poly_seq_scheme.hetero 
A 1 1  TLN 1  1  1  TLN TLN A . n 
A 1 2  LCC 2  2  2  LCC LCC A . n 
A 1 3  LCC 3  3  3  LCC LCC A . n 
A 1 4  LCG 4  4  4  LCG LCG A . n 
A 1 5  A   5  5  5  A   A   A . n 
A 1 6  C   6  6  6  C   C   A . n 
A 1 7  U   7  7  7  U   U   A . n 
A 1 8  U   8  8  8  U   U   A . n 
A 1 9  A   9  9  9  A   A   A . n 
A 1 10 A   10 10 10 A   A   A . n 
A 1 11 G   11 11 11 G   G   A . n 
A 1 12 U   12 12 12 U   U   A . n 
A 1 13 C   13 13 13 C   C   A . n 
A 1 14 G   14 14 14 G   G   A . n 
B 1 1  TLN 1  1  1  TLN TLN B . n 
B 1 2  LCC 2  2  2  LCC LCC B . n 
B 1 3  LCC 3  3  3  LCC LCC B . n 
B 1 4  LCG 4  4  4  LCG LCG B . n 
B 1 5  A   5  5  5  A   A   B . n 
B 1 6  C   6  6  6  C   C   B . n 
B 1 7  U   7  7  7  U   U   B . n 
B 1 8  U   8  8  8  U   U   B . n 
B 1 9  A   9  9  9  A   A   B . n 
B 1 10 A   10 10 10 A   A   B . n 
B 1 11 G   11 11 11 G   G   B . n 
B 1 12 U   12 12 12 U   U   B . n 
B 1 13 C   13 13 13 C   C   B . n 
B 1 14 G   14 14 14 G   G   B . n 
C 1 1  TLN 1  1  1  TLN TLN C . n 
C 1 2  LCC 2  2  2  LCC LCC C . n 
C 1 3  LCC 3  3  3  LCC LCC C . n 
C 1 4  LCG 4  4  4  LCG LCG C . n 
C 1 5  A   5  5  5  A   A   C . n 
C 1 6  C   6  6  6  C   C   C . n 
C 1 7  U   7  7  7  U   U   C . n 
C 1 8  U   8  8  8  U   U   C . n 
C 1 9  A   9  9  9  A   A   C . n 
C 1 10 A   10 10 10 A   A   C . n 
C 1 11 G   11 11 11 G   G   C . n 
C 1 12 U   12 12 12 U   U   C . n 
C 1 13 C   13 13 13 C   C   C . n 
C 1 14 G   14 14 14 G   G   C . n 
D 1 1  TLN 1  1  1  TLN TLN D . n 
D 1 2  LCC 2  2  2  LCC LCC D . n 
D 1 3  LCC 3  3  3  LCC LCC D . n 
D 1 4  LCG 4  4  4  LCG LCG D . n 
D 1 5  A   5  5  5  A   A   D . n 
D 1 6  C   6  6  6  C   C   D . n 
D 1 7  U   7  7  7  U   U   D . n 
D 1 8  U   8  8  8  U   U   D . n 
D 1 9  A   9  9  9  A   A   D . n 
D 1 10 A   10 10 10 A   A   D . n 
D 1 11 G   11 11 11 G   G   D . n 
D 1 12 U   12 12 12 U   U   D . n 
D 1 13 C   13 13 13 C   C   D . n 
D 1 14 G   14 14 14 G   G   D . n 
# 
_pdbx_contact_author.id                 2 
_pdbx_contact_author.email              wz15@iu.edu 
_pdbx_contact_author.name_first         Wen 
_pdbx_contact_author.name_last          Zhang 
_pdbx_contact_author.name_mi            ? 
_pdbx_contact_author.role               'principal investigator/group leader' 
_pdbx_contact_author.identifier_ORCID   0000-0003-4811-4384 
# 
loop_
_pdbx_nonpoly_scheme.asym_id 
_pdbx_nonpoly_scheme.entity_id 
_pdbx_nonpoly_scheme.mon_id 
_pdbx_nonpoly_scheme.ndb_seq_num 
_pdbx_nonpoly_scheme.pdb_seq_num 
_pdbx_nonpoly_scheme.auth_seq_num 
_pdbx_nonpoly_scheme.pdb_mon_id 
_pdbx_nonpoly_scheme.auth_mon_id 
_pdbx_nonpoly_scheme.pdb_strand_id 
_pdbx_nonpoly_scheme.pdb_ins_code 
E 2 WZW 1  101 15 WZW GMA B . 
F 2 WZW 1  102 15 WZW GMA B . 
G 2 WZW 1  101 15 WZW GMA C . 
H 2 WZW 1  101 15 WZW GMA D . 
I 3 HOH 1  101 48 HOH HOH A . 
I 3 HOH 2  102 33 HOH HOH A . 
I 3 HOH 3  103 31 HOH HOH A . 
I 3 HOH 4  104 35 HOH HOH A . 
I 3 HOH 5  105 32 HOH HOH A . 
I 3 HOH 6  106 7  HOH HOH A . 
I 3 HOH 7  107 28 HOH HOH A . 
I 3 HOH 8  108 25 HOH HOH A . 
I 3 HOH 9  109 26 HOH HOH A . 
I 3 HOH 10 110 8  HOH HOH A . 
I 3 HOH 11 111 3  HOH HOH A . 
I 3 HOH 12 112 52 HOH HOH A . 
J 3 HOH 1  201 49 HOH HOH B . 
J 3 HOH 2  202 51 HOH HOH B . 
J 3 HOH 3  203 36 HOH HOH B . 
J 3 HOH 4  204 27 HOH HOH B . 
J 3 HOH 5  205 6  HOH HOH B . 
J 3 HOH 6  206 47 HOH HOH B . 
J 3 HOH 7  207 34 HOH HOH B . 
J 3 HOH 8  208 4  HOH HOH B . 
J 3 HOH 9  209 24 HOH HOH B . 
J 3 HOH 10 210 50 HOH HOH B . 
J 3 HOH 11 211 46 HOH HOH B . 
J 3 HOH 12 212 29 HOH HOH B . 
K 3 HOH 1  201 39 HOH HOH C . 
K 3 HOH 2  202 23 HOH HOH C . 
K 3 HOH 3  203 54 HOH HOH C . 
K 3 HOH 4  204 1  HOH HOH C . 
K 3 HOH 5  205 14 HOH HOH C . 
K 3 HOH 6  206 18 HOH HOH C . 
K 3 HOH 7  207 20 HOH HOH C . 
K 3 HOH 8  208 15 HOH HOH C . 
K 3 HOH 9  209 42 HOH HOH C . 
K 3 HOH 10 210 17 HOH HOH C . 
K 3 HOH 11 211 22 HOH HOH C . 
K 3 HOH 12 212 2  HOH HOH C . 
K 3 HOH 13 213 40 HOH HOH C . 
K 3 HOH 14 214 55 HOH HOH C . 
K 3 HOH 15 215 12 HOH HOH C . 
K 3 HOH 16 216 44 HOH HOH C . 
K 3 HOH 17 217 45 HOH HOH C . 
K 3 HOH 18 218 41 HOH HOH C . 
K 3 HOH 19 219 56 HOH HOH C . 
K 3 HOH 20 220 37 HOH HOH C . 
L 3 HOH 1  201 62 HOH HOH D . 
L 3 HOH 2  202 38 HOH HOH D . 
L 3 HOH 3  203 60 HOH HOH D . 
L 3 HOH 4  204 5  HOH HOH D . 
L 3 HOH 5  205 43 HOH HOH D . 
L 3 HOH 6  206 61 HOH HOH D . 
L 3 HOH 7  207 57 HOH HOH D . 
L 3 HOH 8  208 30 HOH HOH D . 
L 3 HOH 9  209 53 HOH HOH D . 
L 3 HOH 10 210 59 HOH HOH D . 
L 3 HOH 11 211 58 HOH HOH D . 
L 3 HOH 12 212 10 HOH HOH D . 
# 
loop_
_pdbx_struct_assembly.id 
_pdbx_struct_assembly.details 
_pdbx_struct_assembly.method_details 
_pdbx_struct_assembly.oligomeric_details 
_pdbx_struct_assembly.oligomeric_count 
1 author_and_software_defined_assembly PISA dimeric 2 
2 author_and_software_defined_assembly PISA dimeric 2 
# 
loop_
_pdbx_struct_assembly_gen.assembly_id 
_pdbx_struct_assembly_gen.oper_expression 
_pdbx_struct_assembly_gen.asym_id_list 
1 1 A,B,E,F,I,J 
2 1 C,D,G,H,K,L 
# 
loop_
_pdbx_struct_assembly_prop.biol_id 
_pdbx_struct_assembly_prop.type 
_pdbx_struct_assembly_prop.value 
_pdbx_struct_assembly_prop.details 
1 'ABSA (A^2)' 3110 ? 
1 MORE         11   ? 
1 'SSA (A^2)'  5700 ? 
2 'ABSA (A^2)' 3160 ? 
2 MORE         13   ? 
2 'SSA (A^2)'  5590 ? 
# 
_pdbx_struct_oper_list.id                   1 
_pdbx_struct_oper_list.type                 'identity operation' 
_pdbx_struct_oper_list.name                 1_555 
_pdbx_struct_oper_list.symmetry_operation   x,y,z 
_pdbx_struct_oper_list.matrix[1][1]         1.0000000000 
_pdbx_struct_oper_list.matrix[1][2]         0.0000000000 
_pdbx_struct_oper_list.matrix[1][3]         0.0000000000 
_pdbx_struct_oper_list.vector[1]            0.0000000000 
_pdbx_struct_oper_list.matrix[2][1]         0.0000000000 
_pdbx_struct_oper_list.matrix[2][2]         1.0000000000 
_pdbx_struct_oper_list.matrix[2][3]         0.0000000000 
_pdbx_struct_oper_list.vector[2]            0.0000000000 
_pdbx_struct_oper_list.matrix[3][1]         0.0000000000 
_pdbx_struct_oper_list.matrix[3][2]         0.0000000000 
_pdbx_struct_oper_list.matrix[3][3]         1.0000000000 
_pdbx_struct_oper_list.vector[3]            0.0000000000 
# 
loop_
_pdbx_struct_special_symmetry.id 
_pdbx_struct_special_symmetry.PDB_model_num 
_pdbx_struct_special_symmetry.auth_asym_id 
_pdbx_struct_special_symmetry.auth_comp_id 
_pdbx_struct_special_symmetry.auth_seq_id 
_pdbx_struct_special_symmetry.PDB_ins_code 
_pdbx_struct_special_symmetry.label_asym_id 
_pdbx_struct_special_symmetry.label_comp_id 
_pdbx_struct_special_symmetry.label_seq_id 
1  1 A HOH 103 ? I HOH . 
2  1 A HOH 105 ? I HOH . 
3  1 A HOH 108 ? I HOH . 
4  1 B HOH 203 ? J HOH . 
5  1 B HOH 206 ? J HOH . 
6  1 C HOH 207 ? K HOH . 
7  1 C HOH 213 ? K HOH . 
8  1 C HOH 218 ? K HOH . 
9  1 C HOH 220 ? K HOH . 
10 1 D HOH 208 ? L HOH . 
11 1 D HOH 211 ? L HOH . 
# 
loop_
_pdbx_audit_revision_history.ordinal 
_pdbx_audit_revision_history.data_content_type 
_pdbx_audit_revision_history.major_revision 
_pdbx_audit_revision_history.minor_revision 
_pdbx_audit_revision_history.revision_date 
1 'Structure model' 1 0 2023-05-31 
2 'Structure model' 1 1 2023-10-25 
3 'Structure model' 1 2 2023-12-13 
# 
_pdbx_audit_revision_details.ordinal             1 
_pdbx_audit_revision_details.revision_ordinal    1 
_pdbx_audit_revision_details.data_content_type   'Structure model' 
_pdbx_audit_revision_details.provider            repository 
_pdbx_audit_revision_details.type                'Initial release' 
_pdbx_audit_revision_details.description         ? 
_pdbx_audit_revision_details.details             ? 
# 
loop_
_pdbx_audit_revision_group.ordinal 
_pdbx_audit_revision_group.revision_ordinal 
_pdbx_audit_revision_group.data_content_type 
_pdbx_audit_revision_group.group 
1 2 'Structure model' 'Data collection'        
2 2 'Structure model' 'Refinement description' 
3 3 'Structure model' 'Database references'    
# 
loop_
_pdbx_audit_revision_category.ordinal 
_pdbx_audit_revision_category.revision_ordinal 
_pdbx_audit_revision_category.data_content_type 
_pdbx_audit_revision_category.category 
1 2 'Structure model' chem_comp_atom                
2 2 'Structure model' chem_comp_bond                
3 2 'Structure model' pdbx_initial_refinement_model 
4 3 'Structure model' citation                      
5 3 'Structure model' citation_author               
# 
loop_
_pdbx_audit_revision_item.ordinal 
_pdbx_audit_revision_item.revision_ordinal 
_pdbx_audit_revision_item.data_content_type 
_pdbx_audit_revision_item.item 
1  2 'Structure model' '_pdbx_initial_refinement_model.details' 
2  3 'Structure model' '_citation.country'                      
3  3 'Structure model' '_citation.journal_abbrev'               
4  3 'Structure model' '_citation.journal_id_CSD'               
5  3 'Structure model' '_citation.journal_id_ISSN'              
6  3 'Structure model' '_citation.journal_volume'               
7  3 'Structure model' '_citation.page_first'                   
8  3 'Structure model' '_citation.page_last'                    
9  3 'Structure model' '_citation.pdbx_database_id_DOI'         
10 3 'Structure model' '_citation.pdbx_database_id_PubMed'      
11 3 'Structure model' '_citation.title'                        
12 3 'Structure model' '_citation.year'                         
# 
loop_
_software.citation_id 
_software.classification 
_software.compiler_name 
_software.compiler_version 
_software.contact_author 
_software.contact_author_email 
_software.date 
_software.description 
_software.dependencies 
_software.hardware 
_software.language 
_software.location 
_software.mods 
_software.name 
_software.os 
_software.os_version 
_software.type 
_software.version 
_software.pdbx_ordinal 
? refinement       ? ? ? ? ? ? ? ? ? ? ? REFMAC   ? ? ? 5.8.0267 1 
? 'data reduction' ? ? ? ? ? ? ? ? ? ? ? HKL-2000 ? ? ? .        2 
? 'data scaling'   ? ? ? ? ? ? ? ? ? ? ? HKL-2000 ? ? ? .        3 
? phasing          ? ? ? ? ? ? ? ? ? ? ? PHASER   ? ? ? .        4 
# 
_pdbx_entry_details.entry_id                 8SY1 
_pdbx_entry_details.has_ligand_of_interest   Y 
_pdbx_entry_details.compound_details         ? 
_pdbx_entry_details.source_details           ? 
_pdbx_entry_details.nonpolymer_details       ? 
_pdbx_entry_details.sequence_details         ? 
# 
loop_
_pdbx_validate_rmsd_angle.id 
_pdbx_validate_rmsd_angle.PDB_model_num 
_pdbx_validate_rmsd_angle.auth_atom_id_1 
_pdbx_validate_rmsd_angle.auth_asym_id_1 
_pdbx_validate_rmsd_angle.auth_comp_id_1 
_pdbx_validate_rmsd_angle.auth_seq_id_1 
_pdbx_validate_rmsd_angle.PDB_ins_code_1 
_pdbx_validate_rmsd_angle.label_alt_id_1 
_pdbx_validate_rmsd_angle.auth_atom_id_2 
_pdbx_validate_rmsd_angle.auth_asym_id_2 
_pdbx_validate_rmsd_angle.auth_comp_id_2 
_pdbx_validate_rmsd_angle.auth_seq_id_2 
_pdbx_validate_rmsd_angle.PDB_ins_code_2 
_pdbx_validate_rmsd_angle.label_alt_id_2 
_pdbx_validate_rmsd_angle.auth_atom_id_3 
_pdbx_validate_rmsd_angle.auth_asym_id_3 
_pdbx_validate_rmsd_angle.auth_comp_id_3 
_pdbx_validate_rmsd_angle.auth_seq_id_3 
_pdbx_validate_rmsd_angle.PDB_ins_code_3 
_pdbx_validate_rmsd_angle.label_alt_id_3 
_pdbx_validate_rmsd_angle.angle_value 
_pdbx_validate_rmsd_angle.angle_target_value 
_pdbx_validate_rmsd_angle.angle_deviation 
_pdbx_validate_rmsd_angle.angle_standard_deviation 
_pdbx_validate_rmsd_angle.linker_flag 
1 1 "C4'" C G 11 ? ? "C3'" C G 11 ? ? "C2'" C G 11 ? ? 96.40 102.60 -6.20 1.00 N 
2 1 "C4'" C G 14 ? ? "C3'" C G 14 ? ? "C2'" C G 14 ? ? 96.52 102.60 -6.08 1.00 N 
# 
loop_
_pdbx_unobs_or_zero_occ_atoms.id 
_pdbx_unobs_or_zero_occ_atoms.PDB_model_num 
_pdbx_unobs_or_zero_occ_atoms.polymer_flag 
_pdbx_unobs_or_zero_occ_atoms.occupancy_flag 
_pdbx_unobs_or_zero_occ_atoms.auth_asym_id 
_pdbx_unobs_or_zero_occ_atoms.auth_comp_id 
_pdbx_unobs_or_zero_occ_atoms.auth_seq_id 
_pdbx_unobs_or_zero_occ_atoms.PDB_ins_code 
_pdbx_unobs_or_zero_occ_atoms.auth_atom_id 
_pdbx_unobs_or_zero_occ_atoms.label_alt_id 
_pdbx_unobs_or_zero_occ_atoms.label_asym_id 
_pdbx_unobs_or_zero_occ_atoms.label_comp_id 
_pdbx_unobs_or_zero_occ_atoms.label_seq_id 
_pdbx_unobs_or_zero_occ_atoms.label_atom_id 
1  1 N 1 B WZW 102 ? N1C ? F WZW 1 N1C 
2  1 N 1 B WZW 102 ? C1C ? F WZW 1 C1C 
3  1 N 1 B WZW 102 ? N3C ? F WZW 1 N3C 
4  1 N 1 B WZW 102 ? C3C ? F WZW 1 C3C 
5  1 N 1 B WZW 102 ? C2C ? F WZW 1 C2C 
6  1 N 1 B WZW 102 ? N2C ? F WZW 1 N2C 
7  1 N 1 B WZW 102 ? PG  ? F WZW 1 PG  
8  1 N 1 B WZW 102 ? O2G ? F WZW 1 O2G 
9  1 N 1 B WZW 102 ? O1G ? F WZW 1 O1G 
10 1 N 1 B WZW 102 ? O5E ? F WZW 1 O5E 
11 1 N 1 B WZW 102 ? C5E ? F WZW 1 C5E 
12 1 N 1 B WZW 102 ? C4E ? F WZW 1 C4E 
13 1 N 1 B WZW 102 ? O4E ? F WZW 1 O4E 
14 1 N 1 B WZW 102 ? C3E ? F WZW 1 C3E 
15 1 N 1 B WZW 102 ? O3E ? F WZW 1 O3E 
16 1 N 1 B WZW 102 ? C2E ? F WZW 1 C2E 
17 1 N 1 B WZW 102 ? O2E ? F WZW 1 O2E 
18 1 N 1 B WZW 102 ? C1E ? F WZW 1 C1E 
19 1 N 1 B WZW 102 ? N9B ? F WZW 1 N9B 
20 1 N 1 B WZW 102 ? C8B ? F WZW 1 C8B 
21 1 N 1 B WZW 102 ? N7B ? F WZW 1 N7B 
22 1 N 1 B WZW 102 ? C5B ? F WZW 1 C5B 
23 1 N 1 B WZW 102 ? C4B ? F WZW 1 C4B 
24 1 N 1 B WZW 102 ? N3B ? F WZW 1 N3B 
25 1 N 1 B WZW 102 ? C2B ? F WZW 1 C2B 
26 1 N 1 B WZW 102 ? N1B ? F WZW 1 N1B 
27 1 N 1 B WZW 102 ? C6B ? F WZW 1 C6B 
28 1 N 1 B WZW 102 ? N6B ? F WZW 1 N6B 
29 1 N 1 D WZW 101 ? N1C ? H WZW 1 N1C 
30 1 N 1 D WZW 101 ? C1C ? H WZW 1 C1C 
31 1 N 1 D WZW 101 ? N3C ? H WZW 1 N3C 
32 1 N 1 D WZW 101 ? C3C ? H WZW 1 C3C 
33 1 N 1 D WZW 101 ? C2C ? H WZW 1 C2C 
34 1 N 1 D WZW 101 ? N2C ? H WZW 1 N2C 
35 1 N 1 D WZW 101 ? PG  ? H WZW 1 PG  
36 1 N 1 D WZW 101 ? O2G ? H WZW 1 O2G 
37 1 N 1 D WZW 101 ? O1G ? H WZW 1 O1G 
38 1 N 1 D WZW 101 ? O5E ? H WZW 1 O5E 
39 1 N 1 D WZW 101 ? C5E ? H WZW 1 C5E 
40 1 N 1 D WZW 101 ? C4E ? H WZW 1 C4E 
41 1 N 1 D WZW 101 ? O4E ? H WZW 1 O4E 
42 1 N 1 D WZW 101 ? C3E ? H WZW 1 C3E 
43 1 N 1 D WZW 101 ? O3E ? H WZW 1 O3E 
44 1 N 1 D WZW 101 ? C2E ? H WZW 1 C2E 
45 1 N 1 D WZW 101 ? O2E ? H WZW 1 O2E 
46 1 N 1 D WZW 101 ? C1E ? H WZW 1 C1E 
47 1 N 1 D WZW 101 ? N9B ? H WZW 1 N9B 
48 1 N 1 D WZW 101 ? C8B ? H WZW 1 C8B 
49 1 N 1 D WZW 101 ? N7B ? H WZW 1 N7B 
50 1 N 1 D WZW 101 ? C5B ? H WZW 1 C5B 
51 1 N 1 D WZW 101 ? C4B ? H WZW 1 C4B 
52 1 N 1 D WZW 101 ? N3B ? H WZW 1 N3B 
53 1 N 1 D WZW 101 ? C2B ? H WZW 1 C2B 
54 1 N 1 D WZW 101 ? N1B ? H WZW 1 N1B 
55 1 N 1 D WZW 101 ? C6B ? H WZW 1 C6B 
56 1 N 1 D WZW 101 ? N6B ? H WZW 1 N6B 
# 
loop_
_chem_comp_atom.comp_id 
_chem_comp_atom.atom_id 
_chem_comp_atom.type_symbol 
_chem_comp_atom.pdbx_aromatic_flag 
_chem_comp_atom.pdbx_stereo_config 
_chem_comp_atom.pdbx_ordinal 
A   OP3    O N N 1   
A   P      P N N 2   
A   OP1    O N N 3   
A   OP2    O N N 4   
A   "O5'"  O N N 5   
A   "C5'"  C N N 6   
A   "C4'"  C N R 7   
A   "O4'"  O N N 8   
A   "C3'"  C N S 9   
A   "O3'"  O N N 10  
A   "C2'"  C N R 11  
A   "O2'"  O N N 12  
A   "C1'"  C N R 13  
A   N9     N Y N 14  
A   C8     C Y N 15  
A   N7     N Y N 16  
A   C5     C Y N 17  
A   C6     C Y N 18  
A   N6     N N N 19  
A   N1     N Y N 20  
A   C2     C Y N 21  
A   N3     N Y N 22  
A   C4     C Y N 23  
A   HOP3   H N N 24  
A   HOP2   H N N 25  
A   "H5'"  H N N 26  
A   "H5''" H N N 27  
A   "H4'"  H N N 28  
A   "H3'"  H N N 29  
A   "HO3'" H N N 30  
A   "H2'"  H N N 31  
A   "HO2'" H N N 32  
A   "H1'"  H N N 33  
A   H8     H N N 34  
A   H61    H N N 35  
A   H62    H N N 36  
A   H2     H N N 37  
C   OP3    O N N 38  
C   P      P N N 39  
C   OP1    O N N 40  
C   OP2    O N N 41  
C   "O5'"  O N N 42  
C   "C5'"  C N N 43  
C   "C4'"  C N R 44  
C   "O4'"  O N N 45  
C   "C3'"  C N S 46  
C   "O3'"  O N N 47  
C   "C2'"  C N R 48  
C   "O2'"  O N N 49  
C   "C1'"  C N R 50  
C   N1     N N N 51  
C   C2     C N N 52  
C   O2     O N N 53  
C   N3     N N N 54  
C   C4     C N N 55  
C   N4     N N N 56  
C   C5     C N N 57  
C   C6     C N N 58  
C   HOP3   H N N 59  
C   HOP2   H N N 60  
C   "H5'"  H N N 61  
C   "H5''" H N N 62  
C   "H4'"  H N N 63  
C   "H3'"  H N N 64  
C   "HO3'" H N N 65  
C   "H2'"  H N N 66  
C   "HO2'" H N N 67  
C   "H1'"  H N N 68  
C   H41    H N N 69  
C   H42    H N N 70  
C   H5     H N N 71  
C   H6     H N N 72  
G   OP3    O N N 73  
G   P      P N N 74  
G   OP1    O N N 75  
G   OP2    O N N 76  
G   "O5'"  O N N 77  
G   "C5'"  C N N 78  
G   "C4'"  C N R 79  
G   "O4'"  O N N 80  
G   "C3'"  C N S 81  
G   "O3'"  O N N 82  
G   "C2'"  C N R 83  
G   "O2'"  O N N 84  
G   "C1'"  C N R 85  
G   N9     N Y N 86  
G   C8     C Y N 87  
G   N7     N Y N 88  
G   C5     C Y N 89  
G   C6     C N N 90  
G   O6     O N N 91  
G   N1     N N N 92  
G   C2     C N N 93  
G   N2     N N N 94  
G   N3     N N N 95  
G   C4     C Y N 96  
G   HOP3   H N N 97  
G   HOP2   H N N 98  
G   "H5'"  H N N 99  
G   "H5''" H N N 100 
G   "H4'"  H N N 101 
G   "H3'"  H N N 102 
G   "HO3'" H N N 103 
G   "H2'"  H N N 104 
G   "HO2'" H N N 105 
G   "H1'"  H N N 106 
G   H8     H N N 107 
G   H1     H N N 108 
G   H21    H N N 109 
G   H22    H N N 110 
HOH O      O N N 111 
HOH H1     H N N 112 
HOH H2     H N N 113 
LCC "O5'"  O N N 114 
LCC "C5'"  C N N 115 
LCC "C4'"  C N R 116 
LCC "O4'"  O N N 117 
LCC "C1'"  C N R 118 
LCC N1     N N N 119 
LCC C6     C N N 120 
LCC C5     C N N 121 
LCC C5M    C N N 122 
LCC C4     C N N 123 
LCC N4     N N N 124 
LCC N3     N N N 125 
LCC C2     C N N 126 
LCC O2     O N N 127 
LCC "C3'"  C N S 128 
LCC "C2'"  C N R 129 
LCC "O2'"  O N N 130 
LCC "O3'"  O N N 131 
LCC "C6'"  C N N 132 
LCC P      P N N 133 
LCC O1P    O N N 134 
LCC O2P    O N N 135 
LCC OXT    O N N 136 
LCC "H5'1" H N N 137 
LCC "H5'2" H N N 138 
LCC "H1'"  H N N 139 
LCC H6     H N N 140 
LCC H5M1   H N N 141 
LCC H5M2   H N N 142 
LCC H5M3   H N N 143 
LCC H41    H N N 144 
LCC H42    H N N 145 
LCC "H3'"  H N N 146 
LCC "H2'1" H N N 147 
LCC H3T    H N N 148 
LCC "H6'1" H N N 149 
LCC "H6'2" H N N 150 
LCC H1P    H N N 151 
LCC HXT    H N N 152 
LCG P      P N N 153 
LCG OP1    O N N 154 
LCG "O5'"  O N N 155 
LCG "C5'"  C N N 156 
LCG "C3'"  C N S 157 
LCG "C6'"  C N N 158 
LCG N9     N Y N 159 
LCG C8     C Y N 160 
LCG C4     C Y N 161 
LCG N7     N Y N 162 
LCG C5     C Y N 163 
LCG C6     C N N 164 
LCG "C2'"  C N R 165 
LCG O6     O N N 166 
LCG "C4'"  C N R 167 
LCG "C1'"  C N R 168 
LCG C2     C N N 169 
LCG N1     N N N 170 
LCG "O4'"  O N N 171 
LCG OP2    O N N 172 
LCG N2     N N N 173 
LCG N3     N N N 174 
LCG "O2'"  O N N 175 
LCG "O3'"  O N N 176 
LCG OP3    O N N 177 
LCG "H5'"  H N N 178 
LCG "H5''" H N N 179 
LCG "H3'"  H N N 180 
LCG "H6'1" H N N 181 
LCG "H6'2" H N N 182 
LCG H8     H N N 183 
LCG "H2'"  H N N 184 
LCG "H1'"  H N N 185 
LCG H1     H N N 186 
LCG HOP2   H N N 187 
LCG H21    H N N 188 
LCG H22    H N N 189 
LCG "HO3'" H N N 190 
LCG HOP3   H N N 191 
TLN P      P N N 192 
TLN OP1    O N N 193 
TLN OP2    O N N 194 
TLN OP3    O N N 195 
TLN "O5'"  O N N 196 
TLN "C5'"  C N N 197 
TLN "C4'"  C N R 198 
TLN "O4'"  O N N 199 
TLN "C1'"  C N R 200 
TLN N1     N N N 201 
TLN C6     C N N 202 
TLN C5     C N N 203 
TLN C5M    C N N 204 
TLN C4     C N N 205 
TLN O4     O N N 206 
TLN N3     N N N 207 
TLN C2     C N N 208 
TLN O2     O N N 209 
TLN "C3'"  C N S 210 
TLN "C2'"  C N R 211 
TLN "O2'"  O N N 212 
TLN "O3'"  O N N 213 
TLN "C6'"  C N N 214 
TLN HOP2   H N N 215 
TLN HOP3   H N N 216 
TLN "H5'"  H N N 217 
TLN "H5''" H N N 218 
TLN "H1'"  H N N 219 
TLN H6     H N N 220 
TLN H71    H N N 221 
TLN H72    H N N 222 
TLN H73    H N N 223 
TLN H3     H N N 224 
TLN "H3'"  H N N 225 
TLN "H2'"  H N N 226 
TLN "HO3'" H N N 227 
TLN "H6'1" H N N 228 
TLN "H6'2" H N N 229 
U   OP3    O N N 230 
U   P      P N N 231 
U   OP1    O N N 232 
U   OP2    O N N 233 
U   "O5'"  O N N 234 
U   "C5'"  C N N 235 
U   "C4'"  C N R 236 
U   "O4'"  O N N 237 
U   "C3'"  C N S 238 
U   "O3'"  O N N 239 
U   "C2'"  C N R 240 
U   "O2'"  O N N 241 
U   "C1'"  C N R 242 
U   N1     N N N 243 
U   C2     C N N 244 
U   O2     O N N 245 
U   N3     N N N 246 
U   C4     C N N 247 
U   O4     O N N 248 
U   C5     C N N 249 
U   C6     C N N 250 
U   HOP3   H N N 251 
U   HOP2   H N N 252 
U   "H5'"  H N N 253 
U   "H5''" H N N 254 
U   "H4'"  H N N 255 
U   "H3'"  H N N 256 
U   "HO3'" H N N 257 
U   "H2'"  H N N 258 
U   "HO2'" H N N 259 
U   "H1'"  H N N 260 
U   H3     H N N 261 
U   H5     H N N 262 
U   H6     H N N 263 
WZW O6A    O N N 264 
WZW C6A    C N N 265 
WZW N1A    N N N 266 
WZW C2A    C N N 267 
WZW N2A    N N N 268 
WZW N3A    N N N 269 
WZW C4A    C Y N 270 
WZW C5A    C Y N 271 
WZW N7A    N Y N 272 
WZW C8A    C Y N 273 
WZW N9A    N Y N 274 
WZW C1D    C N R 275 
WZW O4D    O N N 276 
WZW C2D    C N R 277 
WZW O2D    O N N 278 
WZW C3D    C N S 279 
WZW O3D    O N N 280 
WZW C4D    C N R 281 
WZW C5D    C N N 282 
WZW O5D    O N N 283 
WZW PA     P N N 284 
WZW O1A    O N N 285 
WZW O2A    O N N 286 
WZW N1C    N Y N 287 
WZW C1C    C Y N 288 
WZW N3C    N N N 289 
WZW C3C    C Y N 290 
WZW C2C    C Y N 291 
WZW N2C    N Y N 292 
WZW PG     P N N 293 
WZW O2G    O N N 294 
WZW O1G    O N N 295 
WZW O5E    O N N 296 
WZW C5E    C N N 297 
WZW C4E    C N R 298 
WZW O4E    O N N 299 
WZW C3E    C N S 300 
WZW O3E    O N N 301 
WZW C2E    C N R 302 
WZW O2E    O N N 303 
WZW C1E    C N R 304 
WZW N9B    N Y N 305 
WZW C8B    C Y N 306 
WZW N7B    N Y N 307 
WZW C5B    C Y N 308 
WZW C4B    C Y N 309 
WZW N3B    N Y N 310 
WZW C2B    C Y N 311 
WZW N1B    N Y N 312 
WZW C6B    C Y N 313 
WZW N6B    N N N 314 
WZW H1     H N N 315 
WZW H2     H N N 316 
WZW H3     H N N 317 
WZW H4     H N N 318 
WZW H5     H N N 319 
WZW H6     H N N 320 
WZW H7     H N N 321 
WZW H8     H N N 322 
WZW H9     H N N 323 
WZW H10    H N N 324 
WZW H11    H N N 325 
WZW H12    H N N 326 
WZW H13    H N N 327 
WZW H14    H N N 328 
WZW H15    H N N 329 
WZW H16    H N N 330 
WZW H17    H N N 331 
WZW H18    H N N 332 
WZW H19    H N N 333 
WZW H20    H N N 334 
WZW H21    H N N 335 
WZW H22    H N N 336 
WZW H23    H N N 337 
WZW H24    H N N 338 
WZW H25    H N N 339 
WZW H26    H N N 340 
WZW H27    H N N 341 
WZW H28    H N N 342 
WZW H29    H N N 343 
WZW H30    H N N 344 
# 
loop_
_chem_comp_bond.comp_id 
_chem_comp_bond.atom_id_1 
_chem_comp_bond.atom_id_2 
_chem_comp_bond.value_order 
_chem_comp_bond.pdbx_aromatic_flag 
_chem_comp_bond.pdbx_stereo_config 
_chem_comp_bond.pdbx_ordinal 
A   OP3   P      sing N N 1   
A   OP3   HOP3   sing N N 2   
A   P     OP1    doub N N 3   
A   P     OP2    sing N N 4   
A   P     "O5'"  sing N N 5   
A   OP2   HOP2   sing N N 6   
A   "O5'" "C5'"  sing N N 7   
A   "C5'" "C4'"  sing N N 8   
A   "C5'" "H5'"  sing N N 9   
A   "C5'" "H5''" sing N N 10  
A   "C4'" "O4'"  sing N N 11  
A   "C4'" "C3'"  sing N N 12  
A   "C4'" "H4'"  sing N N 13  
A   "O4'" "C1'"  sing N N 14  
A   "C3'" "O3'"  sing N N 15  
A   "C3'" "C2'"  sing N N 16  
A   "C3'" "H3'"  sing N N 17  
A   "O3'" "HO3'" sing N N 18  
A   "C2'" "O2'"  sing N N 19  
A   "C2'" "C1'"  sing N N 20  
A   "C2'" "H2'"  sing N N 21  
A   "O2'" "HO2'" sing N N 22  
A   "C1'" N9     sing N N 23  
A   "C1'" "H1'"  sing N N 24  
A   N9    C8     sing Y N 25  
A   N9    C4     sing Y N 26  
A   C8    N7     doub Y N 27  
A   C8    H8     sing N N 28  
A   N7    C5     sing Y N 29  
A   C5    C6     sing Y N 30  
A   C5    C4     doub Y N 31  
A   C6    N6     sing N N 32  
A   C6    N1     doub Y N 33  
A   N6    H61    sing N N 34  
A   N6    H62    sing N N 35  
A   N1    C2     sing Y N 36  
A   C2    N3     doub Y N 37  
A   C2    H2     sing N N 38  
A   N3    C4     sing Y N 39  
C   OP3   P      sing N N 40  
C   OP3   HOP3   sing N N 41  
C   P     OP1    doub N N 42  
C   P     OP2    sing N N 43  
C   P     "O5'"  sing N N 44  
C   OP2   HOP2   sing N N 45  
C   "O5'" "C5'"  sing N N 46  
C   "C5'" "C4'"  sing N N 47  
C   "C5'" "H5'"  sing N N 48  
C   "C5'" "H5''" sing N N 49  
C   "C4'" "O4'"  sing N N 50  
C   "C4'" "C3'"  sing N N 51  
C   "C4'" "H4'"  sing N N 52  
C   "O4'" "C1'"  sing N N 53  
C   "C3'" "O3'"  sing N N 54  
C   "C3'" "C2'"  sing N N 55  
C   "C3'" "H3'"  sing N N 56  
C   "O3'" "HO3'" sing N N 57  
C   "C2'" "O2'"  sing N N 58  
C   "C2'" "C1'"  sing N N 59  
C   "C2'" "H2'"  sing N N 60  
C   "O2'" "HO2'" sing N N 61  
C   "C1'" N1     sing N N 62  
C   "C1'" "H1'"  sing N N 63  
C   N1    C2     sing N N 64  
C   N1    C6     sing N N 65  
C   C2    O2     doub N N 66  
C   C2    N3     sing N N 67  
C   N3    C4     doub N N 68  
C   C4    N4     sing N N 69  
C   C4    C5     sing N N 70  
C   N4    H41    sing N N 71  
C   N4    H42    sing N N 72  
C   C5    C6     doub N N 73  
C   C5    H5     sing N N 74  
C   C6    H6     sing N N 75  
G   OP3   P      sing N N 76  
G   OP3   HOP3   sing N N 77  
G   P     OP1    doub N N 78  
G   P     OP2    sing N N 79  
G   P     "O5'"  sing N N 80  
G   OP2   HOP2   sing N N 81  
G   "O5'" "C5'"  sing N N 82  
G   "C5'" "C4'"  sing N N 83  
G   "C5'" "H5'"  sing N N 84  
G   "C5'" "H5''" sing N N 85  
G   "C4'" "O4'"  sing N N 86  
G   "C4'" "C3'"  sing N N 87  
G   "C4'" "H4'"  sing N N 88  
G   "O4'" "C1'"  sing N N 89  
G   "C3'" "O3'"  sing N N 90  
G   "C3'" "C2'"  sing N N 91  
G   "C3'" "H3'"  sing N N 92  
G   "O3'" "HO3'" sing N N 93  
G   "C2'" "O2'"  sing N N 94  
G   "C2'" "C1'"  sing N N 95  
G   "C2'" "H2'"  sing N N 96  
G   "O2'" "HO2'" sing N N 97  
G   "C1'" N9     sing N N 98  
G   "C1'" "H1'"  sing N N 99  
G   N9    C8     sing Y N 100 
G   N9    C4     sing Y N 101 
G   C8    N7     doub Y N 102 
G   C8    H8     sing N N 103 
G   N7    C5     sing Y N 104 
G   C5    C6     sing N N 105 
G   C5    C4     doub Y N 106 
G   C6    O6     doub N N 107 
G   C6    N1     sing N N 108 
G   N1    C2     sing N N 109 
G   N1    H1     sing N N 110 
G   C2    N2     sing N N 111 
G   C2    N3     doub N N 112 
G   N2    H21    sing N N 113 
G   N2    H22    sing N N 114 
G   N3    C4     sing N N 115 
HOH O     H1     sing N N 116 
HOH O     H2     sing N N 117 
LCC "O5'" "C5'"  sing N N 118 
LCC "O5'" P      sing N N 119 
LCC "C5'" "C4'"  sing N N 120 
LCC "C5'" "H5'1" sing N N 121 
LCC "C5'" "H5'2" sing N N 122 
LCC "C4'" "O4'"  sing N N 123 
LCC "C4'" "C3'"  sing N N 124 
LCC "C4'" "C6'"  sing N N 125 
LCC "O4'" "C1'"  sing N N 126 
LCC "C1'" N1     sing N N 127 
LCC "C1'" "C2'"  sing N N 128 
LCC "C1'" "H1'"  sing N N 129 
LCC N1    C6     sing N N 130 
LCC N1    C2     sing N N 131 
LCC C6    C5     doub N N 132 
LCC C6    H6     sing N N 133 
LCC C5    C5M    sing N N 134 
LCC C5    C4     sing N N 135 
LCC C5M   H5M1   sing N N 136 
LCC C5M   H5M2   sing N N 137 
LCC C5M   H5M3   sing N N 138 
LCC C4    N4     sing N N 139 
LCC C4    N3     doub N N 140 
LCC N4    H41    sing N N 141 
LCC N4    H42    sing N N 142 
LCC N3    C2     sing N N 143 
LCC C2    O2     doub N N 144 
LCC "C3'" "C2'"  sing N N 145 
LCC "C3'" "O3'"  sing N N 146 
LCC "C3'" "H3'"  sing N N 147 
LCC "C2'" "O2'"  sing N N 148 
LCC "C2'" "H2'1" sing N N 149 
LCC "O2'" "C6'"  sing N N 150 
LCC "O3'" H3T    sing N N 151 
LCC "C6'" "H6'1" sing N N 152 
LCC "C6'" "H6'2" sing N N 153 
LCC P     O1P    sing N N 154 
LCC P     O2P    doub N N 155 
LCC P     OXT    sing N N 156 
LCC O1P   H1P    sing N N 157 
LCC OXT   HXT    sing N N 158 
LCG P     OP1    doub N N 159 
LCG P     "O5'"  sing N N 160 
LCG P     OP2    sing N N 161 
LCG P     OP3    sing N N 162 
LCG "O5'" "C5'"  sing N N 163 
LCG "C5'" "C4'"  sing N N 164 
LCG "C5'" "H5'"  sing N N 165 
LCG "C5'" "H5''" sing N N 166 
LCG "C3'" "C2'"  sing N N 167 
LCG "C3'" "C4'"  sing N N 168 
LCG "C3'" "O3'"  sing N N 169 
LCG "C3'" "H3'"  sing N N 170 
LCG "C6'" "C4'"  sing N N 171 
LCG "C6'" "O2'"  sing N N 172 
LCG "C6'" "H6'1" sing N N 173 
LCG "C6'" "H6'2" sing N N 174 
LCG N9    C8     sing Y N 175 
LCG N9    C4     sing Y N 176 
LCG N9    "C1'"  sing N N 177 
LCG C8    N7     doub Y N 178 
LCG C8    H8     sing N N 179 
LCG C4    C5     doub Y N 180 
LCG C4    N3     sing N N 181 
LCG N7    C5     sing Y N 182 
LCG C5    C6     sing N N 183 
LCG C6    O6     doub N N 184 
LCG C6    N1     sing N N 185 
LCG "C2'" "C1'"  sing N N 186 
LCG "C2'" "O2'"  sing N N 187 
LCG "C2'" "H2'"  sing N N 188 
LCG "C4'" "O4'"  sing N N 189 
LCG "C1'" "O4'"  sing N N 190 
LCG "C1'" "H1'"  sing N N 191 
LCG C2    N1     sing N N 192 
LCG C2    N2     sing N N 193 
LCG C2    N3     doub N N 194 
LCG N1    H1     sing N N 195 
LCG OP2   HOP2   sing N N 196 
LCG N2    H21    sing N N 197 
LCG N2    H22    sing N N 198 
LCG "O3'" "HO3'" sing N N 199 
LCG OP3   HOP3   sing N N 200 
TLN P     OP1    doub N N 201 
TLN P     OP2    sing N N 202 
TLN P     OP3    sing N N 203 
TLN P     "O5'"  sing N N 204 
TLN OP2   HOP2   sing N N 205 
TLN OP3   HOP3   sing N N 206 
TLN "O5'" "C5'"  sing N N 207 
TLN "C5'" "C4'"  sing N N 208 
TLN "C5'" "H5'"  sing N N 209 
TLN "C5'" "H5''" sing N N 210 
TLN "C4'" "O4'"  sing N N 211 
TLN "C4'" "C3'"  sing N N 212 
TLN "C4'" "C6'"  sing N N 213 
TLN "O4'" "C1'"  sing N N 214 
TLN "C1'" N1     sing N N 215 
TLN "C1'" "C2'"  sing N N 216 
TLN "C1'" "H1'"  sing N N 217 
TLN N1    C6     sing N N 218 
TLN N1    C2     sing N N 219 
TLN C6    C5     doub N N 220 
TLN C6    H6     sing N N 221 
TLN C5    C5M    sing N N 222 
TLN C5    C4     sing N N 223 
TLN C5M   H71    sing N N 224 
TLN C5M   H72    sing N N 225 
TLN C5M   H73    sing N N 226 
TLN C4    O4     doub N N 227 
TLN C4    N3     sing N N 228 
TLN N3    C2     sing N N 229 
TLN N3    H3     sing N N 230 
TLN C2    O2     doub N N 231 
TLN "C3'" "C2'"  sing N N 232 
TLN "C3'" "O3'"  sing N N 233 
TLN "C3'" "H3'"  sing N N 234 
TLN "C2'" "O2'"  sing N N 235 
TLN "C2'" "H2'"  sing N N 236 
TLN "O2'" "C6'"  sing N N 237 
TLN "O3'" "HO3'" sing N N 238 
TLN "C6'" "H6'1" sing N N 239 
TLN "C6'" "H6'2" sing N N 240 
U   OP3   P      sing N N 241 
U   OP3   HOP3   sing N N 242 
U   P     OP1    doub N N 243 
U   P     OP2    sing N N 244 
U   P     "O5'"  sing N N 245 
U   OP2   HOP2   sing N N 246 
U   "O5'" "C5'"  sing N N 247 
U   "C5'" "C4'"  sing N N 248 
U   "C5'" "H5'"  sing N N 249 
U   "C5'" "H5''" sing N N 250 
U   "C4'" "O4'"  sing N N 251 
U   "C4'" "C3'"  sing N N 252 
U   "C4'" "H4'"  sing N N 253 
U   "O4'" "C1'"  sing N N 254 
U   "C3'" "O3'"  sing N N 255 
U   "C3'" "C2'"  sing N N 256 
U   "C3'" "H3'"  sing N N 257 
U   "O3'" "HO3'" sing N N 258 
U   "C2'" "O2'"  sing N N 259 
U   "C2'" "C1'"  sing N N 260 
U   "C2'" "H2'"  sing N N 261 
U   "O2'" "HO2'" sing N N 262 
U   "C1'" N1     sing N N 263 
U   "C1'" "H1'"  sing N N 264 
U   N1    C2     sing N N 265 
U   N1    C6     sing N N 266 
U   C2    O2     doub N N 267 
U   C2    N3     sing N N 268 
U   N3    C4     sing N N 269 
U   N3    H3     sing N N 270 
U   C4    O4     doub N N 271 
U   C4    C5     sing N N 272 
U   C5    C6     doub N N 273 
U   C5    H5     sing N N 274 
U   C6    H6     sing N N 275 
WZW N2A   C2A    sing N N 276 
WZW N1A   C2A    sing N N 277 
WZW N1A   C6A    sing N N 278 
WZW C2A   N3A    doub N N 279 
WZW O6A   C6A    doub N N 280 
WZW N3A   C4A    sing N N 281 
WZW C6A   C5A    sing N N 282 
WZW C4A   C5A    doub Y N 283 
WZW C4A   N9A    sing Y N 284 
WZW C5A   N7A    sing Y N 285 
WZW N9A   C1D    sing N N 286 
WZW N9A   C8A    sing Y N 287 
WZW N7A   C8A    doub Y N 288 
WZW C1D   O4D    sing N N 289 
WZW C1D   C2D    sing N N 290 
WZW O2D   C2D    sing N N 291 
WZW O4D   C4D    sing N N 292 
WZW C2D   C3D    sing N N 293 
WZW C4D   C5D    sing N N 294 
WZW C4D   C3D    sing N N 295 
WZW C2B   N1B    doub Y N 296 
WZW C2B   N3B    sing Y N 297 
WZW N1B   C6B    sing Y N 298 
WZW N3B   C4B    doub Y N 299 
WZW C6B   N6B    sing N N 300 
WZW C6B   C5B    doub Y N 301 
WZW C4B   C5B    sing Y N 302 
WZW C4B   N9B    sing Y N 303 
WZW C5B   N7B    sing Y N 304 
WZW C5D   O5D    sing N N 305 
WZW C3D   O3D    sing N N 306 
WZW O4E   C1E    sing N N 307 
WZW O4E   C4E    sing N N 308 
WZW O5D   PA     sing N N 309 
WZW N9B   C1E    sing N N 310 
WZW N9B   C8B    sing Y N 311 
WZW C1E   C2E    sing N N 312 
WZW N7B   C8B    doub Y N 313 
WZW O1A   PA     doub N N 314 
WZW C4E   C5E    sing N N 315 
WZW C4E   C3E    sing N N 316 
WZW C2E   O2E    sing N N 317 
WZW C2E   C3E    sing N N 318 
WZW PA    O2A    sing N N 319 
WZW PA    N1C    sing N N 320 
WZW N3C   C1C    sing N N 321 
WZW C5E   O5E    sing N N 322 
WZW N1C   C1C    sing Y N 323 
WZW N1C   C3C    sing Y N 324 
WZW C3E   O3E    sing N N 325 
WZW C1C   N2C    doub Y N 326 
WZW O5E   PG     sing N N 327 
WZW C3C   C2C    doub Y N 328 
WZW N2C   PG     sing N N 329 
WZW N2C   C2C    sing Y N 330 
WZW O1G   PG     doub N N 331 
WZW PG    O2G    sing N N 332 
WZW N1A   H1     sing N N 333 
WZW N2A   H2     sing N N 334 
WZW N2A   H3     sing N N 335 
WZW C8A   H4     sing N N 336 
WZW C1D   H5     sing N N 337 
WZW C2D   H6     sing N N 338 
WZW O2D   H7     sing N N 339 
WZW C3D   H8     sing N N 340 
WZW O3D   H9     sing N N 341 
WZW C4D   H10    sing N N 342 
WZW C5D   H11    sing N N 343 
WZW C5D   H12    sing N N 344 
WZW O2A   H13    sing N N 345 
WZW N3C   H14    sing N N 346 
WZW N3C   H15    sing N N 347 
WZW C3C   H16    sing N N 348 
WZW C2C   H17    sing N N 349 
WZW O2G   H18    sing N N 350 
WZW C5E   H19    sing N N 351 
WZW C5E   H20    sing N N 352 
WZW C4E   H21    sing N N 353 
WZW C3E   H22    sing N N 354 
WZW O3E   H23    sing N N 355 
WZW C2E   H24    sing N N 356 
WZW O2E   H25    sing N N 357 
WZW C1E   H26    sing N N 358 
WZW C8B   H27    sing N N 359 
WZW C2B   H28    sing N N 360 
WZW N6B   H29    sing N N 361 
WZW N6B   H30    sing N N 362 
# 
_ndb_struct_conf_na.entry_id   8SY1 
_ndb_struct_conf_na.feature    'a-form double helix' 
# 
loop_
_ndb_struct_na_base_pair.model_number 
_ndb_struct_na_base_pair.i_label_asym_id 
_ndb_struct_na_base_pair.i_label_comp_id 
_ndb_struct_na_base_pair.i_label_seq_id 
_ndb_struct_na_base_pair.i_symmetry 
_ndb_struct_na_base_pair.j_label_asym_id 
_ndb_struct_na_base_pair.j_label_comp_id 
_ndb_struct_na_base_pair.j_label_seq_id 
_ndb_struct_na_base_pair.j_symmetry 
_ndb_struct_na_base_pair.shear 
_ndb_struct_na_base_pair.stretch 
_ndb_struct_na_base_pair.stagger 
_ndb_struct_na_base_pair.buckle 
_ndb_struct_na_base_pair.propeller 
_ndb_struct_na_base_pair.opening 
_ndb_struct_na_base_pair.pair_number 
_ndb_struct_na_base_pair.pair_name 
_ndb_struct_na_base_pair.i_auth_asym_id 
_ndb_struct_na_base_pair.i_auth_seq_id 
_ndb_struct_na_base_pair.i_PDB_ins_code 
_ndb_struct_na_base_pair.j_auth_asym_id 
_ndb_struct_na_base_pair.j_auth_seq_id 
_ndb_struct_na_base_pair.j_PDB_ins_code 
_ndb_struct_na_base_pair.hbond_type_28 
_ndb_struct_na_base_pair.hbond_type_12 
1 A LCG 4  1_555 B C   13 1_555 -0.051 0.006  0.040  -1.816  -16.825 2.484  1  A_LCG4:C13_B A 4  ? B 13 ? 19 1 
1 A A   5  1_555 B U   12 1_555 0.146  -0.198 0.237  5.950   -16.176 -2.933 2  A_A5:U12_B   A 5  ? B 12 ? 20 1 
1 A C   6  1_555 B G   11 1_555 0.496  0.024  -0.236 6.329   -19.205 0.753  3  A_C6:G11_B   A 6  ? B 11 ? 19 1 
1 A U   7  1_555 B A   10 1_555 -0.309 -0.135 0.521  -5.464  -15.045 2.643  4  A_U7:A10_B   A 7  ? B 10 ? 20 1 
1 A U   8  1_555 B A   9  1_555 -0.218 -0.087 0.208  5.937   -12.923 0.667  5  A_U8:A9_B    A 8  ? B 9  ? 20 1 
1 A A   9  1_555 B U   8  1_555 -0.169 -0.061 0.193  4.818   -26.230 7.252  6  A_A9:U8_B    A 9  ? B 8  ? 20 1 
1 A A   10 1_555 B U   7  1_555 0.400  -0.302 0.263  -7.443  -8.776  -4.731 7  A_A10:U7_B   A 10 ? B 7  ? 20 1 
1 A G   11 1_555 B C   6  1_555 -0.529 -0.099 0.108  -7.077  -16.581 2.953  8  A_G11:C6_B   A 11 ? B 6  ? 19 1 
1 A U   12 1_555 B A   5  1_555 -0.014 -0.186 -0.064 -4.215  -8.357  -7.169 9  A_U12:A5_B   A 12 ? B 5  ? 20 1 
1 A C   13 1_555 B LCG 4  1_555 0.169  -0.199 0.216  -3.322  -11.279 0.291  10 A_C13:LCG4_B A 13 ? B 4  ? 19 1 
1 C LCG 4  1_555 D C   13 1_555 -0.712 -0.303 -0.004 -2.176  -14.299 -3.099 11 C_LCG4:C13_D C 4  ? D 13 ? 19 1 
1 C A   5  1_555 D U   12 1_555 0.284  -0.114 -0.004 5.701   -9.069  0.151  12 C_A5:U12_D   C 5  ? D 12 ? 20 1 
1 C C   6  1_555 D G   11 1_555 0.340  -0.054 0.017  8.825   -14.070 7.183  13 C_C6:G11_D   C 6  ? D 11 ? 19 1 
1 C U   7  1_555 D A   10 1_555 -0.117 -0.013 -0.393 5.787   -14.487 1.511  14 C_U7:A10_D   C 7  ? D 10 ? 20 1 
1 C U   8  1_555 D A   9  1_555 -0.024 0.045  0.041  -0.411  -6.847  5.678  15 C_U8:A9_D    C 8  ? D 9  ? 20 1 
1 C A   9  1_555 D U   8  1_555 0.028  -0.218 -0.398 -5.702  -22.243 7.109  16 C_A9:U8_D    C 9  ? D 8  ? 20 1 
1 C A   10 1_555 D U   7  1_555 -0.318 -0.290 -0.600 -6.103  -18.568 4.157  17 C_A10:U7_D   C 10 ? D 7  ? 20 1 
1 C G   11 1_555 D C   6  1_555 0.219  -0.169 -0.012 -16.698 -15.572 -0.657 18 C_G11:C6_D   C 11 ? D 6  ? 19 1 
1 C U   12 1_555 D A   5  1_555 0.133  -0.069 0.338  -8.012  -11.863 0.743  19 C_U12:A5_D   C 12 ? D 5  ? 20 1 
1 C C   13 1_555 D LCG 4  1_555 0.552  -0.256 -0.403 7.609   -15.650 -0.892 20 C_C13:LCG4_D C 13 ? D 4  ? 19 1 
# 
loop_
_ndb_struct_na_base_pair_step.model_number 
_ndb_struct_na_base_pair_step.i_label_asym_id_1 
_ndb_struct_na_base_pair_step.i_label_comp_id_1 
_ndb_struct_na_base_pair_step.i_label_seq_id_1 
_ndb_struct_na_base_pair_step.i_symmetry_1 
_ndb_struct_na_base_pair_step.j_label_asym_id_1 
_ndb_struct_na_base_pair_step.j_label_comp_id_1 
_ndb_struct_na_base_pair_step.j_label_seq_id_1 
_ndb_struct_na_base_pair_step.j_symmetry_1 
_ndb_struct_na_base_pair_step.i_label_asym_id_2 
_ndb_struct_na_base_pair_step.i_label_comp_id_2 
_ndb_struct_na_base_pair_step.i_label_seq_id_2 
_ndb_struct_na_base_pair_step.i_symmetry_2 
_ndb_struct_na_base_pair_step.j_label_asym_id_2 
_ndb_struct_na_base_pair_step.j_label_comp_id_2 
_ndb_struct_na_base_pair_step.j_label_seq_id_2 
_ndb_struct_na_base_pair_step.j_symmetry_2 
_ndb_struct_na_base_pair_step.shift 
_ndb_struct_na_base_pair_step.slide 
_ndb_struct_na_base_pair_step.rise 
_ndb_struct_na_base_pair_step.tilt 
_ndb_struct_na_base_pair_step.roll 
_ndb_struct_na_base_pair_step.twist 
_ndb_struct_na_base_pair_step.x_displacement 
_ndb_struct_na_base_pair_step.y_displacement 
_ndb_struct_na_base_pair_step.helical_rise 
_ndb_struct_na_base_pair_step.inclination 
_ndb_struct_na_base_pair_step.tip 
_ndb_struct_na_base_pair_step.helical_twist 
_ndb_struct_na_base_pair_step.step_number 
_ndb_struct_na_base_pair_step.step_name 
_ndb_struct_na_base_pair_step.i_auth_asym_id_1 
_ndb_struct_na_base_pair_step.i_auth_seq_id_1 
_ndb_struct_na_base_pair_step.i_PDB_ins_code_1 
_ndb_struct_na_base_pair_step.j_auth_asym_id_1 
_ndb_struct_na_base_pair_step.j_auth_seq_id_1 
_ndb_struct_na_base_pair_step.j_PDB_ins_code_1 
_ndb_struct_na_base_pair_step.i_auth_asym_id_2 
_ndb_struct_na_base_pair_step.i_auth_seq_id_2 
_ndb_struct_na_base_pair_step.i_PDB_ins_code_2 
_ndb_struct_na_base_pair_step.j_auth_asym_id_2 
_ndb_struct_na_base_pair_step.j_auth_seq_id_2 
_ndb_struct_na_base_pair_step.j_PDB_ins_code_2 
1 A LCG 4  1_555 B C 13 1_555 A A 5  1_555 B U   12 1_555 -0.160 -1.057 3.174 -1.747 2.027  31.371 -2.311 -0.019 3.106 3.740  
3.223   31.482 1  AA_LCG4A5:U12C13_BB A 4  ? B 13 ? A 5  ? B 12 ? 
1 A A   5  1_555 B U 12 1_555 A C 6  1_555 B G   11 1_555 0.537  -1.371 3.322 2.765  5.339  34.229 -3.106 -0.481 3.112 8.985  
-4.653  34.737 2  AA_A5C6:G11U12_BB   A 5  ? B 12 ? A 6  ? B 11 ? 
1 A C   6  1_555 B G 11 1_555 A U 7  1_555 B A   10 1_555 -0.474 -2.014 3.373 -7.674 11.558 25.643 -6.355 -0.616 2.316 23.938 
15.893  29.100 3  AA_C6U7:A10G11_BB   A 6  ? B 11 ? A 7  ? B 10 ? 
1 A U   7  1_555 B A 10 1_555 A U 8  1_555 B A   9  1_555 -0.401 -1.346 2.881 0.681  5.957  32.212 -3.253 0.811  2.589 10.621 
-1.214  32.750 4  AA_U7U8:A9A10_BB    A 7  ? B 10 ? A 8  ? B 9  ? 
1 A U   8  1_555 B A 9  1_555 A A 9  1_555 B U   8  1_555 0.666  -1.430 3.209 2.348  18.227 30.010 -4.766 -0.797 2.075 31.734 
-4.087  35.080 5  AA_U8A9:U8A9_BB     A 8  ? B 9  ? A 9  ? B 8  ? 
1 A A   9  1_555 B U 8  1_555 A A 10 1_555 B U   7  1_555 -0.854 -1.414 3.441 -4.127 8.096  36.962 -3.223 0.774  3.147 12.539 
6.392   38.025 6  AA_A9A10:U7U8_BB    A 9  ? B 8  ? A 10 ? B 7  ? 
1 A A   10 1_555 B U 7  1_555 A G 11 1_555 B C   6  1_555 0.559  -1.641 3.214 5.542  5.588  28.113 -4.416 0.040  2.896 11.227 
-11.135 29.172 7  AA_A10G11:C6U7_BB   A 10 ? B 7  ? A 11 ? B 6  ? 
1 A G   11 1_555 B C 6  1_555 A U 12 1_555 B A   5  1_555 -0.356 -1.312 3.276 0.666  7.952  33.385 -3.417 0.704  2.889 13.602 
-1.140  34.299 8  AA_G11U12:A5C6_BB   A 11 ? B 6  ? A 12 ? B 5  ? 
1 A U   12 1_555 B A 5  1_555 A C 13 1_555 B LCG 4  1_555 0.503  -1.120 3.356 -0.554 3.245  32.040 -2.602 -1.007 3.221 5.860  
1.000   32.204 9  AA_U12C13:LCG4A5_BB A 12 ? B 5  ? A 13 ? B 4  ? 
1 C LCG 4  1_555 D C 13 1_555 C A 5  1_555 D U   12 1_555 0.278  -1.031 3.047 1.007  5.653  35.240 -2.426 -0.321 2.859 9.260  
-1.650  35.691 10 CC_LCG4A5:U12C13_DD C 4  ? D 13 ? C 5  ? D 12 ? 
1 C A   5  1_555 D U 12 1_555 C C 6  1_555 D G   11 1_555 0.588  -1.401 3.062 1.476  7.414  32.494 -3.544 -0.806 2.708 13.030 
-2.594  33.339 11 CC_A5C6:G11U12_DD   C 5  ? D 12 ? C 6  ? D 11 ? 
1 C C   6  1_555 D G 11 1_555 C U 7  1_555 D A   10 1_555 -0.870 -1.683 3.414 -0.836 8.610  27.171 -5.332 1.583  2.785 17.765 
1.725   28.490 12 CC_C6U7:A10G11_DD   C 6  ? D 11 ? C 7  ? D 10 ? 
1 C U   7  1_555 D A 10 1_555 C U 8  1_555 D A   9  1_555 0.087  -1.257 3.534 -6.242 11.530 32.984 -3.792 -1.077 2.885 19.381 
10.492  35.426 13 CC_U7U8:A9A10_DD    C 7  ? D 10 ? C 8  ? D 9  ? 
1 C U   8  1_555 D A 9  1_555 C A 9  1_555 D U   8  1_555 0.307  -1.530 3.206 6.301  19.942 30.216 -4.799 0.257  1.898 33.661 
-10.635 36.609 14 CC_U8A9:U8A9_DD     C 8  ? D 9  ? C 9  ? D 8  ? 
1 C A   9  1_555 D U 8  1_555 C A 10 1_555 D U   7  1_555 -0.313 -1.019 3.374 -0.398 6.260  29.503 -3.237 0.520  3.101 12.121 
0.770   30.148 15 CC_A9A10:U7U8_DD    C 9  ? D 8  ? C 10 ? D 7  ? 
1 C A   10 1_555 D U 7  1_555 C G 11 1_555 D C   6  1_555 0.163  -1.410 3.472 -3.318 14.786 36.627 -3.793 -0.625 2.703 22.387 
5.024   39.538 16 CC_A10G11:C6U7_DD   C 10 ? D 7  ? C 11 ? D 6  ? 
1 C G   11 1_555 D C 6  1_555 C U 12 1_555 D A   5  1_555 -0.231 -1.294 3.086 -2.601 1.151  30.018 -2.709 -0.054 3.044 2.215  
5.007   30.149 17 CC_G11U12:A5C6_DD   C 11 ? D 6  ? C 12 ? D 5  ? 
1 C U   12 1_555 D A 5  1_555 C C 13 1_555 D LCG 4  1_555 0.184  -1.008 2.736 6.880  5.616  34.601 -2.310 0.515  2.535 9.255  
-11.337 35.689 18 CC_U12C13:LCG4A5_DD C 12 ? D 5  ? C 13 ? D 4  ? 
# 
_pdbx_audit_support.funding_organization   'Not funded' 
_pdbx_audit_support.country                ? 
_pdbx_audit_support.grant_number           ? 
_pdbx_audit_support.ordinal                1 
# 
loop_
_pdbx_entity_instance_feature.ordinal 
_pdbx_entity_instance_feature.comp_id 
_pdbx_entity_instance_feature.asym_id 
_pdbx_entity_instance_feature.seq_num 
_pdbx_entity_instance_feature.auth_comp_id 
_pdbx_entity_instance_feature.auth_asym_id 
_pdbx_entity_instance_feature.auth_seq_num 
_pdbx_entity_instance_feature.feature_type 
_pdbx_entity_instance_feature.details 
1 WZW ? ? WZW ? ? 'SUBJECT OF INVESTIGATION' ? 
2 LCC ? ? LCC ? ? 'SUBJECT OF INVESTIGATION' ? 
3 LCG ? ? LCG ? ? 'SUBJECT OF INVESTIGATION' ? 
4 TLN ? ? TLN ? ? 'SUBJECT OF INVESTIGATION' ? 
# 
loop_
_pdbx_entity_nonpoly.entity_id 
_pdbx_entity_nonpoly.name 
_pdbx_entity_nonpoly.comp_id 
2 
;[(2~{R},3~{S},4~{R},5~{R})-5-(6-aminopurin-9-yl)-3,4-bis(oxidanyl)oxolan-2-yl]methoxy-[2-azanyl-3-[[(2~{R},3~{S},4~{R},5~{R})-5-(2-azanyl-6-oxidanylidene-1~{H}-purin-9-yl)-3,4-bis(oxidanyl)oxolan-2-yl]methoxy-oxidanyl-phosphoryl]imidazol-1-yl]phosphinic acid
;
WZW 
3 water HOH 
# 
_pdbx_initial_refinement_model.id               1 
_pdbx_initial_refinement_model.entity_id_list   ? 
_pdbx_initial_refinement_model.type             'experimental model' 
_pdbx_initial_refinement_model.source_name      PDB 
_pdbx_initial_refinement_model.accession_code   8SWG 
_pdbx_initial_refinement_model.details          'PDB entry 8SWG' 
# 
